data_4A10
#
_entry.id   4A10
#
_cell.length_a   101.640
_cell.length_b   85.220
_cell.length_c   113.970
_cell.angle_alpha   90.00
_cell.angle_beta   107.45
_cell.angle_gamma   90.00
#
_symmetry.space_group_name_H-M   'P 1 21 1'
#
loop_
_entity.id
_entity.type
_entity.pdbx_description
1 polymer 'OCTENOYL-COA REDUCTASE/CARBOXYLASE'
2 water water
#
_entity_poly.entity_id   1
_entity_poly.type   'polypeptide(L)'
_entity_poly.pdbx_seq_one_letter_code
;SSLSRAVLDGASAAEIEAAPVPDTYLALHLRAEDADMFKGVADKDVRKSLRLGEVPMPELAPDEVLVAVMASSINYNTVW
SAMFEPIPTFHFLKQNARQGGWATRHDQPYHVLGSDCSGVVVRTGIGVRRWKPGDHVIVHPAHVDEQEPATHGDGMLGTE
QRAWGFETNFGGLAEYGVVRASQLLPKPAHLTWEEAAVSPLCAGTAYRMLVSDRGAQMKQGDIVLIWGASGGLGSYAIQF
VKNGGGIPVAVVSSAQKEAAVRALGCDLVINRAELGITDDIADDPRRVVETGRKLAKLVVEKAGREPDIVFEHTGRVTFG
LSVIVARRGGTVVTCGSSSGYLHTFDNRYLWMKLKKIVGSHGANHEEQQATNRLFESGAVVPAMSAVYPLAEAAEACRVV
QTSRQVGKVAVLCMAPEQGLGVTDPDLRARLGEDRLNPLRGLTATSR
;
_entity_poly.pdbx_strand_id   A,B,C,D
#
# COMPACT_ATOMS: atom_id res chain seq x y z
N SER A 1 30.04 1.71 42.78
CA SER A 1 29.21 0.95 43.76
C SER A 1 29.39 -0.54 43.56
N SER A 2 28.86 -1.32 44.49
CA SER A 2 28.87 -2.75 44.38
C SER A 2 28.03 -3.23 43.16
N LEU A 3 26.98 -2.50 42.80
CA LEU A 3 26.20 -2.81 41.59
C LEU A 3 27.01 -2.61 40.30
N SER A 4 27.63 -1.44 40.17
CA SER A 4 28.43 -1.17 38.98
C SER A 4 29.60 -2.16 38.89
N ARG A 5 30.24 -2.46 40.03
CA ARG A 5 31.31 -3.45 40.04
C ARG A 5 30.82 -4.82 39.62
N ALA A 6 29.63 -5.19 40.09
CA ALA A 6 29.01 -6.46 39.69
C ALA A 6 28.75 -6.45 38.18
N VAL A 7 28.27 -5.35 37.66
CA VAL A 7 27.99 -5.29 36.24
C VAL A 7 29.29 -5.38 35.48
N LEU A 8 30.29 -4.59 35.89
CA LEU A 8 31.54 -4.52 35.15
C LEU A 8 32.32 -5.83 35.24
N ASP A 9 32.12 -6.59 36.32
CA ASP A 9 32.77 -7.89 36.51
C ASP A 9 32.15 -9.04 35.74
N GLY A 10 30.97 -8.83 35.14
CA GLY A 10 30.27 -9.92 34.44
C GLY A 10 29.67 -10.93 35.40
N ALA A 11 29.13 -10.43 36.51
CA ALA A 11 28.51 -11.25 37.56
C ALA A 11 27.18 -11.89 37.12
N SER A 12 26.69 -12.81 37.93
CA SER A 12 25.50 -13.54 37.59
C SER A 12 24.29 -12.64 37.88
N ALA A 13 23.14 -13.01 37.31
CA ALA A 13 21.87 -12.35 37.61
C ALA A 13 21.62 -12.26 39.13
N ALA A 14 21.88 -13.35 39.83
CA ALA A 14 21.82 -13.41 41.29
C ALA A 14 22.63 -12.27 41.91
N GLU A 15 23.92 -12.25 41.64
CA GLU A 15 24.81 -11.19 42.15
C GLU A 15 24.29 -9.75 41.89
N ILE A 16 23.68 -9.54 40.72
CA ILE A 16 23.19 -8.21 40.33
C ILE A 16 21.95 -7.77 41.11
N GLU A 17 21.01 -8.68 41.30
CA GLU A 17 19.86 -8.36 42.13
C GLU A 17 20.16 -8.40 43.63
N ALA A 18 21.33 -8.93 44.02
CA ALA A 18 21.75 -8.81 45.43
C ALA A 18 22.45 -7.46 45.72
N ALA A 19 22.92 -6.77 44.66
CA ALA A 19 23.67 -5.53 44.84
C ALA A 19 22.70 -4.36 44.86
N PRO A 20 22.77 -3.52 45.91
CA PRO A 20 21.84 -2.41 46.04
C PRO A 20 21.91 -1.37 44.89
N VAL A 21 20.74 -0.83 44.53
CA VAL A 21 20.66 0.28 43.59
C VAL A 21 21.07 1.54 44.37
N PRO A 22 22.02 2.35 43.83
CA PRO A 22 22.43 3.60 44.51
C PRO A 22 21.32 4.66 44.46
N ASP A 23 21.32 5.62 45.39
CA ASP A 23 20.26 6.63 45.36
C ASP A 23 20.57 7.85 44.50
N THR A 24 21.79 7.94 43.99
CA THR A 24 22.16 8.94 42.98
C THR A 24 23.09 8.30 41.95
N TYR A 25 23.23 8.93 40.80
CA TYR A 25 24.17 8.45 39.78
C TYR A 25 24.71 9.62 38.96
N LEU A 26 25.79 9.35 38.25
CA LEU A 26 26.47 10.35 37.44
C LEU A 26 25.82 10.45 36.09
N ALA A 27 25.54 11.68 35.70
CA ALA A 27 24.73 11.93 34.50
C ALA A 27 25.08 13.25 33.83
N LEU A 28 25.08 13.23 32.51
CA LEU A 28 25.18 14.46 31.74
C LEU A 28 23.78 15.09 31.69
N HIS A 29 23.67 16.32 32.16
CA HIS A 29 22.35 16.89 32.32
C HIS A 29 22.25 18.41 32.20
N LEU A 30 21.01 18.89 32.18
CA LEU A 30 20.70 20.32 32.09
C LEU A 30 19.92 20.73 33.31
N ARG A 31 20.05 22.00 33.67
CA ARG A 31 19.37 22.56 34.82
C ARG A 31 18.32 23.54 34.37
N ALA A 32 17.13 23.39 34.91
CA ALA A 32 16.00 24.25 34.60
C ALA A 32 16.32 25.74 34.79
N GLU A 33 17.04 26.06 35.84
CA GLU A 33 17.36 27.46 36.14
C GLU A 33 18.20 28.13 35.03
N ASP A 34 18.79 27.35 34.13
CA ASP A 34 19.66 27.87 33.07
C ASP A 34 18.98 28.10 31.70
N ALA A 35 17.68 27.84 31.58
CA ALA A 35 17.00 27.80 30.26
C ALA A 35 17.04 29.09 29.42
N ASP A 36 17.35 30.19 30.11
CA ASP A 36 17.34 31.52 29.53
C ASP A 36 18.74 32.06 29.28
N MET A 37 19.75 31.22 29.55
CA MET A 37 21.14 31.67 29.54
C MET A 37 21.67 32.07 28.16
N PHE A 38 21.06 31.58 27.09
CA PHE A 38 21.50 31.94 25.77
C PHE A 38 20.64 33.04 25.14
N LYS A 39 19.83 33.71 25.96
CA LYS A 39 19.09 34.88 25.49
C LYS A 39 20.06 35.97 25.03
N GLY A 40 20.07 36.24 23.72
CA GLY A 40 20.92 37.26 23.13
C GLY A 40 22.23 36.77 22.53
N VAL A 41 22.54 35.49 22.74
CA VAL A 41 23.85 34.94 22.37
C VAL A 41 23.80 34.31 20.97
N ALA A 42 24.87 34.54 20.20
CA ALA A 42 25.03 34.01 18.84
C ALA A 42 25.51 32.55 18.80
N ASP A 43 26.67 32.28 19.39
CA ASP A 43 27.15 30.90 19.54
C ASP A 43 26.66 30.33 20.87
N LYS A 44 25.62 29.51 20.78
CA LYS A 44 25.05 28.84 21.95
C LYS A 44 25.88 27.60 22.27
N ASP A 45 27.07 27.84 22.80
CA ASP A 45 28.06 26.82 23.10
C ASP A 45 27.51 25.83 24.12
N VAL A 46 27.28 24.59 23.67
CA VAL A 46 26.75 23.52 24.52
C VAL A 46 27.61 23.25 25.75
N ARG A 47 28.90 23.54 25.68
CA ARG A 47 29.78 23.29 26.82
C ARG A 47 29.45 24.21 28.00
N LYS A 48 28.78 25.32 27.72
CA LYS A 48 28.36 26.26 28.75
C LYS A 48 27.18 25.78 29.59
N SER A 49 26.22 25.07 28.97
CA SER A 49 25.02 24.60 29.67
C SER A 49 25.13 23.19 30.27
N LEU A 50 25.86 22.30 29.61
CA LEU A 50 25.91 20.90 30.00
C LEU A 50 26.63 20.69 31.31
N ARG A 51 26.00 19.98 32.24
CA ARG A 51 26.61 19.68 33.53
C ARG A 51 26.83 18.18 33.65
N LEU A 52 27.93 17.78 34.30
CA LEU A 52 28.13 16.39 34.69
C LEU A 52 28.17 16.33 36.20
N GLY A 53 27.17 15.67 36.79
CA GLY A 53 27.09 15.56 38.25
C GLY A 53 26.17 14.42 38.68
N GLU A 54 25.93 14.35 39.98
CA GLU A 54 25.09 13.31 40.56
C GLU A 54 23.64 13.75 40.57
N VAL A 55 22.75 12.84 40.21
CA VAL A 55 21.31 13.11 40.16
C VAL A 55 20.56 11.99 40.88
N PRO A 56 19.43 12.32 41.55
CA PRO A 56 18.62 11.34 42.27
C PRO A 56 18.13 10.23 41.37
N MET A 57 18.15 9.00 41.89
CA MET A 57 17.63 7.82 41.17
C MET A 57 16.12 7.74 41.32
N PRO A 58 15.37 7.66 40.21
CA PRO A 58 13.93 7.57 40.37
C PRO A 58 13.44 6.15 40.72
N GLU A 59 12.23 6.08 41.25
CA GLU A 59 11.52 4.83 41.43
C GLU A 59 11.16 4.26 40.06
N LEU A 60 11.25 2.94 39.94
CA LEU A 60 10.97 2.25 38.69
C LEU A 60 9.48 1.94 38.54
N ALA A 61 8.86 2.37 37.42
CA ALA A 61 7.46 1.98 37.12
C ALA A 61 7.33 0.48 36.73
N PRO A 62 6.11 -0.08 36.76
CA PRO A 62 5.88 -1.51 36.54
C PRO A 62 6.37 -2.02 35.17
N ASP A 63 6.36 -1.17 34.16
CA ASP A 63 6.70 -1.60 32.80
C ASP A 63 8.07 -1.07 32.38
N GLU A 64 8.85 -0.63 33.38
CA GLU A 64 10.16 -0.04 33.14
C GLU A 64 11.33 -0.94 33.52
N VAL A 65 12.50 -0.58 32.98
CA VAL A 65 13.76 -1.29 33.19
C VAL A 65 14.90 -0.31 33.52
N LEU A 66 15.61 -0.61 34.60
CA LEU A 66 16.80 0.12 34.97
C LEU A 66 17.99 -0.53 34.25
N VAL A 67 18.63 0.27 33.42
CA VAL A 67 19.71 -0.20 32.57
C VAL A 67 21.01 0.45 33.06
N ALA A 68 22.02 -0.37 33.34
CA ALA A 68 23.38 0.11 33.57
C ALA A 68 24.05 0.43 32.23
N VAL A 69 24.17 1.71 31.92
CA VAL A 69 24.58 2.12 30.59
C VAL A 69 26.07 1.94 30.40
N MET A 70 26.41 1.16 29.38
CA MET A 70 27.82 0.92 29.10
C MET A 70 28.39 1.99 28.20
N ALA A 71 27.59 2.39 27.21
CA ALA A 71 27.98 3.31 26.18
C ALA A 71 26.72 3.97 25.59
N SER A 72 26.90 5.19 25.11
CA SER A 72 25.86 5.97 24.49
C SER A 72 26.44 6.67 23.26
N SER A 73 25.74 7.68 22.75
CA SER A 73 26.20 8.45 21.59
C SER A 73 25.62 9.85 21.63
N ILE A 74 26.21 10.74 20.84
CA ILE A 74 25.68 12.09 20.68
C ILE A 74 24.73 12.07 19.49
N ASN A 75 23.57 12.70 19.65
CA ASN A 75 22.62 12.89 18.57
C ASN A 75 22.32 14.37 18.46
N TYR A 76 21.77 14.81 17.34
CA TYR A 76 21.40 16.22 17.18
C TYR A 76 20.35 16.69 18.18
N ASN A 77 19.47 15.80 18.67
CA ASN A 77 18.50 16.25 19.68
C ASN A 77 19.17 16.59 21.02
N THR A 78 20.31 15.93 21.27
CA THR A 78 21.16 16.25 22.41
C THR A 78 21.74 17.68 22.28
N VAL A 79 22.18 18.03 21.08
CA VAL A 79 22.76 19.35 20.84
C VAL A 79 21.69 20.43 21.02
N TRP A 80 20.52 20.20 20.42
CA TRP A 80 19.39 21.12 20.50
C TRP A 80 18.92 21.37 21.92
N SER A 81 18.86 20.32 22.72
CA SER A 81 18.53 20.43 24.14
C SER A 81 19.50 21.34 24.86
N ALA A 82 20.79 21.08 24.67
CA ALA A 82 21.83 21.86 25.32
C ALA A 82 21.80 23.34 24.89
N MET A 83 21.19 23.60 23.73
CA MET A 83 21.03 24.96 23.25
C MET A 83 19.74 25.59 23.77
N PHE A 84 18.95 24.79 24.49
CA PHE A 84 17.57 25.14 24.88
C PHE A 84 16.73 25.55 23.67
N GLU A 85 17.00 24.91 22.52
CA GLU A 85 16.38 25.24 21.25
C GLU A 85 15.55 24.05 20.73
N PRO A 86 14.46 24.35 19.99
CA PRO A 86 13.91 25.69 19.80
C PRO A 86 13.13 26.15 21.03
N ILE A 87 12.75 25.21 21.90
CA ILE A 87 12.10 25.43 23.18
C ILE A 87 12.88 24.59 24.19
N PRO A 88 13.11 25.08 25.42
CA PRO A 88 13.80 24.25 26.43
C PRO A 88 13.11 22.91 26.62
N THR A 89 13.88 21.85 26.79
CA THR A 89 13.29 20.55 26.96
C THR A 89 12.39 20.52 28.20
N PHE A 90 12.57 21.47 29.11
CA PHE A 90 11.74 21.51 30.33
C PHE A 90 10.24 21.71 30.04
N HIS A 91 9.92 22.35 28.92
CA HIS A 91 8.53 22.45 28.48
C HIS A 91 7.98 21.07 28.10
N PHE A 92 8.78 20.22 27.43
CA PHE A 92 8.35 18.84 27.13
C PHE A 92 8.16 17.97 28.38
N LEU A 93 9.08 18.11 29.35
CA LEU A 93 8.99 17.33 30.60
C LEU A 93 7.72 17.64 31.42
N LYS A 94 7.33 18.92 31.46
CA LYS A 94 6.10 19.32 32.16
C LYS A 94 4.87 18.87 31.41
N GLN A 95 4.87 18.98 30.08
CA GLN A 95 3.80 18.33 29.32
C GLN A 95 3.72 16.83 29.60
N ASN A 96 4.84 16.12 29.54
CA ASN A 96 4.89 14.68 29.89
C ASN A 96 4.15 14.46 31.22
N ALA A 97 4.57 15.19 32.25
CA ALA A 97 4.09 15.00 33.62
C ALA A 97 2.60 15.28 33.82
N ARG A 98 2.00 16.07 32.94
CA ARG A 98 0.57 16.38 33.05
C ARG A 98 -0.34 15.16 32.91
N GLN A 99 0.19 14.09 32.33
CA GLN A 99 -0.50 12.81 32.27
C GLN A 99 -0.76 12.23 33.67
N GLY A 100 0.08 12.60 34.64
CA GLY A 100 -0.07 12.10 36.01
C GLY A 100 0.43 10.67 36.17
N GLY A 101 0.12 10.07 37.31
CA GLY A 101 0.61 8.73 37.64
C GLY A 101 2.11 8.73 37.51
N TRP A 102 2.66 7.71 36.86
CA TRP A 102 4.13 7.52 36.80
C TRP A 102 4.87 8.61 35.99
N ALA A 103 4.16 9.27 35.08
CA ALA A 103 4.76 10.34 34.25
C ALA A 103 5.22 11.58 35.01
N THR A 104 4.73 11.78 36.23
CA THR A 104 5.15 12.98 37.01
C THR A 104 6.64 12.95 37.38
N ARG A 105 7.23 11.76 37.48
CA ARG A 105 8.64 11.61 37.77
C ARG A 105 9.55 12.36 36.79
N HIS A 106 9.10 12.53 35.55
CA HIS A 106 9.85 13.20 34.49
C HIS A 106 10.06 14.71 34.67
N ASP A 107 9.19 15.35 35.45
CA ASP A 107 9.29 16.79 35.68
C ASP A 107 10.21 17.01 36.89
N GLN A 108 11.46 17.36 36.61
CA GLN A 108 12.49 17.63 37.62
C GLN A 108 13.18 18.97 37.32
N PRO A 109 13.92 19.55 38.30
CA PRO A 109 14.77 20.70 37.95
C PRO A 109 15.99 20.35 37.11
N TYR A 110 16.19 19.07 36.80
CA TYR A 110 17.32 18.61 36.02
C TYR A 110 16.79 17.72 34.89
N HIS A 111 17.50 17.67 33.78
CA HIS A 111 17.12 16.80 32.68
C HIS A 111 18.31 15.97 32.23
N VAL A 112 18.24 14.66 32.45
CA VAL A 112 19.30 13.76 31.98
C VAL A 112 19.08 13.44 30.51
N LEU A 113 20.03 13.86 29.68
CA LEU A 113 19.95 13.68 28.22
C LEU A 113 20.45 12.31 27.71
N GLY A 114 20.26 12.04 26.42
CA GLY A 114 20.78 10.83 25.79
C GLY A 114 19.67 9.93 25.26
N SER A 115 19.67 9.70 23.95
CA SER A 115 18.55 9.06 23.23
C SER A 115 18.73 7.62 22.75
N ASP A 116 19.95 7.11 22.82
CA ASP A 116 20.18 5.69 22.64
C ASP A 116 21.33 5.23 23.51
N CYS A 117 21.55 3.92 23.56
CA CYS A 117 22.59 3.35 24.37
C CYS A 117 22.61 1.84 24.28
N SER A 118 23.68 1.26 24.83
CA SER A 118 23.82 -0.16 24.99
C SER A 118 24.19 -0.41 26.43
N GLY A 119 23.69 -1.49 27.00
CA GLY A 119 24.06 -1.81 28.37
C GLY A 119 23.54 -3.13 28.90
N VAL A 120 23.48 -3.20 30.23
CA VAL A 120 23.15 -4.41 30.96
C VAL A 120 21.91 -4.15 31.83
N VAL A 121 20.89 -4.98 31.73
CA VAL A 121 19.72 -4.87 32.60
C VAL A 121 20.13 -5.11 34.06
N VAL A 122 19.72 -4.21 34.96
CA VAL A 122 19.96 -4.43 36.40
C VAL A 122 18.69 -4.61 37.25
N ARG A 123 17.59 -3.93 36.89
CA ARG A 123 16.29 -4.15 37.55
C ARG A 123 15.16 -4.11 36.52
N THR A 124 14.09 -4.82 36.81
CA THR A 124 12.89 -4.78 35.96
C THR A 124 11.66 -4.55 36.83
N GLY A 125 10.70 -3.76 36.32
CA GLY A 125 9.44 -3.58 37.02
C GLY A 125 8.69 -4.90 37.03
N ILE A 126 7.71 -5.03 37.93
CA ILE A 126 6.99 -6.31 38.07
C ILE A 126 6.09 -6.65 36.87
N GLY A 127 5.91 -5.71 35.94
CA GLY A 127 5.16 -6.00 34.71
C GLY A 127 6.02 -6.23 33.48
N VAL A 128 7.33 -6.40 33.69
CA VAL A 128 8.24 -6.68 32.58
C VAL A 128 8.35 -8.19 32.33
N ARG A 129 8.18 -8.58 31.07
CA ARG A 129 8.29 -9.95 30.63
C ARG A 129 9.69 -10.24 30.08
N ARG A 130 10.18 -11.46 30.35
CA ARG A 130 11.41 -12.02 29.77
C ARG A 130 12.77 -11.45 30.19
N TRP A 131 12.93 -10.13 30.12
CA TRP A 131 14.19 -9.50 30.47
C TRP A 131 14.59 -9.82 31.92
N LYS A 132 15.87 -10.03 32.13
CA LYS A 132 16.36 -10.28 33.50
C LYS A 132 17.67 -9.57 33.73
N PRO A 133 18.07 -9.42 35.00
CA PRO A 133 19.35 -8.77 35.29
C PRO A 133 20.52 -9.53 34.66
N GLY A 134 21.47 -8.81 34.08
CA GLY A 134 22.55 -9.42 33.33
C GLY A 134 22.38 -9.44 31.81
N ASP A 135 21.16 -9.21 31.31
CA ASP A 135 20.92 -9.27 29.86
C ASP A 135 21.59 -8.08 29.15
N HIS A 136 22.32 -8.39 28.08
CA HIS A 136 22.92 -7.38 27.22
C HIS A 136 21.87 -6.75 26.30
N VAL A 137 21.74 -5.43 26.38
CA VAL A 137 20.71 -4.73 25.59
C VAL A 137 21.18 -3.50 24.84
N ILE A 138 20.36 -3.16 23.84
CA ILE A 138 20.34 -1.88 23.19
C ILE A 138 19.03 -1.19 23.50
N VAL A 139 19.09 0.13 23.65
CA VAL A 139 17.93 0.96 23.88
C VAL A 139 17.72 1.87 22.66
N HIS A 140 16.51 1.86 22.11
CA HIS A 140 16.15 2.83 21.09
C HIS A 140 15.14 3.87 21.66
N PRO A 141 14.97 5.02 20.98
CA PRO A 141 14.27 6.09 21.68
C PRO A 141 12.76 6.20 21.57
N ALA A 142 12.07 5.23 20.95
CA ALA A 142 10.61 5.32 20.87
C ALA A 142 9.95 4.97 22.22
N HIS A 143 9.57 6.01 22.96
CA HIS A 143 9.00 5.92 24.31
C HIS A 143 7.51 6.20 24.14
N VAL A 144 6.72 5.13 24.19
CA VAL A 144 5.36 5.11 23.69
C VAL A 144 4.42 4.47 24.68
N ASP A 145 3.14 4.73 24.50
CA ASP A 145 2.09 4.26 25.39
C ASP A 145 1.37 3.08 24.75
N GLU A 146 1.63 1.89 25.28
CA GLU A 146 1.19 0.65 24.69
C GLU A 146 -0.31 0.41 24.92
N GLN A 147 -0.93 1.31 25.67
CA GLN A 147 -2.37 1.28 25.94
CA GLN A 147 -2.35 1.18 25.89
C GLN A 147 -3.20 1.99 24.89
N GLU A 148 -2.59 2.97 24.23
CA GLU A 148 -3.18 3.74 23.14
C GLU A 148 -3.48 2.88 21.89
N PRO A 149 -4.70 3.00 21.35
CA PRO A 149 -5.01 2.28 20.10
C PRO A 149 -3.97 2.47 19.00
N ALA A 150 -3.63 3.72 18.69
CA ALA A 150 -2.79 4.01 17.52
C ALA A 150 -1.46 3.25 17.55
N THR A 151 -0.93 3.01 18.76
CA THR A 151 0.31 2.23 18.95
C THR A 151 0.30 0.82 18.31
N HIS A 152 -0.88 0.20 18.27
CA HIS A 152 -1.07 -1.16 17.75
C HIS A 152 -1.28 -1.18 16.24
N GLY A 153 -1.25 0.01 15.65
CA GLY A 153 -1.21 0.17 14.19
C GLY A 153 0.14 0.64 13.72
N ASP A 154 0.76 1.55 14.48
CA ASP A 154 2.13 2.03 14.22
C ASP A 154 2.65 2.69 15.49
N GLY A 155 3.67 2.07 16.10
CA GLY A 155 4.26 2.60 17.33
C GLY A 155 4.60 4.09 17.39
N MET A 156 4.92 4.70 16.24
CA MET A 156 5.30 6.11 16.16
C MET A 156 4.14 7.12 16.14
N LEU A 157 2.91 6.64 15.88
CA LEU A 157 1.75 7.50 15.68
C LEU A 157 0.84 7.78 16.89
N GLY A 158 1.11 7.17 18.04
CA GLY A 158 0.35 7.51 19.25
C GLY A 158 0.53 8.96 19.65
N THR A 159 -0.48 9.54 20.31
CA THR A 159 -0.41 10.90 20.87
C THR A 159 0.71 11.04 21.94
N GLU A 160 1.03 9.93 22.59
CA GLU A 160 1.98 9.95 23.72
C GLU A 160 3.38 9.50 23.31
N GLN A 161 3.60 9.36 22.00
CA GLN A 161 4.90 8.89 21.53
C GLN A 161 5.93 9.98 21.79
N ARG A 162 7.01 9.63 22.46
CA ARG A 162 8.04 10.60 22.83
C ARG A 162 9.41 10.08 22.47
N ALA A 163 10.34 11.00 22.23
CA ALA A 163 11.73 10.64 22.02
C ALA A 163 12.43 10.59 23.39
N TRP A 164 12.97 9.42 23.71
CA TRP A 164 13.60 9.15 25.00
C TRP A 164 14.83 10.06 25.21
N GLY A 165 14.91 10.68 26.39
CA GLY A 165 16.03 11.58 26.72
C GLY A 165 15.93 12.97 26.14
N PHE A 166 14.85 13.24 25.39
CA PHE A 166 14.61 14.53 24.79
C PHE A 166 13.25 15.08 25.24
N GLU A 167 12.19 14.28 25.02
CA GLU A 167 10.87 14.56 25.60
C GLU A 167 10.57 13.73 26.88
N THR A 168 11.53 12.91 27.32
CA THR A 168 11.43 12.25 28.62
C THR A 168 12.71 12.51 29.41
N ASN A 169 12.66 12.21 30.70
CA ASN A 169 13.86 12.25 31.51
C ASN A 169 14.60 10.89 31.50
N PHE A 170 15.67 10.83 32.27
CA PHE A 170 16.44 9.63 32.55
C PHE A 170 16.97 8.96 31.28
N GLY A 171 17.64 9.76 30.46
CA GLY A 171 18.25 9.32 29.21
C GLY A 171 19.56 8.57 29.39
N GLY A 172 20.18 8.22 28.28
CA GLY A 172 21.35 7.34 28.25
C GLY A 172 22.76 7.92 28.48
N LEU A 173 22.91 9.24 28.46
CA LEU A 173 24.23 9.86 28.72
C LEU A 173 24.50 9.96 30.23
N ALA A 174 24.62 8.79 30.85
CA ALA A 174 24.65 8.65 32.29
C ALA A 174 24.99 7.21 32.60
N GLU A 175 25.35 6.95 33.85
CA GLU A 175 25.72 5.60 34.30
C GLU A 175 24.56 4.63 34.23
N TYR A 176 23.34 5.16 34.36
CA TYR A 176 22.09 4.39 34.29
C TYR A 176 21.06 5.11 33.45
N GLY A 177 20.17 4.32 32.84
CA GLY A 177 18.98 4.84 32.15
C GLY A 177 17.73 4.10 32.59
N VAL A 178 16.61 4.83 32.61
CA VAL A 178 15.32 4.23 32.91
C VAL A 178 14.50 4.21 31.61
N VAL A 179 14.09 3.03 31.17
CA VAL A 179 13.45 2.87 29.87
C VAL A 179 12.19 2.01 30.01
N ARG A 180 11.23 2.20 29.12
CA ARG A 180 10.13 1.25 28.97
C ARG A 180 10.68 -0.01 28.32
N ALA A 181 10.10 -1.14 28.66
CA ALA A 181 10.54 -2.44 28.12
C ALA A 181 10.36 -2.54 26.61
N SER A 182 9.42 -1.78 26.07
CA SER A 182 9.24 -1.73 24.62
C SER A 182 10.27 -0.81 23.91
N GLN A 183 11.31 -0.40 24.66
CA GLN A 183 12.48 0.26 24.06
C GLN A 183 13.69 -0.68 23.93
N LEU A 184 13.58 -1.89 24.49
CA LEU A 184 14.72 -2.81 24.58
C LEU A 184 14.80 -3.84 23.46
N LEU A 185 16.01 -4.05 22.97
CA LEU A 185 16.30 -5.15 22.03
C LEU A 185 17.61 -5.85 22.44
N PRO A 186 17.79 -7.14 22.07
CA PRO A 186 19.08 -7.78 22.41
C PRO A 186 20.24 -7.09 21.69
N LYS A 187 21.34 -6.90 22.41
CA LYS A 187 22.56 -6.40 21.80
C LYS A 187 23.13 -7.40 20.78
N PRO A 188 23.58 -6.90 19.60
CA PRO A 188 24.34 -7.74 18.63
C PRO A 188 25.64 -8.18 19.27
N ALA A 189 25.81 -9.50 19.37
CA ALA A 189 26.83 -10.10 20.22
C ALA A 189 28.27 -9.77 19.77
N HIS A 190 28.46 -9.54 18.47
CA HIS A 190 29.80 -9.39 17.91
C HIS A 190 30.31 -7.95 18.05
N LEU A 191 29.50 -7.08 18.62
CA LEU A 191 29.85 -5.67 18.71
C LEU A 191 30.33 -5.29 20.11
N THR A 192 31.26 -4.34 20.17
CA THR A 192 31.63 -3.74 21.45
C THR A 192 30.48 -2.85 21.94
N TRP A 193 30.59 -2.37 23.17
CA TRP A 193 29.56 -1.49 23.74
C TRP A 193 29.37 -0.23 22.89
N GLU A 194 30.46 0.49 22.63
CA GLU A 194 30.44 1.73 21.86
C GLU A 194 29.94 1.53 20.41
N GLU A 195 30.29 0.41 19.79
CA GLU A 195 29.80 0.11 18.43
C GLU A 195 28.28 -0.07 18.38
N ALA A 196 27.75 -0.81 19.35
CA ALA A 196 26.35 -1.16 19.47
C ALA A 196 25.52 0.08 19.76
N ALA A 197 26.15 0.99 20.50
CA ALA A 197 25.53 2.16 21.06
C ALA A 197 25.23 3.23 20.00
N VAL A 198 26.02 3.32 18.94
CA VAL A 198 25.87 4.45 18.00
C VAL A 198 24.72 4.33 17.00
N SER A 199 24.10 3.16 16.92
CA SER A 199 23.14 2.91 15.81
C SER A 199 21.64 3.17 15.99
N PRO A 200 21.04 2.74 17.13
CA PRO A 200 19.57 2.62 17.17
C PRO A 200 18.82 3.84 16.67
N LEU A 201 19.18 5.02 17.15
CA LEU A 201 18.50 6.24 16.69
C LEU A 201 18.69 6.51 15.21
N CYS A 202 19.93 6.75 14.77
CA CYS A 202 20.14 7.17 13.36
C CYS A 202 19.78 6.06 12.36
N ALA A 203 20.25 4.85 12.62
CA ALA A 203 19.98 3.71 11.74
C ALA A 203 18.49 3.37 11.72
N GLY A 204 17.87 3.34 12.90
CA GLY A 204 16.41 3.23 13.01
C GLY A 204 15.67 4.25 12.16
N THR A 205 16.11 5.49 12.24
CA THR A 205 15.45 6.60 11.54
C THR A 205 15.50 6.44 10.01
N ALA A 206 16.68 6.06 9.51
CA ALA A 206 16.91 5.87 8.07
C ALA A 206 16.18 4.63 7.58
N TYR A 207 16.08 3.62 8.45
CA TYR A 207 15.33 2.41 8.12
C TYR A 207 13.87 2.74 7.83
N ARG A 208 13.27 3.56 8.69
CA ARG A 208 11.87 3.90 8.54
C ARG A 208 11.71 4.75 7.29
N MET A 209 12.66 5.64 7.06
CA MET A 209 12.62 6.53 5.91
C MET A 209 12.74 5.80 4.58
N LEU A 210 13.61 4.80 4.51
CA LEU A 210 14.00 4.16 3.25
C LEU A 210 13.55 2.72 3.01
N VAL A 211 13.51 1.91 4.07
CA VAL A 211 13.28 0.48 3.89
C VAL A 211 11.86 0.09 4.25
N SER A 212 11.39 0.64 5.36
CA SER A 212 10.08 0.32 5.91
C SER A 212 8.96 0.66 4.96
N ASP A 213 7.83 -0.04 5.10
CA ASP A 213 6.63 0.33 4.41
C ASP A 213 5.95 1.62 4.95
N ARG A 214 6.46 2.20 6.04
CA ARG A 214 5.91 3.46 6.56
C ARG A 214 6.65 4.69 6.01
N GLY A 215 7.66 4.47 5.16
CA GLY A 215 8.43 5.58 4.60
C GLY A 215 8.37 5.56 3.09
N ALA A 216 9.52 5.79 2.45
CA ALA A 216 9.66 5.82 1.00
C ALA A 216 9.56 4.43 0.39
N GLN A 217 10.03 3.43 1.16
CA GLN A 217 9.95 2.02 0.78
C GLN A 217 10.70 1.71 -0.54
N MET A 218 12.02 1.87 -0.51
CA MET A 218 12.88 1.64 -1.67
C MET A 218 12.79 0.20 -2.19
N LYS A 219 13.02 0.04 -3.50
CA LYS A 219 13.21 -1.29 -4.07
C LYS A 219 14.54 -1.35 -4.80
N GLN A 220 15.04 -2.55 -5.04
CA GLN A 220 16.27 -2.69 -5.83
C GLN A 220 16.11 -1.96 -7.17
N GLY A 221 17.17 -1.26 -7.60
CA GLY A 221 17.17 -0.48 -8.84
C GLY A 221 16.84 1.00 -8.66
N ASP A 222 16.25 1.38 -7.52
CA ASP A 222 15.99 2.79 -7.20
C ASP A 222 17.28 3.61 -7.03
N ILE A 223 17.31 4.79 -7.62
CA ILE A 223 18.36 5.76 -7.42
C ILE A 223 17.93 6.64 -6.25
N VAL A 224 18.77 6.75 -5.22
CA VAL A 224 18.43 7.52 -4.04
C VAL A 224 19.50 8.58 -3.86
N LEU A 225 19.11 9.85 -3.97
CA LEU A 225 19.96 10.99 -3.68
C LEU A 225 19.99 11.23 -2.17
N ILE A 226 21.20 11.31 -1.61
CA ILE A 226 21.43 11.40 -0.17
C ILE A 226 22.19 12.68 0.20
N TRP A 227 21.43 13.66 0.67
CA TRP A 227 22.00 14.90 1.17
C TRP A 227 22.75 14.66 2.47
N GLY A 228 23.81 15.44 2.70
CA GLY A 228 24.61 15.36 3.93
C GLY A 228 24.93 13.92 4.29
N ALA A 229 25.56 13.22 3.35
CA ALA A 229 25.69 11.77 3.40
C ALA A 229 26.75 11.27 4.35
N SER A 230 27.63 12.17 4.80
CA SER A 230 28.74 11.79 5.67
C SER A 230 28.37 11.80 7.16
N GLY A 231 27.22 12.39 7.48
CA GLY A 231 26.78 12.47 8.87
C GLY A 231 26.15 11.17 9.37
N GLY A 232 25.58 11.23 10.58
CA GLY A 232 25.00 10.06 11.23
C GLY A 232 23.92 9.37 10.39
N LEU A 233 22.91 10.13 9.97
CA LEU A 233 21.83 9.58 9.14
C LEU A 233 22.26 9.05 7.79
N GLY A 234 23.06 9.84 7.08
CA GLY A 234 23.46 9.51 5.72
C GLY A 234 24.34 8.27 5.66
N SER A 235 25.16 8.08 6.69
CA SER A 235 26.02 6.90 6.81
C SER A 235 25.21 5.63 6.81
N TYR A 236 24.13 5.62 7.58
CA TYR A 236 23.24 4.49 7.58
C TYR A 236 22.38 4.42 6.32
N ALA A 237 21.96 5.57 5.79
CA ALA A 237 21.14 5.60 4.57
C ALA A 237 21.85 4.95 3.38
N ILE A 238 23.15 5.26 3.22
CA ILE A 238 24.03 4.69 2.20
C ILE A 238 24.07 3.17 2.29
N GLN A 239 24.20 2.70 3.51
CA GLN A 239 24.21 1.26 3.78
C GLN A 239 22.90 0.56 3.39
N PHE A 240 21.76 1.09 3.84
CA PHE A 240 20.44 0.52 3.50
C PHE A 240 20.17 0.56 2.00
N VAL A 241 20.63 1.61 1.31
CA VAL A 241 20.41 1.73 -0.12
C VAL A 241 21.19 0.67 -0.89
N LYS A 242 22.49 0.53 -0.58
CA LYS A 242 23.32 -0.53 -1.15
C LYS A 242 22.79 -1.94 -0.80
N ASN A 243 22.58 -2.19 0.49
CA ASN A 243 22.10 -3.50 0.91
C ASN A 243 20.84 -3.96 0.15
N GLY A 244 19.89 -3.05 -0.06
CA GLY A 244 18.67 -3.34 -0.81
C GLY A 244 18.73 -3.27 -2.33
N GLY A 245 19.92 -3.10 -2.91
CA GLY A 245 20.06 -3.14 -4.36
C GLY A 245 19.86 -1.79 -5.04
N GLY A 246 19.88 -0.73 -4.25
CA GLY A 246 19.69 0.61 -4.77
C GLY A 246 20.98 1.26 -5.21
N ILE A 247 20.86 2.43 -5.81
CA ILE A 247 22.00 3.17 -6.31
C ILE A 247 22.03 4.48 -5.51
N PRO A 248 22.93 4.59 -4.52
CA PRO A 248 23.06 5.82 -3.75
C PRO A 248 23.90 6.88 -4.47
N VAL A 249 23.45 8.13 -4.38
CA VAL A 249 24.20 9.27 -4.87
C VAL A 249 24.33 10.23 -3.71
N ALA A 250 25.56 10.41 -3.24
CA ALA A 250 25.83 11.20 -2.05
C ALA A 250 26.13 12.66 -2.38
N VAL A 251 25.65 13.57 -1.54
CA VAL A 251 26.09 14.95 -1.57
C VAL A 251 27.00 15.20 -0.36
N VAL A 252 28.20 15.71 -0.62
CA VAL A 252 29.15 16.05 0.44
C VAL A 252 29.64 17.48 0.22
N SER A 253 30.27 18.04 1.27
CA SER A 253 30.82 19.40 1.21
C SER A 253 32.32 19.48 1.47
N SER A 254 33.06 18.36 1.30
CA SER A 254 34.52 18.39 1.41
C SER A 254 35.16 17.06 1.05
N ALA A 255 36.48 17.11 0.78
CA ALA A 255 37.27 15.92 0.45
C ALA A 255 37.25 14.86 1.56
N GLN A 256 37.39 15.29 2.81
CA GLN A 256 37.36 14.34 3.92
C GLN A 256 35.98 13.68 4.08
N LYS A 257 34.91 14.46 3.93
CA LYS A 257 33.55 13.91 3.88
C LYS A 257 33.34 12.96 2.71
N GLU A 258 33.95 13.26 1.58
CA GLU A 258 33.90 12.36 0.44
C GLU A 258 34.58 11.04 0.78
N ALA A 259 35.71 11.12 1.47
CA ALA A 259 36.46 9.94 1.89
C ALA A 259 35.58 9.01 2.72
N ALA A 260 34.83 9.60 3.66
CA ALA A 260 33.94 8.86 4.55
C ALA A 260 32.83 8.15 3.78
N VAL A 261 32.29 8.85 2.80
CA VAL A 261 31.18 8.34 2.00
C VAL A 261 31.65 7.21 1.10
N ARG A 262 32.86 7.36 0.55
CA ARG A 262 33.51 6.30 -0.22
C ARG A 262 33.84 5.09 0.66
N ALA A 263 34.33 5.32 1.87
CA ALA A 263 34.54 4.25 2.87
C ALA A 263 33.33 3.33 3.12
N LEU A 264 32.12 3.86 2.89
CA LEU A 264 30.89 3.07 3.04
C LEU A 264 30.39 2.50 1.70
N GLY A 265 31.20 2.65 0.65
CA GLY A 265 30.88 2.05 -0.63
C GLY A 265 29.94 2.86 -1.50
N CYS A 266 29.82 4.15 -1.21
CA CYS A 266 29.13 5.04 -2.12
C CYS A 266 30.17 5.59 -3.08
N ASP A 267 30.06 5.22 -4.36
CA ASP A 267 31.01 5.69 -5.36
C ASP A 267 30.49 6.82 -6.25
N LEU A 268 29.17 7.04 -6.24
CA LEU A 268 28.62 8.19 -6.94
C LEU A 268 28.54 9.34 -5.97
N VAL A 269 29.47 10.29 -6.13
CA VAL A 269 29.59 11.39 -5.19
C VAL A 269 29.48 12.74 -5.88
N ILE A 270 28.59 13.60 -5.36
CA ILE A 270 28.43 14.99 -5.78
C ILE A 270 28.95 15.94 -4.68
N ASN A 271 29.80 16.91 -5.05
CA ASN A 271 30.22 17.96 -4.12
C ASN A 271 29.34 19.19 -4.21
N ARG A 272 28.95 19.72 -3.06
CA ARG A 272 28.18 20.98 -2.97
C ARG A 272 28.86 22.12 -3.73
N ALA A 273 30.18 22.16 -3.70
CA ALA A 273 30.96 23.21 -4.38
C ALA A 273 30.56 23.45 -5.84
N GLU A 274 29.94 22.46 -6.47
CA GLU A 274 29.28 22.67 -7.75
C GLU A 274 27.92 23.35 -7.48
N LEU A 275 27.97 24.66 -7.21
CA LEU A 275 26.79 25.50 -6.88
C LEU A 275 26.34 25.41 -5.42
N ARG A 286 14.28 31.17 -7.44
CA ARG A 286 14.65 31.54 -8.81
C ARG A 286 16.09 31.13 -9.13
N ARG A 287 16.99 31.43 -8.20
CA ARG A 287 18.32 30.85 -8.16
C ARG A 287 18.16 29.34 -7.83
N VAL A 288 17.28 29.06 -6.87
CA VAL A 288 16.93 27.69 -6.49
C VAL A 288 16.52 26.85 -7.69
N VAL A 289 15.65 27.42 -8.54
CA VAL A 289 15.14 26.73 -9.73
C VAL A 289 16.32 26.32 -10.63
N GLU A 290 17.24 27.26 -10.83
CA GLU A 290 18.44 27.06 -11.64
C GLU A 290 19.42 26.03 -11.04
N THR A 291 19.73 26.18 -9.75
CA THR A 291 20.55 25.22 -9.01
C THR A 291 19.95 23.82 -9.06
N GLY A 292 18.63 23.74 -9.00
CA GLY A 292 17.89 22.47 -9.11
C GLY A 292 18.11 21.75 -10.43
N ARG A 293 18.11 22.50 -11.53
CA ARG A 293 18.34 21.94 -12.85
C ARG A 293 19.79 21.48 -13.01
N LYS A 294 20.71 22.20 -12.37
CA LYS A 294 22.11 21.80 -12.35
C LYS A 294 22.23 20.46 -11.64
N LEU A 295 21.64 20.36 -10.45
CA LEU A 295 21.72 19.12 -9.68
C LEU A 295 21.15 17.91 -10.44
N ALA A 296 20.00 18.10 -11.09
CA ALA A 296 19.35 17.02 -11.84
C ALA A 296 20.20 16.54 -13.01
N LYS A 297 20.88 17.47 -13.68
CA LYS A 297 21.82 17.12 -14.74
C LYS A 297 22.91 16.18 -14.23
N LEU A 298 23.49 16.52 -13.08
CA LEU A 298 24.55 15.73 -12.46
C LEU A 298 24.11 14.32 -12.07
N VAL A 299 22.93 14.18 -11.50
CA VAL A 299 22.40 12.85 -11.14
C VAL A 299 22.21 11.98 -12.39
N VAL A 300 21.71 12.56 -13.48
CA VAL A 300 21.56 11.83 -14.74
C VAL A 300 22.92 11.41 -15.31
N GLU A 301 23.92 12.30 -15.24
CA GLU A 301 25.31 11.99 -15.64
C GLU A 301 25.87 10.79 -14.88
N LYS A 302 25.73 10.85 -13.55
CA LYS A 302 26.32 9.87 -12.66
C LYS A 302 25.51 8.58 -12.52
N ALA A 303 24.18 8.68 -12.43
CA ALA A 303 23.35 7.50 -12.13
C ALA A 303 22.47 6.97 -13.27
N GLY A 304 22.19 7.80 -14.27
CA GLY A 304 21.45 7.34 -15.45
C GLY A 304 20.02 7.84 -15.59
N ARG A 305 19.41 8.24 -14.47
CA ARG A 305 18.07 8.89 -14.47
C ARG A 305 18.00 9.89 -13.31
N GLU A 306 16.88 10.62 -13.20
CA GLU A 306 16.62 11.48 -12.05
C GLU A 306 16.42 10.60 -10.79
N PRO A 307 16.64 11.17 -9.58
CA PRO A 307 16.48 10.24 -8.45
C PRO A 307 15.02 9.85 -8.18
N ASP A 308 14.84 8.63 -7.69
CA ASP A 308 13.52 8.07 -7.39
C ASP A 308 13.07 8.50 -6.00
N ILE A 309 14.02 8.55 -5.08
CA ILE A 309 13.77 9.05 -3.76
C ILE A 309 14.87 10.08 -3.48
N VAL A 310 14.50 11.18 -2.82
CA VAL A 310 15.48 12.09 -2.23
C VAL A 310 15.38 12.03 -0.70
N PHE A 311 16.54 11.91 -0.06
CA PHE A 311 16.68 11.75 1.38
C PHE A 311 17.26 13.05 1.92
N GLU A 312 16.45 13.79 2.68
CA GLU A 312 16.78 15.16 3.10
C GLU A 312 16.63 15.29 4.62
N HIS A 313 17.56 15.98 5.27
CA HIS A 313 17.51 16.05 6.73
C HIS A 313 18.11 17.26 7.43
N THR A 314 18.44 18.32 6.69
CA THR A 314 18.87 19.54 7.38
C THR A 314 17.65 20.45 7.53
N GLY A 315 16.76 20.39 6.54
CA GLY A 315 15.60 21.26 6.45
C GLY A 315 15.93 22.66 5.93
N ARG A 316 17.17 22.85 5.48
CA ARG A 316 17.62 24.15 4.98
C ARG A 316 17.32 24.25 3.49
N VAL A 317 18.31 24.67 2.71
CA VAL A 317 18.11 24.84 1.29
C VAL A 317 17.87 23.50 0.56
N THR A 318 18.45 22.44 1.07
CA THR A 318 18.29 21.13 0.44
C THR A 318 16.85 20.71 0.23
N PHE A 319 15.94 21.19 1.08
CA PHE A 319 14.55 20.75 0.98
C PHE A 319 13.81 21.25 -0.28
N GLY A 320 14.03 22.52 -0.63
CA GLY A 320 13.44 23.06 -1.87
C GLY A 320 13.98 22.34 -3.09
N LEU A 321 15.31 22.17 -3.10
CA LEU A 321 16.02 21.45 -4.14
C LEU A 321 15.56 20.00 -4.32
N SER A 322 15.40 19.27 -3.23
CA SER A 322 14.91 17.87 -3.29
C SER A 322 13.62 17.77 -4.10
N VAL A 323 12.68 18.64 -3.78
CA VAL A 323 11.37 18.71 -4.41
C VAL A 323 11.54 18.93 -5.91
N ILE A 324 12.47 19.81 -6.29
CA ILE A 324 12.76 20.08 -7.70
C ILE A 324 13.28 18.81 -8.39
N VAL A 325 14.32 18.19 -7.83
CA VAL A 325 15.08 17.17 -8.59
C VAL A 325 14.48 15.76 -8.62
N ALA A 326 13.59 15.46 -7.67
CA ALA A 326 12.97 14.13 -7.61
C ALA A 326 12.24 13.86 -8.91
N ARG A 327 12.32 12.62 -9.41
CA ARG A 327 11.63 12.28 -10.64
C ARG A 327 10.11 12.40 -10.50
N ARG A 328 9.41 12.52 -11.62
CA ARG A 328 7.96 12.55 -11.63
C ARG A 328 7.38 11.33 -10.93
N GLY A 329 6.45 11.54 -10.01
CA GLY A 329 5.93 10.48 -9.16
C GLY A 329 6.92 10.06 -8.08
N GLY A 330 7.95 10.85 -7.88
CA GLY A 330 9.02 10.53 -6.92
C GLY A 330 8.71 10.94 -5.48
N THR A 331 9.57 10.56 -4.54
CA THR A 331 9.32 10.85 -3.11
C THR A 331 10.48 11.57 -2.44
N VAL A 332 10.16 12.61 -1.72
CA VAL A 332 11.13 13.26 -0.86
C VAL A 332 10.83 12.83 0.56
N VAL A 333 11.82 12.26 1.23
CA VAL A 333 11.64 11.91 2.62
C VAL A 333 12.55 12.84 3.45
N THR A 334 12.00 13.38 4.52
CA THR A 334 12.62 14.51 5.20
C THR A 334 12.30 14.44 6.68
N CYS A 335 13.15 15.05 7.49
CA CYS A 335 12.93 15.01 8.92
C CYS A 335 13.62 16.16 9.63
N ASN A 347 6.58 24.93 -6.59
CA ASN A 347 5.18 24.68 -6.28
C ASN A 347 4.54 23.69 -7.25
N ARG A 348 4.68 23.98 -8.55
CA ARG A 348 4.33 23.04 -9.61
C ARG A 348 5.21 21.79 -9.50
N TYR A 349 6.41 21.94 -8.92
CA TYR A 349 7.31 20.81 -8.72
C TYR A 349 6.69 19.75 -7.81
N LEU A 350 5.66 20.15 -7.07
CA LEU A 350 4.98 19.23 -6.17
C LEU A 350 3.77 18.56 -6.83
N TRP A 351 2.80 19.36 -7.29
CA TRP A 351 1.53 18.82 -7.79
C TRP A 351 1.51 18.45 -9.27
N MET A 352 2.22 19.23 -10.09
CA MET A 352 2.28 19.01 -11.52
C MET A 352 3.09 17.77 -11.84
N LYS A 353 4.09 17.51 -11.03
CA LYS A 353 4.98 16.38 -11.26
C LYS A 353 4.55 15.22 -10.35
N LEU A 354 3.43 15.45 -9.65
CA LEU A 354 2.77 14.39 -8.89
C LEU A 354 3.72 13.77 -7.87
N LYS A 355 4.39 14.60 -7.08
CA LYS A 355 5.36 14.10 -6.11
C LYS A 355 4.77 13.87 -4.72
N LYS A 356 5.51 13.15 -3.87
CA LYS A 356 5.09 12.84 -2.50
C LYS A 356 6.20 13.29 -1.56
N ILE A 357 5.81 13.94 -0.48
CA ILE A 357 6.74 14.29 0.57
C ILE A 357 6.33 13.52 1.81
N VAL A 358 7.29 12.83 2.42
CA VAL A 358 7.02 12.10 3.66
C VAL A 358 7.88 12.69 4.78
N GLY A 359 7.21 13.26 5.79
CA GLY A 359 7.89 13.77 6.96
C GLY A 359 8.02 12.61 7.92
N SER A 360 9.22 12.40 8.46
CA SER A 360 9.44 11.26 9.32
C SER A 360 10.57 11.50 10.29
N HIS A 361 10.47 10.85 11.44
CA HIS A 361 11.61 10.71 12.31
C HIS A 361 11.38 9.46 13.17
N GLY A 362 12.43 9.03 13.86
CA GLY A 362 12.37 7.81 14.66
C GLY A 362 12.00 6.54 13.91
N ALA A 363 11.59 5.56 14.70
CA ALA A 363 11.22 4.26 14.21
C ALA A 363 10.48 3.53 15.32
N ASN A 364 9.46 2.77 14.94
CA ASN A 364 8.70 2.00 15.93
C ASN A 364 9.46 0.73 16.35
N HIS A 365 8.99 0.08 17.40
CA HIS A 365 9.63 -1.13 17.93
C HIS A 365 9.82 -2.25 16.88
N GLU A 366 8.86 -2.38 15.94
CA GLU A 366 8.98 -3.33 14.85
C GLU A 366 10.09 -2.99 13.86
N GLU A 367 10.17 -1.74 13.45
CA GLU A 367 11.26 -1.25 12.59
C GLU A 367 12.63 -1.38 13.26
N GLN A 368 12.68 -1.11 14.56
CA GLN A 368 13.95 -1.22 15.29
C GLN A 368 14.48 -2.67 15.36
N GLN A 369 13.57 -3.64 15.56
CA GLN A 369 13.95 -5.06 15.50
C GLN A 369 14.47 -5.46 14.11
N ALA A 370 13.80 -5.01 13.04
CA ALA A 370 14.26 -5.26 11.67
C ALA A 370 15.64 -4.66 11.41
N THR A 371 15.85 -3.47 11.95
CA THR A 371 17.14 -2.80 11.87
C THR A 371 18.21 -3.62 12.63
N ASN A 372 17.85 -4.11 13.83
CA ASN A 372 18.75 -4.92 14.67
C ASN A 372 19.21 -6.21 13.97
N ARG A 373 18.28 -6.87 13.26
CA ARG A 373 18.58 -8.11 12.52
C ARG A 373 19.58 -7.93 11.39
N LEU A 374 19.55 -6.76 10.75
CA LEU A 374 20.55 -6.41 9.75
C LEU A 374 21.93 -6.13 10.36
N PHE A 375 21.97 -5.63 11.60
CA PHE A 375 23.26 -5.47 12.27
C PHE A 375 23.73 -6.83 12.75
N GLU A 376 22.77 -7.68 13.13
CA GLU A 376 23.07 -8.99 13.72
C GLU A 376 23.76 -9.92 12.72
N SER A 377 23.37 -9.82 11.45
CA SER A 377 23.98 -10.62 10.39
C SER A 377 25.17 -9.92 9.76
N GLY A 378 25.45 -8.69 10.18
CA GLY A 378 26.55 -7.90 9.60
C GLY A 378 26.27 -7.40 8.19
N ALA A 379 25.01 -7.46 7.76
CA ALA A 379 24.59 -6.84 6.49
C ALA A 379 24.79 -5.32 6.50
N VAL A 380 24.53 -4.69 7.65
CA VAL A 380 25.01 -3.32 7.86
C VAL A 380 25.92 -3.20 9.08
N VAL A 381 26.74 -2.16 9.10
CA VAL A 381 27.75 -2.02 10.16
C VAL A 381 27.65 -0.66 10.84
N PRO A 382 28.18 -0.55 12.09
CA PRO A 382 28.15 0.75 12.76
C PRO A 382 28.98 1.82 12.07
N ALA A 383 28.52 3.06 12.22
CA ALA A 383 29.15 4.23 11.64
C ALA A 383 29.94 5.03 12.69
N MET A 384 30.50 4.33 13.67
CA MET A 384 31.26 5.02 14.73
C MET A 384 32.59 5.51 14.19
N SER A 385 32.89 6.78 14.45
CA SER A 385 34.12 7.42 13.98
C SER A 385 35.02 7.95 15.11
N ALA A 386 34.45 8.18 16.29
CA ALA A 386 35.18 8.68 17.47
C ALA A 386 34.54 8.18 18.76
N VAL A 387 35.31 8.14 19.85
CA VAL A 387 34.82 7.68 21.16
C VAL A 387 35.32 8.63 22.24
N TYR A 388 34.44 9.09 23.13
CA TYR A 388 34.84 9.96 24.23
C TYR A 388 34.40 9.31 25.53
N PRO A 389 35.16 9.47 26.62
CA PRO A 389 34.62 9.07 27.91
C PRO A 389 33.52 10.03 28.39
N LEU A 390 32.69 9.56 29.31
CA LEU A 390 31.61 10.39 29.82
C LEU A 390 32.09 11.71 30.43
N ALA A 391 33.27 11.69 31.05
CA ALA A 391 33.93 12.91 31.55
C ALA A 391 34.09 14.02 30.49
N GLU A 392 34.24 13.63 29.23
CA GLU A 392 34.38 14.57 28.13
C GLU A 392 33.18 14.60 27.18
N ALA A 393 32.00 14.21 27.66
CA ALA A 393 30.82 14.15 26.79
C ALA A 393 30.34 15.52 26.28
N ALA A 394 30.57 16.58 27.06
CA ALA A 394 30.24 17.92 26.60
C ALA A 394 31.06 18.32 25.35
N GLU A 395 32.34 17.97 25.34
CA GLU A 395 33.20 18.28 24.18
C GLU A 395 32.74 17.44 22.97
N ALA A 396 32.24 16.23 23.23
CA ALA A 396 31.71 15.38 22.17
C ALA A 396 30.47 15.98 21.51
N CYS A 397 29.53 16.43 22.35
CA CYS A 397 28.41 17.26 21.95
C CYS A 397 28.85 18.48 21.10
N ARG A 398 29.88 19.20 21.56
CA ARG A 398 30.38 20.35 20.79
C ARG A 398 30.94 19.96 19.42
N VAL A 399 31.61 18.82 19.35
CA VAL A 399 32.13 18.33 18.09
C VAL A 399 30.98 18.15 17.09
N VAL A 400 29.87 17.59 17.58
CA VAL A 400 28.68 17.42 16.75
C VAL A 400 28.03 18.76 16.42
N GLN A 401 27.90 19.64 17.40
CA GLN A 401 27.34 20.98 17.15
C GLN A 401 28.13 21.79 16.10
N THR A 402 29.44 21.61 16.07
CA THR A 402 30.30 22.34 15.13
C THR A 402 30.51 21.55 13.83
N SER A 403 29.83 20.41 13.70
CA SER A 403 29.92 19.52 12.52
C SER A 403 31.34 19.16 12.08
N ARG A 404 32.18 18.82 13.06
CA ARG A 404 33.54 18.42 12.79
C ARG A 404 33.67 16.89 12.74
N GLN A 405 32.54 16.19 12.86
CA GLN A 405 32.52 14.75 12.80
C GLN A 405 32.05 14.21 11.46
N VAL A 406 32.42 12.96 11.22
CA VAL A 406 31.86 12.14 10.17
C VAL A 406 31.16 11.00 10.92
N GLY A 407 30.07 10.48 10.39
CA GLY A 407 29.37 9.36 11.02
C GLY A 407 28.90 9.64 12.45
N LYS A 408 29.23 8.76 13.39
CA LYS A 408 28.69 8.87 14.76
C LYS A 408 29.78 8.96 15.81
N VAL A 409 29.58 9.84 16.78
CA VAL A 409 30.44 9.94 17.95
C VAL A 409 29.83 9.16 19.15
N ALA A 410 30.58 8.20 19.67
CA ALA A 410 30.14 7.39 20.80
C ALA A 410 30.67 7.96 22.13
N VAL A 411 29.98 7.63 23.22
CA VAL A 411 30.42 8.03 24.54
C VAL A 411 30.46 6.81 25.44
N LEU A 412 31.62 6.54 26.04
CA LEU A 412 31.69 5.50 27.05
C LEU A 412 31.07 6.01 28.33
N CYS A 413 30.15 5.25 28.88
CA CYS A 413 29.53 5.65 30.13
C CYS A 413 30.15 4.85 31.28
N MET A 414 29.59 3.69 31.61
CA MET A 414 30.14 2.87 32.70
C MET A 414 31.32 1.99 32.22
N ALA A 415 31.29 1.60 30.94
CA ALA A 415 32.45 0.95 30.32
C ALA A 415 33.76 1.72 30.61
N PRO A 416 34.73 1.08 31.30
CA PRO A 416 35.93 1.84 31.68
C PRO A 416 36.98 2.00 30.57
N GLU A 417 36.82 1.26 29.47
CA GLU A 417 37.66 1.38 28.28
C GLU A 417 36.99 0.87 27.02
N GLN A 418 37.54 1.23 25.87
CA GLN A 418 37.06 0.76 24.58
C GLN A 418 37.29 -0.74 24.41
N GLY A 419 36.49 -1.36 23.55
CA GLY A 419 36.72 -2.72 23.15
C GLY A 419 36.06 -3.76 24.03
N LEU A 420 35.29 -3.31 25.01
CA LEU A 420 34.59 -4.29 25.87
C LEU A 420 33.25 -4.71 25.26
N GLY A 421 32.73 -5.86 25.72
CA GLY A 421 31.35 -6.30 25.43
C GLY A 421 31.14 -7.23 24.27
N VAL A 422 32.21 -7.68 23.64
CA VAL A 422 32.09 -8.67 22.59
C VAL A 422 31.84 -10.03 23.23
N THR A 423 30.66 -10.60 22.96
CA THR A 423 30.34 -11.91 23.49
C THR A 423 30.22 -12.95 22.38
N ASP A 424 30.37 -12.53 21.12
CA ASP A 424 30.55 -13.47 19.99
C ASP A 424 31.85 -13.17 19.21
N PRO A 425 33.01 -13.47 19.81
CA PRO A 425 34.27 -13.12 19.13
C PRO A 425 34.52 -13.88 17.81
N ASP A 426 33.99 -15.10 17.67
CA ASP A 426 34.16 -15.84 16.43
C ASP A 426 33.48 -15.16 15.24
N LEU A 427 32.25 -14.68 15.46
CA LEU A 427 31.50 -13.98 14.41
C LEU A 427 32.20 -12.68 14.05
N ARG A 428 32.62 -11.94 15.08
CA ARG A 428 33.32 -10.67 14.91
C ARG A 428 34.50 -10.85 13.96
N ALA A 429 35.31 -11.89 14.23
CA ALA A 429 36.49 -12.22 13.43
C ALA A 429 36.16 -12.65 11.99
N ARG A 430 35.03 -13.36 11.83
CA ARG A 430 34.54 -13.70 10.50
C ARG A 430 34.15 -12.48 9.67
N LEU A 431 33.57 -11.47 10.32
CA LEU A 431 33.20 -10.23 9.63
C LEU A 431 34.38 -9.28 9.37
N GLY A 432 35.33 -9.23 10.29
CA GLY A 432 36.48 -8.35 10.17
C GLY A 432 36.27 -7.09 11.01
N GLU A 433 37.15 -6.88 11.98
CA GLU A 433 37.07 -5.72 12.85
C GLU A 433 37.21 -4.44 12.01
N ASP A 434 37.90 -4.55 10.88
CA ASP A 434 38.04 -3.43 9.95
C ASP A 434 36.75 -3.13 9.21
N ARG A 435 36.07 -4.20 8.80
CA ARG A 435 34.80 -4.10 8.08
C ARG A 435 33.72 -3.49 8.98
N LEU A 436 33.84 -3.73 10.28
CA LEU A 436 32.88 -3.26 11.29
C LEU A 436 33.05 -1.78 11.63
N ASN A 437 34.18 -1.21 11.21
CA ASN A 437 34.56 0.16 11.54
C ASN A 437 35.08 0.96 10.35
N PRO A 438 34.27 1.12 9.29
CA PRO A 438 34.80 1.78 8.09
C PRO A 438 35.22 3.24 8.34
N LEU A 439 34.58 3.88 9.32
CA LEU A 439 34.82 5.30 9.61
C LEU A 439 35.85 5.58 10.69
N ARG A 440 36.61 4.55 11.07
CA ARG A 440 37.60 4.63 12.13
C ARG A 440 38.64 5.73 11.87
N GLY A 441 38.74 6.67 12.80
CA GLY A 441 39.75 7.75 12.76
C GLY A 441 39.44 8.92 11.86
N LEU A 442 38.30 8.88 11.16
CA LEU A 442 38.00 9.90 10.15
C LEU A 442 37.30 11.13 10.75
N THR A 443 37.65 12.30 10.20
CA THR A 443 37.05 13.56 10.67
C THR A 443 36.59 14.40 9.47
N ALA A 444 35.89 15.50 9.75
CA ALA A 444 35.38 16.39 8.70
C ALA A 444 36.31 17.57 8.39
N THR A 445 37.43 17.66 9.09
CA THR A 445 38.37 18.76 8.89
C THR A 445 39.78 18.24 8.68
N SER B 1 -22.64 -9.58 45.92
CA SER B 1 -21.76 -8.93 46.94
C SER B 1 -22.05 -7.43 47.07
N SER B 2 -21.33 -6.78 47.98
CA SER B 2 -21.40 -5.33 48.14
C SER B 2 -20.83 -4.63 46.89
N LEU B 3 -19.85 -5.27 46.25
CA LEU B 3 -19.26 -4.74 45.02
C LEU B 3 -20.24 -4.77 43.85
N SER B 4 -20.90 -5.90 43.63
CA SER B 4 -21.88 -5.95 42.54
C SER B 4 -23.03 -4.97 42.82
N ARG B 5 -23.46 -4.89 44.08
CA ARG B 5 -24.53 -3.95 44.46
C ARG B 5 -24.17 -2.50 44.19
N ALA B 6 -22.91 -2.15 44.46
CA ALA B 6 -22.37 -0.81 44.16
C ALA B 6 -22.26 -0.51 42.66
N VAL B 7 -21.85 -1.49 41.88
CA VAL B 7 -21.77 -1.34 40.43
C VAL B 7 -23.19 -1.20 39.86
N LEU B 8 -24.11 -2.05 40.33
CA LEU B 8 -25.51 -2.00 39.85
C LEU B 8 -26.25 -0.73 40.26
N ASP B 9 -25.93 -0.21 41.45
CA ASP B 9 -26.47 1.07 41.92
C ASP B 9 -25.84 2.22 41.15
N GLY B 10 -24.75 1.93 40.43
CA GLY B 10 -23.96 2.96 39.80
C GLY B 10 -23.39 3.91 40.84
N ALA B 11 -22.65 3.35 41.80
CA ALA B 11 -22.06 4.16 42.87
C ALA B 11 -20.79 4.86 42.43
N SER B 12 -20.31 5.76 43.29
CA SER B 12 -19.14 6.55 43.01
C SER B 12 -17.89 5.67 42.98
N ALA B 13 -16.82 6.17 42.36
CA ALA B 13 -15.54 5.47 42.30
C ALA B 13 -14.98 5.08 43.68
N ALA B 14 -15.09 5.96 44.66
CA ALA B 14 -14.61 5.69 46.02
C ALA B 14 -15.42 4.60 46.72
N GLU B 15 -16.70 4.52 46.42
CA GLU B 15 -17.55 3.46 46.94
C GLU B 15 -17.20 2.09 46.35
N ILE B 16 -16.96 2.08 45.04
CA ILE B 16 -16.53 0.87 44.33
C ILE B 16 -15.18 0.39 44.86
N GLU B 17 -14.25 1.33 45.04
CA GLU B 17 -12.92 1.00 45.56
C GLU B 17 -12.97 0.53 47.01
N ALA B 18 -14.00 0.95 47.75
CA ALA B 18 -14.16 0.56 49.14
C ALA B 18 -14.76 -0.84 49.30
N ALA B 19 -15.63 -1.23 48.37
CA ALA B 19 -16.27 -2.55 48.42
C ALA B 19 -15.25 -3.64 48.09
N PRO B 20 -15.23 -4.72 48.90
CA PRO B 20 -14.21 -5.75 48.74
C PRO B 20 -14.48 -6.66 47.55
N VAL B 21 -13.41 -7.07 46.88
CA VAL B 21 -13.50 -8.02 45.75
C VAL B 21 -13.74 -9.40 46.33
N PRO B 22 -14.78 -10.10 45.83
CA PRO B 22 -15.09 -11.42 46.37
C PRO B 22 -14.07 -12.48 45.96
N ASP B 23 -14.04 -13.55 46.76
CA ASP B 23 -13.07 -14.62 46.62
C ASP B 23 -13.34 -15.52 45.44
N THR B 24 -14.62 -15.66 45.12
CA THR B 24 -15.05 -16.39 43.93
C THR B 24 -16.15 -15.61 43.20
N TYR B 25 -16.50 -16.08 42.01
CA TYR B 25 -17.55 -15.45 41.21
C TYR B 25 -18.16 -16.44 40.22
N LEU B 26 -19.36 -16.12 39.79
CA LEU B 26 -20.17 -16.99 38.97
C LEU B 26 -19.75 -16.89 37.51
N ALA B 27 -19.44 -18.05 36.91
CA ALA B 27 -18.89 -18.08 35.56
C ALA B 27 -19.38 -19.30 34.75
N LEU B 28 -19.66 -19.05 33.46
CA LEU B 28 -19.88 -20.12 32.50
C LEU B 28 -18.52 -20.68 32.08
N HIS B 29 -18.30 -21.95 32.33
CA HIS B 29 -16.98 -22.50 32.20
C HIS B 29 -16.98 -23.94 31.79
N LEU B 30 -15.81 -24.41 31.42
CA LEU B 30 -15.64 -25.82 31.08
C LEU B 30 -14.73 -26.44 32.13
N ARG B 31 -14.77 -27.76 32.24
CA ARG B 31 -13.90 -28.49 33.14
C ARG B 31 -12.89 -29.32 32.35
N ALA B 32 -11.63 -29.28 32.79
CA ALA B 32 -10.55 -30.04 32.13
C ALA B 32 -10.86 -31.53 32.02
N GLU B 33 -11.39 -32.09 33.10
CA GLU B 33 -11.72 -33.52 33.17
C GLU B 33 -12.68 -34.01 32.09
N ASP B 34 -13.52 -33.12 31.55
CA ASP B 34 -14.51 -33.48 30.53
C ASP B 34 -13.98 -33.46 29.10
N ALA B 35 -12.73 -33.07 28.90
CA ALA B 35 -12.19 -32.82 27.55
C ALA B 35 -12.45 -33.94 26.54
N ASP B 36 -12.59 -35.17 27.04
CA ASP B 36 -12.72 -36.34 26.18
C ASP B 36 -14.15 -36.82 26.00
N MET B 37 -15.12 -36.14 26.60
CA MET B 37 -16.50 -36.65 26.69
C MET B 37 -17.23 -36.84 25.35
N PHE B 38 -16.79 -36.17 24.30
CA PHE B 38 -17.49 -36.26 23.03
C PHE B 38 -16.82 -37.21 22.03
N LYS B 39 -15.79 -37.91 22.52
CA LYS B 39 -14.96 -38.81 21.69
C LYS B 39 -15.74 -39.62 20.64
N GLY B 40 -16.81 -40.30 21.06
CA GLY B 40 -17.56 -41.13 20.14
C GLY B 40 -18.69 -40.42 19.39
N VAL B 41 -19.06 -39.24 19.88
CA VAL B 41 -20.37 -38.65 19.58
C VAL B 41 -20.47 -37.87 18.27
N ALA B 42 -21.58 -38.10 17.55
CA ALA B 42 -21.89 -37.37 16.33
C ALA B 42 -22.31 -35.93 16.64
N ASP B 43 -23.32 -35.74 17.50
CA ASP B 43 -23.76 -34.38 17.88
C ASP B 43 -23.31 -33.98 19.30
N LYS B 44 -22.23 -33.22 19.33
CA LYS B 44 -21.62 -32.71 20.54
C LYS B 44 -22.44 -31.57 21.11
N ASP B 45 -23.49 -31.94 21.84
CA ASP B 45 -24.43 -30.97 22.41
C ASP B 45 -23.69 -30.11 23.45
N VAL B 46 -23.59 -28.82 23.12
CA VAL B 46 -22.86 -27.83 23.90
C VAL B 46 -23.35 -27.68 25.35
N ARG B 47 -24.64 -27.95 25.56
CA ARG B 47 -25.26 -27.94 26.88
C ARG B 47 -24.79 -29.09 27.80
N LYS B 48 -24.16 -30.11 27.23
CA LYS B 48 -23.66 -31.21 28.05
C LYS B 48 -22.37 -30.88 28.79
N SER B 49 -21.51 -30.09 28.13
CA SER B 49 -20.19 -29.75 28.64
C SER B 49 -20.15 -28.45 29.46
N LEU B 50 -21.05 -27.53 29.16
CA LEU B 50 -21.08 -26.22 29.82
C LEU B 50 -21.53 -26.28 31.27
N ARG B 51 -20.78 -25.62 32.14
CA ARG B 51 -21.14 -25.52 33.56
C ARG B 51 -21.29 -24.05 33.92
N LEU B 52 -22.18 -23.78 34.87
CA LEU B 52 -22.32 -22.47 35.47
C LEU B 52 -22.14 -22.64 36.96
N GLY B 53 -21.14 -21.96 37.52
CA GLY B 53 -20.84 -22.06 38.97
C GLY B 53 -19.75 -21.11 39.43
N GLU B 54 -19.43 -21.17 40.73
CA GLU B 54 -18.36 -20.36 41.33
C GLU B 54 -16.96 -20.86 40.95
N VAL B 55 -16.11 -19.94 40.49
CA VAL B 55 -14.70 -20.20 40.23
C VAL B 55 -13.90 -19.19 41.06
N PRO B 56 -12.65 -19.52 41.43
CA PRO B 56 -11.75 -18.61 42.18
C PRO B 56 -11.37 -17.35 41.40
N MET B 57 -11.41 -16.20 42.08
CA MET B 57 -10.93 -14.93 41.54
C MET B 57 -9.40 -14.93 41.49
N PRO B 58 -8.83 -14.65 40.30
CA PRO B 58 -7.38 -14.58 40.18
C PRO B 58 -6.81 -13.24 40.65
N GLU B 59 -5.53 -13.24 41.01
CA GLU B 59 -4.82 -12.03 41.32
C GLU B 59 -4.59 -11.21 40.03
N LEU B 60 -4.81 -9.91 40.11
CA LEU B 60 -4.69 -9.02 38.94
C LEU B 60 -3.22 -8.67 38.62
N ALA B 61 -2.77 -8.91 37.38
CA ALA B 61 -1.46 -8.42 36.91
C ALA B 61 -1.41 -6.88 36.76
N PRO B 62 -0.20 -6.30 36.73
CA PRO B 62 -0.05 -4.85 36.80
C PRO B 62 -0.65 -4.07 35.62
N ASP B 63 -0.75 -4.73 34.47
CA ASP B 63 -1.29 -4.12 33.25
C ASP B 63 -2.73 -4.61 32.98
N GLU B 64 -3.34 -5.22 33.99
CA GLU B 64 -4.69 -5.74 33.86
C GLU B 64 -5.76 -4.94 34.58
N VAL B 65 -6.99 -5.13 34.11
CA VAL B 65 -8.15 -4.47 34.66
C VAL B 65 -9.18 -5.55 35.01
N LEU B 66 -9.81 -5.41 36.17
CA LEU B 66 -10.92 -6.27 36.59
C LEU B 66 -12.22 -5.54 36.26
N VAL B 67 -13.04 -6.22 35.46
CA VAL B 67 -14.21 -5.64 34.87
C VAL B 67 -15.41 -6.38 35.42
N ALA B 68 -16.38 -5.64 35.98
CA ALA B 68 -17.64 -6.23 36.33
C ALA B 68 -18.49 -6.25 35.06
N VAL B 69 -18.66 -7.45 34.52
CA VAL B 69 -19.32 -7.68 33.23
C VAL B 69 -20.82 -7.49 33.34
N MET B 70 -21.36 -6.59 32.52
CA MET B 70 -22.81 -6.37 32.54
C MET B 70 -23.52 -7.27 31.55
N ALA B 71 -22.92 -7.41 30.37
CA ALA B 71 -23.41 -8.26 29.30
C ALA B 71 -22.23 -8.73 28.45
N SER B 72 -22.45 -9.86 27.79
CA SER B 72 -21.52 -10.48 26.88
C SER B 72 -22.35 -11.02 25.71
N SER B 73 -21.78 -11.91 24.90
CA SER B 73 -22.46 -12.37 23.71
C SER B 73 -21.92 -13.76 23.40
N ILE B 74 -22.65 -14.52 22.58
CA ILE B 74 -22.15 -15.81 22.12
C ILE B 74 -21.41 -15.62 20.81
N ASN B 75 -20.24 -16.25 20.72
CA ASN B 75 -19.48 -16.26 19.48
C ASN B 75 -19.20 -17.69 19.07
N TYR B 76 -18.80 -17.88 17.83
CA TYR B 76 -18.50 -19.23 17.39
C TYR B 76 -17.31 -19.85 18.12
N ASN B 77 -16.32 -19.05 18.53
CA ASN B 77 -15.25 -19.64 19.33
C ASN B 77 -15.72 -20.22 20.66
N THR B 78 -16.79 -19.63 21.22
CA THR B 78 -17.49 -20.17 22.38
C THR B 78 -18.10 -21.57 22.11
N VAL B 79 -18.72 -21.74 20.95
CA VAL B 79 -19.32 -23.03 20.58
C VAL B 79 -18.25 -24.12 20.38
N TRP B 80 -17.16 -23.75 19.72
CA TRP B 80 -16.02 -24.64 19.49
C TRP B 80 -15.38 -25.09 20.81
N SER B 81 -15.12 -24.15 21.71
CA SER B 81 -14.60 -24.48 23.04
C SER B 81 -15.45 -25.56 23.70
N ALA B 82 -16.75 -25.31 23.76
CA ALA B 82 -17.67 -26.20 24.46
C ALA B 82 -17.80 -27.57 23.77
N MET B 83 -17.49 -27.59 22.47
CA MET B 83 -17.38 -28.84 21.72
C MET B 83 -16.03 -29.54 21.93
N PHE B 84 -15.07 -28.83 22.54
CA PHE B 84 -13.67 -29.30 22.64
C PHE B 84 -13.03 -29.48 21.25
N GLU B 85 -13.44 -28.64 20.30
CA GLU B 85 -13.09 -28.83 18.89
C GLU B 85 -12.32 -27.62 18.40
N PRO B 86 -11.36 -27.82 17.48
CA PRO B 86 -10.84 -29.12 17.03
C PRO B 86 -9.75 -29.65 17.96
N ILE B 87 -9.27 -28.82 18.89
CA ILE B 87 -8.37 -29.18 20.00
C ILE B 87 -8.98 -28.55 21.24
N PRO B 88 -9.08 -29.27 22.38
CA PRO B 88 -9.65 -28.63 23.58
C PRO B 88 -8.85 -27.40 24.00
N THR B 89 -9.53 -26.42 24.59
CA THR B 89 -8.93 -25.12 24.87
C THR B 89 -7.89 -25.21 25.96
N PHE B 90 -7.96 -26.28 26.77
CA PHE B 90 -6.97 -26.49 27.84
C PHE B 90 -5.55 -26.67 27.29
N HIS B 91 -5.43 -27.13 26.05
CA HIS B 91 -4.13 -27.18 25.40
C HIS B 91 -3.59 -25.77 25.17
N PHE B 92 -4.47 -24.84 24.76
CA PHE B 92 -4.12 -23.44 24.54
C PHE B 92 -3.76 -22.77 25.85
N LEU B 93 -4.47 -23.15 26.92
CA LEU B 93 -4.20 -22.57 28.23
C LEU B 93 -2.82 -22.98 28.78
N LYS B 94 -2.42 -24.23 28.52
CA LYS B 94 -1.12 -24.73 28.97
C LYS B 94 -0.02 -24.04 28.19
N GLN B 95 -0.18 -23.94 26.88
CA GLN B 95 0.76 -23.18 26.04
C GLN B 95 0.92 -21.74 26.56
N ASN B 96 -0.20 -21.05 26.73
CA ASN B 96 -0.20 -19.72 27.31
C ASN B 96 0.72 -19.64 28.54
N ALA B 97 0.45 -20.53 29.49
CA ALA B 97 1.14 -20.63 30.79
C ALA B 97 2.62 -20.95 30.73
N ARG B 98 3.08 -21.59 29.66
CA ARG B 98 4.51 -21.90 29.54
C ARG B 98 5.38 -20.67 29.38
N GLN B 99 4.74 -19.51 29.22
CA GLN B 99 5.46 -18.24 29.20
C GLN B 99 6.01 -17.90 30.58
N GLY B 100 5.37 -18.40 31.63
CA GLY B 100 5.78 -18.11 33.00
C GLY B 100 5.25 -16.76 33.46
N GLY B 101 5.72 -16.32 34.64
CA GLY B 101 5.25 -15.06 35.24
C GLY B 101 3.74 -15.05 35.43
N TRP B 102 3.11 -13.93 35.09
CA TRP B 102 1.66 -13.76 35.22
C TRP B 102 0.84 -14.73 34.37
N ALA B 103 1.44 -15.26 33.30
CA ALA B 103 0.74 -16.15 32.37
C ALA B 103 0.33 -17.50 32.96
N THR B 104 1.03 -17.92 34.01
CA THR B 104 0.74 -19.21 34.67
C THR B 104 -0.67 -19.27 35.32
N ARG B 105 -1.24 -18.12 35.67
CA ARG B 105 -2.61 -18.09 36.18
C ARG B 105 -3.66 -18.66 35.19
N HIS B 106 -3.36 -18.62 33.89
CA HIS B 106 -4.29 -19.08 32.86
C HIS B 106 -4.50 -20.60 32.83
N ASP B 107 -3.55 -21.34 33.40
CA ASP B 107 -3.60 -22.79 33.41
C ASP B 107 -4.32 -23.21 34.67
N GLN B 108 -5.61 -23.57 34.51
CA GLN B 108 -6.48 -23.99 35.60
C GLN B 108 -7.25 -25.25 35.17
N PRO B 109 -7.82 -26.00 36.14
CA PRO B 109 -8.71 -27.12 35.79
C PRO B 109 -10.05 -26.65 35.20
N TYR B 110 -10.28 -25.34 35.18
CA TYR B 110 -11.52 -24.75 34.68
C TYR B 110 -11.20 -23.70 33.63
N HIS B 111 -12.11 -23.49 32.71
CA HIS B 111 -11.90 -22.45 31.71
C HIS B 111 -13.13 -21.59 31.55
N VAL B 112 -13.01 -20.34 31.98
CA VAL B 112 -14.09 -19.35 31.76
C VAL B 112 -14.02 -18.78 30.35
N LEU B 113 -15.06 -19.06 29.57
CA LEU B 113 -15.19 -18.61 28.17
C LEU B 113 -15.85 -17.23 28.03
N GLY B 114 -15.87 -16.70 26.81
CA GLY B 114 -16.47 -15.41 26.53
C GLY B 114 -15.41 -14.46 26.00
N SER B 115 -15.63 -13.99 24.79
CA SER B 115 -14.61 -13.25 24.05
C SER B 115 -14.96 -11.78 23.78
N ASP B 116 -16.12 -11.37 24.30
CA ASP B 116 -16.72 -10.03 24.16
C ASP B 116 -17.35 -9.63 25.47
N CYS B 117 -17.53 -8.33 25.68
CA CYS B 117 -18.36 -7.89 26.78
C CYS B 117 -18.42 -6.38 26.96
N SER B 118 -19.40 -5.94 27.74
CA SER B 118 -19.47 -4.57 28.17
C SER B 118 -19.61 -4.59 29.67
N GLY B 119 -19.10 -3.56 30.33
CA GLY B 119 -19.14 -3.54 31.77
C GLY B 119 -18.54 -2.31 32.40
N VAL B 120 -18.22 -2.45 33.67
CA VAL B 120 -17.77 -1.37 34.52
C VAL B 120 -16.44 -1.79 35.15
N VAL B 121 -15.40 -0.97 34.95
CA VAL B 121 -14.12 -1.18 35.63
C VAL B 121 -14.29 -1.17 37.15
N VAL B 122 -13.77 -2.18 37.83
CA VAL B 122 -13.77 -2.14 39.31
C VAL B 122 -12.40 -2.06 39.98
N ARG B 123 -11.37 -2.57 39.30
CA ARG B 123 -9.98 -2.54 39.79
C ARG B 123 -9.00 -2.46 38.64
N THR B 124 -7.86 -1.80 38.86
CA THR B 124 -6.77 -1.77 37.86
C THR B 124 -5.45 -2.10 38.52
N GLY B 125 -4.59 -2.80 37.78
CA GLY B 125 -3.21 -3.03 38.22
C GLY B 125 -2.47 -1.70 38.27
N ILE B 126 -1.39 -1.64 39.05
CA ILE B 126 -0.67 -0.39 39.26
C ILE B 126 0.03 0.19 37.99
N GLY B 127 0.09 -0.60 36.92
CA GLY B 127 0.66 -0.10 35.65
C GLY B 127 -0.37 0.39 34.66
N VAL B 128 -1.64 0.35 35.03
CA VAL B 128 -2.73 0.78 34.14
C VAL B 128 -2.91 2.31 34.12
N ARG B 129 -2.88 2.91 32.94
CA ARG B 129 -3.04 4.36 32.78
C ARG B 129 -4.49 4.74 32.51
N ARG B 130 -4.93 5.89 33.06
CA ARG B 130 -6.25 6.53 32.74
C ARG B 130 -7.53 5.91 33.32
N TRP B 131 -7.75 4.62 33.07
CA TRP B 131 -8.98 3.94 33.49
C TRP B 131 -9.16 3.96 35.01
N LYS B 132 -10.34 4.37 35.48
CA LYS B 132 -10.70 4.27 36.88
C LYS B 132 -11.98 3.51 37.18
N PRO B 133 -12.07 3.00 38.41
CA PRO B 133 -13.26 2.34 38.89
C PRO B 133 -14.51 3.17 38.57
N GLY B 134 -15.52 2.53 38.01
CA GLY B 134 -16.73 3.23 37.60
C GLY B 134 -16.86 3.49 36.10
N ASP B 135 -15.74 3.40 35.38
CA ASP B 135 -15.74 3.70 33.93
C ASP B 135 -16.51 2.62 33.17
N HIS B 136 -17.32 3.06 32.22
CA HIS B 136 -18.05 2.17 31.33
C HIS B 136 -17.18 1.79 30.13
N VAL B 137 -17.03 0.49 29.94
CA VAL B 137 -16.12 -0.05 28.94
C VAL B 137 -16.76 -1.11 28.05
N ILE B 138 -16.09 -1.32 26.92
CA ILE B 138 -16.29 -2.44 26.05
C ILE B 138 -14.95 -3.18 26.04
N VAL B 139 -15.01 -4.50 25.89
CA VAL B 139 -13.82 -5.30 25.86
C VAL B 139 -13.83 -6.02 24.55
N HIS B 140 -12.73 -5.88 23.80
CA HIS B 140 -12.54 -6.64 22.59
C HIS B 140 -11.50 -7.79 22.78
N PRO B 141 -11.51 -8.79 21.88
CA PRO B 141 -10.73 -10.03 22.16
C PRO B 141 -9.21 -10.06 21.99
N ALA B 142 -8.60 -9.03 21.40
CA ALA B 142 -7.15 -9.09 21.13
C ALA B 142 -6.28 -8.92 22.38
N HIS B 143 -5.84 -10.06 22.92
CA HIS B 143 -5.03 -10.17 24.13
C HIS B 143 -3.60 -10.36 23.65
N VAL B 144 -2.81 -9.28 23.72
CA VAL B 144 -1.54 -9.23 23.02
C VAL B 144 -0.44 -8.81 23.97
N ASP B 145 0.80 -9.06 23.54
CA ASP B 145 2.01 -8.66 24.25
C ASP B 145 2.59 -7.37 23.64
N GLU B 146 2.42 -6.28 24.37
CA GLU B 146 2.86 -4.94 23.97
C GLU B 146 4.37 -4.77 24.07
N GLN B 147 5.07 -5.80 24.53
CA GLN B 147 6.53 -5.77 24.58
C GLN B 147 7.19 -6.33 23.31
N GLU B 148 6.48 -7.21 22.63
CA GLU B 148 6.89 -7.82 21.37
C GLU B 148 6.99 -6.77 20.24
N PRO B 149 8.10 -6.78 19.48
CA PRO B 149 8.24 -5.78 18.39
C PRO B 149 7.12 -5.80 17.31
N ALA B 150 6.65 -6.98 16.89
CA ALA B 150 5.56 -7.09 15.89
C ALA B 150 4.25 -6.36 16.28
N THR B 151 3.90 -6.39 17.55
CA THR B 151 2.74 -5.65 18.08
C THR B 151 2.70 -4.17 17.65
N HIS B 152 3.88 -3.54 17.56
CA HIS B 152 4.03 -2.13 17.19
C HIS B 152 3.99 -1.84 15.68
N GLY B 153 3.79 -2.90 14.91
CA GLY B 153 3.54 -2.75 13.49
C GLY B 153 2.11 -3.15 13.20
N ASP B 154 1.57 -4.08 13.99
CA ASP B 154 0.21 -4.62 13.85
C ASP B 154 -0.11 -5.48 15.06
N GLY B 155 -1.02 -5.00 15.90
CA GLY B 155 -1.43 -5.74 17.08
C GLY B 155 -1.76 -7.20 16.88
N MET B 156 -2.30 -7.55 15.71
CA MET B 156 -2.67 -8.95 15.43
C MET B 156 -1.53 -9.91 15.03
N LEU B 157 -0.34 -9.35 14.77
CA LEU B 157 0.76 -10.10 14.17
C LEU B 157 1.75 -10.71 15.15
N GLY B 158 1.76 -10.21 16.38
CA GLY B 158 2.63 -10.72 17.44
C GLY B 158 2.51 -12.23 17.59
N THR B 159 3.58 -12.89 17.96
CA THR B 159 3.52 -14.32 18.27
C THR B 159 2.67 -14.62 19.52
N GLU B 160 2.65 -13.69 20.48
CA GLU B 160 1.85 -13.89 21.69
C GLU B 160 0.37 -13.47 21.56
N GLN B 161 -0.03 -13.01 20.38
CA GLN B 161 -1.42 -12.59 20.17
C GLN B 161 -2.39 -13.75 20.44
N ARG B 162 -3.41 -13.48 21.24
CA ARG B 162 -4.39 -14.50 21.63
C ARG B 162 -5.81 -13.94 21.63
N ALA B 163 -6.79 -14.82 21.43
CA ALA B 163 -8.19 -14.45 21.58
C ALA B 163 -8.59 -14.62 23.05
N TRP B 164 -9.07 -13.53 23.66
CA TRP B 164 -9.56 -13.53 25.02
C TRP B 164 -10.70 -14.52 25.25
N GLY B 165 -10.57 -15.30 26.33
CA GLY B 165 -11.58 -16.29 26.70
C GLY B 165 -11.64 -17.51 25.80
N PHE B 166 -10.70 -17.63 24.87
CA PHE B 166 -10.59 -18.82 23.97
C PHE B 166 -9.20 -19.46 24.14
N GLU B 167 -8.17 -18.64 23.94
CA GLU B 167 -6.78 -19.04 24.23
C GLU B 167 -6.27 -18.40 25.53
N THR B 168 -7.11 -17.62 26.20
CA THR B 168 -6.85 -17.18 27.57
C THR B 168 -8.04 -17.57 28.46
N ASN B 169 -7.82 -17.54 29.76
CA ASN B 169 -8.87 -17.75 30.74
C ASN B 169 -9.51 -16.40 31.10
N PHE B 170 -10.40 -16.44 32.10
CA PHE B 170 -11.09 -15.27 32.65
C PHE B 170 -11.81 -14.41 31.57
N GLY B 171 -12.58 -15.11 30.75
CA GLY B 171 -13.34 -14.52 29.67
C GLY B 171 -14.63 -13.85 30.13
N GLY B 172 -15.43 -13.41 29.17
CA GLY B 172 -16.57 -12.53 29.44
C GLY B 172 -17.86 -13.16 29.93
N LEU B 173 -18.06 -14.45 29.71
CA LEU B 173 -19.35 -15.06 30.08
C LEU B 173 -19.37 -15.42 31.58
N ALA B 174 -19.38 -14.36 32.39
CA ALA B 174 -19.21 -14.41 33.83
C ALA B 174 -19.53 -13.03 34.46
N GLU B 175 -19.66 -12.99 35.78
CA GLU B 175 -19.94 -11.75 36.50
C GLU B 175 -18.76 -10.77 36.40
N TYR B 176 -17.56 -11.34 36.24
CA TYR B 176 -16.30 -10.60 36.17
C TYR B 176 -15.38 -11.17 35.09
N GLY B 177 -14.62 -10.28 34.44
CA GLY B 177 -13.64 -10.69 33.43
C GLY B 177 -12.30 -10.04 33.76
N VAL B 178 -11.20 -10.74 33.49
CA VAL B 178 -9.90 -10.15 33.66
C VAL B 178 -9.29 -9.86 32.29
N VAL B 179 -8.88 -8.62 32.06
CA VAL B 179 -8.42 -8.20 30.72
C VAL B 179 -7.20 -7.30 30.76
N ARG B 180 -6.41 -7.30 29.68
CA ARG B 180 -5.35 -6.32 29.56
C ARG B 180 -5.98 -4.97 29.25
N ALA B 181 -5.34 -3.93 29.76
CA ALA B 181 -5.76 -2.56 29.53
C ALA B 181 -5.88 -2.22 28.04
N SER B 182 -5.09 -2.89 27.20
CA SER B 182 -5.16 -2.67 25.75
C SER B 182 -6.27 -3.50 25.07
N GLN B 183 -7.16 -4.11 25.86
CA GLN B 183 -8.40 -4.65 25.30
C GLN B 183 -9.61 -3.71 25.53
N LEU B 184 -9.40 -2.60 26.23
CA LEU B 184 -10.52 -1.76 26.71
C LEU B 184 -10.84 -0.57 25.82
N LEU B 185 -12.12 -0.31 25.60
CA LEU B 185 -12.52 0.93 24.96
C LEU B 185 -13.75 1.51 25.66
N PRO B 186 -13.95 2.83 25.56
CA PRO B 186 -15.15 3.47 26.13
C PRO B 186 -16.42 2.92 25.52
N LYS B 187 -17.38 2.55 26.38
CA LYS B 187 -18.73 2.17 25.93
C LYS B 187 -19.40 3.35 25.17
N PRO B 188 -19.95 3.10 23.96
CA PRO B 188 -20.86 4.05 23.29
C PRO B 188 -22.03 4.41 24.20
N ALA B 189 -22.08 5.66 24.65
CA ALA B 189 -23.04 6.06 25.69
C ALA B 189 -24.53 5.76 25.41
N HIS B 190 -24.94 5.83 24.14
CA HIS B 190 -26.35 5.68 23.77
C HIS B 190 -26.88 4.23 23.75
N LEU B 191 -25.98 3.26 23.84
CA LEU B 191 -26.38 1.85 23.83
C LEU B 191 -26.66 1.28 25.22
N THR B 192 -27.52 0.27 25.27
CA THR B 192 -27.67 -0.56 26.45
C THR B 192 -26.45 -1.48 26.58
N TRP B 193 -26.30 -2.09 27.76
CA TRP B 193 -25.24 -3.06 27.99
C TRP B 193 -25.23 -4.17 26.94
N GLU B 194 -26.39 -4.80 26.74
CA GLU B 194 -26.52 -5.90 25.81
C GLU B 194 -26.24 -5.44 24.36
N GLU B 195 -26.73 -4.27 23.99
CA GLU B 195 -26.44 -3.72 22.65
C GLU B 195 -24.96 -3.55 22.41
N ALA B 196 -24.25 -3.01 23.41
CA ALA B 196 -22.84 -2.68 23.31
C ALA B 196 -21.98 -3.94 23.27
N ALA B 197 -22.50 -4.99 23.91
CA ALA B 197 -21.76 -6.23 24.12
C ALA B 197 -21.62 -7.05 22.86
N VAL B 198 -22.63 -7.02 21.99
CA VAL B 198 -22.65 -7.94 20.83
C VAL B 198 -21.70 -7.61 19.68
N SER B 199 -21.10 -6.42 19.71
CA SER B 199 -20.31 -5.92 18.56
C SER B 199 -18.80 -6.22 18.44
N PRO B 200 -18.03 -6.03 19.51
CA PRO B 200 -16.56 -6.02 19.37
C PRO B 200 -15.91 -7.16 18.55
N LEU B 201 -16.19 -8.43 18.88
CA LEU B 201 -15.57 -9.49 18.10
C LEU B 201 -16.00 -9.42 16.62
N CYS B 202 -17.30 -9.54 16.36
CA CYS B 202 -17.81 -9.63 14.99
C CYS B 202 -17.60 -8.35 14.17
N ALA B 203 -17.97 -7.20 14.73
CA ALA B 203 -17.79 -5.95 14.01
C ALA B 203 -16.31 -5.62 13.78
N GLY B 204 -15.45 -5.89 14.77
CA GLY B 204 -13.99 -5.66 14.62
C GLY B 204 -13.38 -6.53 13.52
N THR B 205 -13.77 -7.81 13.53
CA THR B 205 -13.30 -8.78 12.53
C THR B 205 -13.68 -8.33 11.10
N ALA B 206 -14.97 -8.01 10.92
CA ALA B 206 -15.51 -7.50 9.66
C ALA B 206 -14.82 -6.20 9.25
N TYR B 207 -14.56 -5.34 10.22
CA TYR B 207 -13.86 -4.10 9.95
C TYR B 207 -12.46 -4.37 9.39
N ARG B 208 -11.74 -5.27 10.07
CA ARG B 208 -10.42 -5.62 9.61
C ARG B 208 -10.50 -6.22 8.20
N MET B 209 -11.42 -7.13 7.99
CA MET B 209 -11.56 -7.78 6.69
C MET B 209 -11.87 -6.80 5.54
N LEU B 210 -12.67 -5.77 5.81
CA LEU B 210 -13.28 -4.96 4.76
C LEU B 210 -12.84 -3.51 4.66
N VAL B 211 -12.69 -2.84 5.79
CA VAL B 211 -12.45 -1.40 5.82
C VAL B 211 -10.97 -1.05 5.98
N SER B 212 -10.34 -1.72 6.94
CA SER B 212 -8.95 -1.44 7.32
C SER B 212 -7.94 -1.61 6.18
N ASP B 213 -6.78 -0.95 6.29
CA ASP B 213 -5.70 -1.20 5.33
C ASP B 213 -5.02 -2.59 5.48
N ARG B 214 -5.36 -3.36 6.51
CA ARG B 214 -4.71 -4.65 6.70
C ARG B 214 -5.59 -5.76 6.12
N GLY B 215 -6.66 -5.38 5.45
CA GLY B 215 -7.57 -6.37 4.85
C GLY B 215 -7.79 -6.07 3.39
N ALA B 216 -9.01 -6.30 2.93
CA ALA B 216 -9.43 -6.02 1.56
C ALA B 216 -9.40 -4.54 1.22
N GLN B 217 -9.61 -3.70 2.24
CA GLN B 217 -9.69 -2.24 2.10
C GLN B 217 -10.59 -1.79 0.95
N MET B 218 -11.89 -1.89 1.14
CA MET B 218 -12.87 -1.55 0.10
C MET B 218 -12.84 -0.06 -0.19
N LYS B 219 -13.53 0.35 -1.25
CA LYS B 219 -13.68 1.76 -1.52
C LYS B 219 -15.10 1.97 -2.02
N GLN B 220 -15.56 3.20 -2.04
CA GLN B 220 -16.92 3.45 -2.53
C GLN B 220 -17.02 2.94 -3.97
N GLY B 221 -18.17 2.35 -4.30
CA GLY B 221 -18.39 1.80 -5.63
C GLY B 221 -17.99 0.34 -5.82
N ASP B 222 -17.22 -0.25 -4.90
CA ASP B 222 -16.85 -1.69 -4.98
C ASP B 222 -18.13 -2.53 -4.83
N ILE B 223 -18.22 -3.64 -5.57
CA ILE B 223 -19.25 -4.63 -5.36
C ILE B 223 -18.69 -5.74 -4.44
N VAL B 224 -19.41 -6.05 -3.38
CA VAL B 224 -18.95 -7.02 -2.39
C VAL B 224 -19.98 -8.14 -2.21
N LEU B 225 -19.59 -9.36 -2.54
CA LEU B 225 -20.41 -10.54 -2.30
C LEU B 225 -20.21 -11.03 -0.88
N ILE B 226 -21.31 -11.18 -0.13
CA ILE B 226 -21.23 -11.53 1.28
C ILE B 226 -21.96 -12.83 1.53
N TRP B 227 -21.19 -13.89 1.75
CA TRP B 227 -21.74 -15.20 2.08
C TRP B 227 -22.24 -15.20 3.52
N GLY B 228 -23.26 -16.00 3.81
CA GLY B 228 -23.79 -16.16 5.16
C GLY B 228 -24.10 -14.79 5.76
N ALA B 229 -24.83 -13.98 5.00
CA ALA B 229 -24.93 -12.55 5.29
C ALA B 229 -25.78 -12.18 6.49
N SER B 230 -26.65 -13.11 6.93
CA SER B 230 -27.59 -12.84 8.01
C SER B 230 -27.04 -13.17 9.40
N GLY B 231 -25.85 -13.77 9.43
CA GLY B 231 -25.19 -14.12 10.69
C GLY B 231 -24.44 -12.95 11.32
N GLY B 232 -23.70 -13.24 12.38
CA GLY B 232 -23.04 -12.18 13.15
C GLY B 232 -22.06 -11.36 12.33
N LEU B 233 -21.20 -12.05 11.59
CA LEU B 233 -20.19 -11.38 10.77
C LEU B 233 -20.80 -10.68 9.58
N GLY B 234 -21.72 -11.36 8.88
CA GLY B 234 -22.33 -10.80 7.67
C GLY B 234 -23.14 -9.56 7.99
N SER B 235 -23.71 -9.52 9.20
CA SER B 235 -24.55 -8.41 9.66
C SER B 235 -23.79 -7.10 9.77
N TYR B 236 -22.54 -7.18 10.23
CA TYR B 236 -21.68 -6.01 10.27
C TYR B 236 -21.05 -5.74 8.88
N ALA B 237 -20.73 -6.80 8.12
CA ALA B 237 -20.14 -6.65 6.79
C ALA B 237 -21.06 -5.89 5.84
N ILE B 238 -22.35 -6.20 5.88
CA ILE B 238 -23.37 -5.47 5.13
C ILE B 238 -23.36 -3.99 5.49
N GLN B 239 -23.30 -3.73 6.80
CA GLN B 239 -23.34 -2.37 7.31
C GLN B 239 -22.11 -1.55 6.94
N PHE B 240 -20.91 -2.13 7.10
CA PHE B 240 -19.68 -1.45 6.69
C PHE B 240 -19.70 -1.19 5.18
N VAL B 241 -20.23 -2.11 4.39
CA VAL B 241 -20.22 -1.95 2.94
C VAL B 241 -21.13 -0.78 2.50
N LYS B 242 -22.38 -0.78 2.96
CA LYS B 242 -23.28 0.36 2.71
C LYS B 242 -22.66 1.71 3.15
N ASN B 243 -22.19 1.75 4.40
CA ASN B 243 -21.64 2.98 4.97
C ASN B 243 -20.47 3.56 4.19
N GLY B 244 -19.66 2.66 3.60
CA GLY B 244 -18.47 2.98 2.82
C GLY B 244 -18.81 3.33 1.40
N GLY B 245 -20.09 3.25 1.05
CA GLY B 245 -20.54 3.54 -0.29
C GLY B 245 -20.30 2.39 -1.25
N GLY B 246 -20.11 1.19 -0.72
CA GLY B 246 -20.04 -0.01 -1.55
C GLY B 246 -21.42 -0.58 -1.87
N ILE B 247 -21.43 -1.70 -2.58
CA ILE B 247 -22.65 -2.34 -3.03
C ILE B 247 -22.62 -3.80 -2.63
N PRO B 248 -23.32 -4.13 -1.52
CA PRO B 248 -23.37 -5.47 -0.96
C PRO B 248 -24.37 -6.34 -1.73
N VAL B 249 -23.97 -7.58 -1.97
CA VAL B 249 -24.85 -8.59 -2.52
C VAL B 249 -24.76 -9.74 -1.53
N ALA B 250 -25.87 -10.00 -0.85
CA ALA B 250 -25.93 -11.03 0.19
C ALA B 250 -26.39 -12.38 -0.33
N VAL B 251 -25.81 -13.44 0.22
CA VAL B 251 -26.29 -14.80 -0.01
C VAL B 251 -26.90 -15.33 1.29
N VAL B 252 -28.15 -15.75 1.19
CA VAL B 252 -28.89 -16.32 2.32
C VAL B 252 -29.48 -17.64 1.89
N SER B 253 -29.91 -18.44 2.87
CA SER B 253 -30.49 -19.75 2.56
C SER B 253 -31.97 -19.89 2.92
N SER B 254 -32.58 -18.86 3.50
CA SER B 254 -34.00 -18.91 3.82
C SER B 254 -34.74 -17.58 3.71
N ALA B 255 -36.07 -17.67 3.66
CA ALA B 255 -36.95 -16.51 3.70
C ALA B 255 -36.63 -15.60 4.88
N GLN B 256 -36.53 -16.18 6.07
CA GLN B 256 -36.22 -15.42 7.30
C GLN B 256 -34.82 -14.79 7.30
N LYS B 257 -33.85 -15.49 6.72
CA LYS B 257 -32.51 -14.95 6.60
C LYS B 257 -32.52 -13.81 5.59
N GLU B 258 -33.25 -13.99 4.48
CA GLU B 258 -33.45 -12.91 3.53
C GLU B 258 -34.06 -11.69 4.20
N ALA B 259 -35.00 -11.91 5.12
CA ALA B 259 -35.69 -10.80 5.82
C ALA B 259 -34.71 -10.03 6.70
N ALA B 260 -33.81 -10.76 7.34
CA ALA B 260 -32.79 -10.16 8.21
C ALA B 260 -31.86 -9.23 7.43
N VAL B 261 -31.37 -9.67 6.27
CA VAL B 261 -30.42 -8.85 5.50
C VAL B 261 -31.08 -7.60 4.90
N ARG B 262 -32.38 -7.72 4.58
CA ARG B 262 -33.15 -6.58 4.10
C ARG B 262 -33.35 -5.54 5.20
N ALA B 263 -33.60 -6.01 6.42
CA ALA B 263 -33.61 -5.16 7.62
C ALA B 263 -32.32 -4.35 7.84
N LEU B 264 -31.19 -4.87 7.35
CA LEU B 264 -29.91 -4.15 7.42
C LEU B 264 -29.67 -3.31 6.15
N GLY B 265 -30.62 -3.38 5.22
CA GLY B 265 -30.59 -2.51 4.06
C GLY B 265 -29.84 -3.09 2.88
N CYS B 266 -29.71 -4.41 2.88
CA CYS B 266 -29.17 -5.09 1.73
C CYS B 266 -30.34 -5.50 0.88
N ASP B 267 -30.54 -4.81 -0.23
CA ASP B 267 -31.63 -5.14 -1.14
C ASP B 267 -31.23 -6.08 -2.28
N LEU B 268 -29.94 -6.19 -2.56
CA LEU B 268 -29.46 -7.19 -3.52
C LEU B 268 -29.23 -8.52 -2.78
N VAL B 269 -30.13 -9.47 -3.02
CA VAL B 269 -30.14 -10.75 -2.29
C VAL B 269 -30.22 -11.97 -3.21
N ILE B 270 -29.27 -12.89 -3.02
CA ILE B 270 -29.26 -14.16 -3.75
C ILE B 270 -29.55 -15.31 -2.80
N ASN B 271 -30.54 -16.13 -3.17
CA ASN B 271 -30.85 -17.32 -2.40
C ASN B 271 -29.97 -18.50 -2.80
N ARG B 272 -29.32 -19.09 -1.81
CA ARG B 272 -28.44 -20.24 -2.00
C ARG B 272 -29.10 -21.40 -2.78
N ALA B 273 -30.43 -21.50 -2.72
CA ALA B 273 -31.18 -22.58 -3.36
C ALA B 273 -30.99 -22.75 -4.88
N GLU B 274 -30.55 -21.73 -5.61
CA GLU B 274 -30.03 -21.98 -6.96
C GLU B 274 -28.64 -22.61 -6.91
N LEU B 275 -28.63 -23.92 -6.65
CA LEU B 275 -27.45 -24.82 -6.75
C LEU B 275 -26.91 -25.40 -5.44
N GLY B 276 -26.34 -24.54 -4.58
CA GLY B 276 -25.57 -24.98 -3.43
C GLY B 276 -26.44 -25.58 -2.32
N PRO B 285 -15.60 -31.24 -7.30
CA PRO B 285 -15.87 -31.84 -8.61
C PRO B 285 -16.11 -30.78 -9.70
N ARG B 286 -16.46 -31.23 -10.90
CA ARG B 286 -16.75 -30.34 -12.04
C ARG B 286 -17.96 -29.43 -11.82
N ARG B 287 -18.76 -29.75 -10.80
CA ARG B 287 -19.97 -29.00 -10.47
C ARG B 287 -19.64 -27.65 -9.79
N VAL B 288 -18.50 -27.58 -9.12
CA VAL B 288 -18.04 -26.35 -8.48
C VAL B 288 -17.71 -25.29 -9.54
N VAL B 289 -17.02 -25.71 -10.60
CA VAL B 289 -16.72 -24.83 -11.72
C VAL B 289 -18.04 -24.26 -12.23
N GLU B 290 -18.96 -25.16 -12.58
CA GLU B 290 -20.26 -24.79 -13.16
C GLU B 290 -21.10 -23.85 -12.26
N THR B 291 -21.33 -24.25 -11.01
CA THR B 291 -22.01 -23.41 -10.01
C THR B 291 -21.46 -21.97 -9.97
N GLY B 292 -20.13 -21.85 -10.03
CA GLY B 292 -19.47 -20.54 -10.03
C GLY B 292 -19.89 -19.65 -11.17
N ARG B 293 -20.02 -20.25 -12.36
CA ARG B 293 -20.50 -19.53 -13.54
C ARG B 293 -21.94 -19.06 -13.32
N LYS B 294 -22.76 -19.93 -12.73
CA LYS B 294 -24.13 -19.56 -12.38
C LYS B 294 -24.10 -18.35 -11.43
N LEU B 295 -23.43 -18.49 -10.30
CA LEU B 295 -23.29 -17.39 -9.33
C LEU B 295 -22.79 -16.08 -9.96
N ALA B 296 -21.72 -16.16 -10.75
CA ALA B 296 -21.15 -14.97 -11.39
C ALA B 296 -22.17 -14.25 -12.27
N LYS B 297 -22.97 -15.03 -13.00
CA LYS B 297 -24.01 -14.50 -13.87
C LYS B 297 -25.08 -13.74 -13.07
N LEU B 298 -25.46 -14.28 -11.90
CA LEU B 298 -26.41 -13.64 -11.00
C LEU B 298 -25.90 -12.34 -10.39
N VAL B 299 -24.62 -12.29 -10.02
CA VAL B 299 -24.04 -11.06 -9.49
C VAL B 299 -24.04 -9.94 -10.55
N VAL B 300 -23.59 -10.26 -11.77
CA VAL B 300 -23.62 -9.33 -12.90
C VAL B 300 -25.05 -8.82 -13.16
N GLU B 301 -26.01 -9.75 -13.16
CA GLU B 301 -27.42 -9.44 -13.31
C GLU B 301 -27.89 -8.47 -12.23
N LYS B 302 -27.55 -8.75 -10.97
CA LYS B 302 -28.07 -7.96 -9.87
C LYS B 302 -27.29 -6.67 -9.62
N ALA B 303 -25.98 -6.72 -9.74
CA ALA B 303 -25.14 -5.58 -9.35
C ALA B 303 -24.51 -4.82 -10.51
N GLY B 304 -24.32 -5.50 -11.65
CA GLY B 304 -23.80 -4.85 -12.85
C GLY B 304 -22.43 -5.30 -13.31
N ARG B 305 -21.67 -5.91 -12.39
CA ARG B 305 -20.33 -6.47 -12.66
C ARG B 305 -20.08 -7.64 -11.71
N GLU B 306 -19.00 -8.38 -11.94
CA GLU B 306 -18.50 -9.42 -11.02
C GLU B 306 -18.05 -8.77 -9.71
N PRO B 307 -17.99 -9.55 -8.62
CA PRO B 307 -17.64 -8.79 -7.41
C PRO B 307 -16.16 -8.42 -7.31
N ASP B 308 -15.90 -7.24 -6.73
CA ASP B 308 -14.56 -6.71 -6.51
C ASP B 308 -13.90 -7.39 -5.32
N ILE B 309 -14.71 -7.76 -4.33
CA ILE B 309 -14.28 -8.39 -3.10
C ILE B 309 -15.34 -9.44 -2.77
N VAL B 310 -14.91 -10.64 -2.40
CA VAL B 310 -15.83 -11.66 -1.88
C VAL B 310 -15.52 -11.87 -0.40
N PHE B 311 -16.55 -11.85 0.44
CA PHE B 311 -16.41 -11.98 1.87
C PHE B 311 -16.94 -13.36 2.29
N GLU B 312 -16.10 -14.23 2.84
CA GLU B 312 -16.57 -15.54 3.25
C GLU B 312 -15.98 -16.03 4.58
N HIS B 313 -16.72 -16.89 5.26
CA HIS B 313 -16.40 -17.20 6.66
C HIS B 313 -16.71 -18.62 7.16
N THR B 314 -17.44 -19.41 6.38
CA THR B 314 -17.65 -20.85 6.76
C THR B 314 -16.35 -21.64 6.59
N GLY B 315 -15.72 -21.45 5.43
CA GLY B 315 -14.58 -22.24 5.02
C GLY B 315 -14.97 -23.50 4.31
N ARG B 316 -16.26 -23.65 4.03
CA ARG B 316 -16.78 -24.82 3.33
C ARG B 316 -16.73 -24.55 1.83
N VAL B 317 -17.68 -25.12 1.09
CA VAL B 317 -17.75 -25.01 -0.37
C VAL B 317 -17.67 -23.56 -0.88
N THR B 318 -18.23 -22.64 -0.09
CA THR B 318 -18.29 -21.24 -0.45
C THR B 318 -16.91 -20.64 -0.73
N PHE B 319 -15.86 -21.24 -0.16
CA PHE B 319 -14.52 -20.72 -0.37
C PHE B 319 -14.00 -20.94 -1.79
N GLY B 320 -14.24 -22.13 -2.32
CA GLY B 320 -13.82 -22.46 -3.67
C GLY B 320 -14.52 -21.59 -4.69
N LEU B 321 -15.82 -21.41 -4.49
CA LEU B 321 -16.67 -20.57 -5.34
C LEU B 321 -16.22 -19.12 -5.33
N SER B 322 -15.83 -18.62 -4.16
CA SER B 322 -15.40 -17.23 -3.98
C SER B 322 -14.26 -16.87 -4.94
N VAL B 323 -13.30 -17.79 -5.03
CA VAL B 323 -12.15 -17.68 -5.92
C VAL B 323 -12.60 -17.66 -7.38
N ILE B 324 -13.55 -18.53 -7.75
CA ILE B 324 -14.11 -18.53 -9.12
C ILE B 324 -14.69 -17.17 -9.46
N VAL B 325 -15.65 -16.69 -8.66
CA VAL B 325 -16.47 -15.54 -9.07
C VAL B 325 -15.86 -14.14 -8.88
N ALA B 326 -14.81 -14.00 -8.06
CA ALA B 326 -14.17 -12.71 -7.88
C ALA B 326 -13.65 -12.22 -9.23
N ARG B 327 -13.79 -10.93 -9.48
CA ARG B 327 -13.28 -10.33 -10.72
C ARG B 327 -11.77 -10.50 -10.87
N ARG B 328 -11.27 -10.42 -12.10
CA ARG B 328 -9.82 -10.41 -12.37
C ARG B 328 -9.17 -9.30 -11.55
N GLY B 329 -8.13 -9.66 -10.79
CA GLY B 329 -7.54 -8.74 -9.83
C GLY B 329 -8.38 -8.54 -8.58
N GLY B 330 -9.35 -9.42 -8.35
CA GLY B 330 -10.26 -9.28 -7.20
C GLY B 330 -9.62 -9.83 -5.93
N THR B 331 -10.30 -9.69 -4.79
CA THR B 331 -9.78 -10.18 -3.51
C THR B 331 -10.82 -11.02 -2.78
N VAL B 332 -10.41 -12.18 -2.27
CA VAL B 332 -11.25 -12.98 -1.39
C VAL B 332 -10.72 -12.88 0.02
N VAL B 333 -11.54 -12.44 0.96
CA VAL B 333 -11.11 -12.36 2.35
C VAL B 333 -11.90 -13.41 3.14
N THR B 334 -11.18 -14.18 3.95
CA THR B 334 -11.73 -15.41 4.52
C THR B 334 -11.27 -15.70 5.95
N CYS B 335 -11.97 -16.62 6.61
CA CYS B 335 -11.71 -17.05 7.99
C CYS B 335 -11.27 -18.52 8.14
N GLY B 336 -11.90 -19.44 7.41
CA GLY B 336 -12.05 -20.82 7.93
C GLY B 336 -11.49 -22.11 7.35
N SER B 337 -10.23 -22.13 6.90
CA SER B 337 -9.57 -23.40 6.47
C SER B 337 -8.05 -23.45 6.69
N ASP B 346 -8.79 -25.88 -8.97
CA ASP B 346 -8.40 -25.25 -10.23
C ASP B 346 -7.53 -24.01 -9.97
N ASN B 347 -6.21 -24.21 -10.10
CA ASN B 347 -5.18 -23.19 -9.91
C ASN B 347 -5.39 -21.90 -10.72
N ARG B 348 -5.95 -22.06 -11.92
CA ARG B 348 -6.11 -20.99 -12.91
C ARG B 348 -7.02 -19.84 -12.46
N TYR B 349 -7.96 -20.14 -11.57
CA TYR B 349 -8.81 -19.12 -10.98
C TYR B 349 -8.05 -18.25 -10.01
N LEU B 350 -6.85 -18.67 -9.64
CA LEU B 350 -6.01 -17.87 -8.76
C LEU B 350 -4.96 -17.08 -9.55
N TRP B 351 -4.10 -17.80 -10.26
CA TRP B 351 -2.96 -17.13 -10.89
C TRP B 351 -3.24 -16.52 -12.25
N MET B 352 -4.09 -17.16 -13.06
CA MET B 352 -4.41 -16.70 -14.43
C MET B 352 -5.18 -15.39 -14.39
N LYS B 353 -6.00 -15.24 -13.36
CA LYS B 353 -6.84 -14.05 -13.20
C LYS B 353 -6.28 -13.19 -12.05
N LEU B 354 -5.00 -13.43 -11.73
CA LEU B 354 -4.28 -12.60 -10.79
C LEU B 354 -5.17 -12.17 -9.61
N LYS B 355 -5.63 -13.10 -8.79
CA LYS B 355 -6.52 -12.75 -7.71
C LYS B 355 -5.76 -12.81 -6.39
N LYS B 356 -6.34 -12.26 -5.33
CA LYS B 356 -5.72 -12.29 -4.00
C LYS B 356 -6.66 -12.89 -2.97
N ILE B 357 -6.09 -13.63 -2.03
CA ILE B 357 -6.83 -14.23 -0.91
C ILE B 357 -6.26 -13.70 0.39
N VAL B 358 -7.08 -13.05 1.20
CA VAL B 358 -6.59 -12.53 2.45
C VAL B 358 -7.23 -13.30 3.62
N GLY B 359 -6.38 -14.04 4.35
CA GLY B 359 -6.82 -14.80 5.51
C GLY B 359 -6.79 -13.85 6.68
N SER B 360 -7.91 -13.70 7.36
CA SER B 360 -8.01 -12.72 8.43
C SER B 360 -8.85 -13.19 9.61
N HIS B 361 -8.50 -12.75 10.81
CA HIS B 361 -9.42 -12.85 11.91
C HIS B 361 -9.10 -11.75 12.91
N GLY B 362 -10.06 -11.48 13.79
CA GLY B 362 -9.92 -10.45 14.80
C GLY B 362 -9.63 -9.06 14.29
N ALA B 363 -8.99 -8.26 15.15
CA ALA B 363 -8.67 -6.87 14.84
C ALA B 363 -7.82 -6.34 15.97
N ASN B 364 -6.86 -5.50 15.64
CA ASN B 364 -5.99 -4.92 16.65
C ASN B 364 -6.65 -3.73 17.34
N HIS B 365 -6.02 -3.22 18.40
CA HIS B 365 -6.59 -2.17 19.21
C HIS B 365 -6.92 -0.88 18.42
N GLU B 366 -6.12 -0.54 17.41
CA GLU B 366 -6.41 0.60 16.54
C GLU B 366 -7.67 0.41 15.71
N GLU B 367 -7.78 -0.75 15.06
CA GLU B 367 -8.99 -1.12 14.30
C GLU B 367 -10.27 -1.15 15.18
N GLN B 368 -10.14 -1.58 16.43
CA GLN B 368 -11.30 -1.69 17.30
C GLN B 368 -11.77 -0.29 17.72
N GLN B 369 -10.82 0.64 17.91
CA GLN B 369 -11.15 2.03 18.17
C GLN B 369 -11.87 2.66 16.96
N ALA B 370 -11.39 2.36 15.75
CA ALA B 370 -12.04 2.86 14.53
C ALA B 370 -13.48 2.32 14.44
N THR B 371 -13.65 1.03 14.70
CA THR B 371 -14.95 0.37 14.70
C THR B 371 -15.87 1.01 15.76
N ASN B 372 -15.31 1.27 16.94
CA ASN B 372 -16.05 1.93 18.03
C ASN B 372 -16.54 3.31 17.64
N ARG B 373 -15.70 4.10 16.97
CA ARG B 373 -16.05 5.45 16.50
C ARG B 373 -17.23 5.45 15.52
N LEU B 374 -17.34 4.39 14.74
CA LEU B 374 -18.50 4.19 13.88
C LEU B 374 -19.82 3.87 14.63
N PHE B 375 -19.71 3.20 15.78
CA PHE B 375 -20.89 2.96 16.63
C PHE B 375 -21.25 4.22 17.44
N GLU B 376 -20.22 4.97 17.87
CA GLU B 376 -20.44 6.17 18.68
C GLU B 376 -21.23 7.22 17.90
N SER B 377 -21.06 7.26 16.58
CA SER B 377 -21.80 8.16 15.68
C SER B 377 -23.16 7.63 15.19
N GLY B 378 -23.46 6.35 15.44
CA GLY B 378 -24.66 5.70 14.88
C GLY B 378 -24.61 5.39 13.38
N ALA B 379 -23.44 5.53 12.76
CA ALA B 379 -23.30 5.18 11.35
C ALA B 379 -23.49 3.67 11.17
N VAL B 380 -23.18 2.92 12.22
CA VAL B 380 -23.33 1.47 12.25
C VAL B 380 -24.04 1.16 13.58
N VAL B 381 -24.84 0.10 13.58
CA VAL B 381 -25.71 -0.24 14.71
C VAL B 381 -25.52 -1.68 15.11
N PRO B 382 -25.84 -2.01 16.38
CA PRO B 382 -25.67 -3.41 16.78
C PRO B 382 -26.65 -4.36 16.07
N ALA B 383 -26.22 -5.61 15.94
CA ALA B 383 -26.95 -6.64 15.26
C ALA B 383 -27.65 -7.57 16.26
N MET B 384 -28.03 -7.05 17.42
CA MET B 384 -28.64 -7.89 18.46
C MET B 384 -30.04 -8.34 18.06
N SER B 385 -30.27 -9.64 18.15
CA SER B 385 -31.58 -10.21 17.78
C SER B 385 -32.24 -10.94 18.94
N ALA B 386 -31.47 -11.22 20.01
CA ALA B 386 -31.99 -11.98 21.15
C ALA B 386 -31.15 -11.76 22.40
N VAL B 387 -31.77 -11.93 23.56
CA VAL B 387 -31.09 -11.76 24.85
C VAL B 387 -31.43 -12.96 25.76
N TYR B 388 -30.41 -13.57 26.35
CA TYR B 388 -30.60 -14.63 27.34
C TYR B 388 -29.96 -14.18 28.64
N PRO B 389 -30.58 -14.51 29.80
CA PRO B 389 -29.85 -14.32 31.07
C PRO B 389 -28.64 -15.26 31.20
N LEU B 390 -27.69 -14.92 32.07
CA LEU B 390 -26.53 -15.80 32.27
C LEU B 390 -26.92 -17.23 32.69
N ALA B 391 -27.94 -17.37 33.53
CA ALA B 391 -28.46 -18.70 33.89
C ALA B 391 -28.89 -19.56 32.68
N GLU B 392 -29.18 -18.91 31.56
CA GLU B 392 -29.54 -19.63 30.34
C GLU B 392 -28.46 -19.54 29.24
N ALA B 393 -27.22 -19.23 29.63
CA ALA B 393 -26.15 -19.03 28.64
C ALA B 393 -25.80 -20.30 27.86
N ALA B 394 -25.98 -21.46 28.48
CA ALA B 394 -25.79 -22.71 27.75
C ALA B 394 -26.78 -22.87 26.57
N GLU B 395 -28.03 -22.47 26.77
CA GLU B 395 -29.04 -22.58 25.70
C GLU B 395 -28.80 -21.53 24.61
N ALA B 396 -28.28 -20.37 24.96
CA ALA B 396 -27.89 -19.38 23.95
C ALA B 396 -26.76 -19.92 23.07
N CYS B 397 -25.79 -20.61 23.69
CA CYS B 397 -24.74 -21.31 22.96
C CYS B 397 -25.27 -22.38 21.99
N ARG B 398 -26.27 -23.15 22.43
CA ARG B 398 -26.90 -24.19 21.60
C ARG B 398 -27.62 -23.61 20.38
N VAL B 399 -28.38 -22.55 20.61
CA VAL B 399 -29.01 -21.78 19.56
C VAL B 399 -28.01 -21.32 18.48
N VAL B 400 -26.88 -20.74 18.88
CA VAL B 400 -25.81 -20.46 17.90
C VAL B 400 -25.23 -21.75 17.28
N GLN B 401 -25.02 -22.80 18.09
CA GLN B 401 -24.48 -24.06 17.58
C GLN B 401 -25.36 -24.68 16.46
N THR B 402 -26.67 -24.54 16.60
CA THR B 402 -27.63 -25.10 15.64
C THR B 402 -28.07 -24.09 14.58
N SER B 403 -27.40 -22.93 14.52
CA SER B 403 -27.71 -21.86 13.56
C SER B 403 -29.19 -21.45 13.56
N ARG B 404 -29.76 -21.26 14.74
CA ARG B 404 -31.16 -20.84 14.88
C ARG B 404 -31.35 -19.33 15.00
N GLN B 405 -30.23 -18.60 14.94
CA GLN B 405 -30.20 -17.15 15.10
C GLN B 405 -29.93 -16.43 13.79
N VAL B 406 -30.34 -15.17 13.73
CA VAL B 406 -29.75 -14.22 12.78
C VAL B 406 -29.02 -13.21 13.66
N GLY B 407 -28.03 -12.50 13.10
CA GLY B 407 -27.29 -11.50 13.85
C GLY B 407 -26.59 -12.06 15.07
N LYS B 408 -26.72 -11.38 16.21
CA LYS B 408 -26.03 -11.75 17.44
C LYS B 408 -26.96 -12.06 18.60
N VAL B 409 -26.54 -13.02 19.41
CA VAL B 409 -27.21 -13.39 20.64
C VAL B 409 -26.37 -12.86 21.81
N ALA B 410 -26.98 -11.95 22.56
CA ALA B 410 -26.40 -11.36 23.77
C ALA B 410 -26.78 -12.17 25.02
N VAL B 411 -25.97 -12.02 26.07
CA VAL B 411 -26.20 -12.70 27.35
C VAL B 411 -26.04 -11.62 28.42
N LEU B 412 -27.07 -11.42 29.23
CA LEU B 412 -26.94 -10.52 30.39
C LEU B 412 -26.13 -11.23 31.45
N CYS B 413 -25.14 -10.54 32.02
CA CYS B 413 -24.32 -11.18 33.03
C CYS B 413 -24.73 -10.66 34.42
N MET B 414 -24.03 -9.63 34.91
CA MET B 414 -24.41 -8.94 36.14
C MET B 414 -25.63 -7.98 35.99
N ALA B 415 -25.94 -7.52 34.78
CA ALA B 415 -27.14 -6.68 34.57
C ALA B 415 -28.41 -7.46 34.89
N PRO B 416 -29.25 -6.94 35.81
CA PRO B 416 -30.39 -7.75 36.25
C PRO B 416 -31.56 -7.76 35.27
N GLU B 417 -31.59 -6.79 34.35
CA GLU B 417 -32.61 -6.77 33.31
C GLU B 417 -32.11 -6.13 32.02
N GLN B 418 -32.92 -6.26 30.98
CA GLN B 418 -32.68 -5.57 29.73
C GLN B 418 -32.95 -4.08 29.84
N GLY B 419 -32.33 -3.30 28.95
CA GLY B 419 -32.62 -1.88 28.82
C GLY B 419 -31.78 -0.97 29.69
N LEU B 420 -30.88 -1.52 30.50
CA LEU B 420 -30.04 -0.69 31.36
C LEU B 420 -28.74 -0.24 30.68
N GLY B 421 -28.11 0.80 31.22
CA GLY B 421 -26.78 1.22 30.78
C GLY B 421 -26.67 2.38 29.82
N VAL B 422 -27.80 2.89 29.37
CA VAL B 422 -27.80 4.08 28.53
C VAL B 422 -27.41 5.33 29.34
N THR B 423 -26.29 5.93 28.99
CA THR B 423 -25.86 7.15 29.66
C THR B 423 -25.93 8.41 28.76
N ASP B 424 -26.31 8.24 27.49
CA ASP B 424 -26.72 9.39 26.62
C ASP B 424 -28.12 9.17 26.03
N PRO B 425 -29.17 9.33 26.85
CA PRO B 425 -30.53 9.06 26.33
C PRO B 425 -30.98 9.98 25.18
N ASP B 426 -30.53 11.24 25.20
CA ASP B 426 -30.89 12.19 24.15
C ASP B 426 -30.41 11.72 22.79
N LEU B 427 -29.15 11.26 22.73
CA LEU B 427 -28.62 10.72 21.49
C LEU B 427 -29.44 9.50 21.05
N ARG B 428 -29.72 8.60 21.97
CA ARG B 428 -30.47 7.37 21.67
C ARG B 428 -31.82 7.72 21.04
N ALA B 429 -32.52 8.67 21.64
CA ALA B 429 -33.76 9.25 21.10
C ALA B 429 -33.65 9.81 19.67
N ARG B 430 -32.57 10.55 19.42
CA ARG B 430 -32.29 11.16 18.13
C ARG B 430 -32.11 10.10 17.04
N LEU B 431 -31.34 9.06 17.38
CA LEU B 431 -31.08 7.92 16.49
C LEU B 431 -32.30 6.97 16.33
N GLY B 432 -33.04 6.73 17.42
CA GLY B 432 -34.22 5.87 17.38
C GLY B 432 -33.97 4.44 17.85
N GLU B 433 -34.73 4.02 18.86
CA GLU B 433 -34.67 2.66 19.43
C GLU B 433 -34.65 1.58 18.35
N ASP B 434 -35.50 1.74 17.34
CA ASP B 434 -35.67 0.74 16.28
C ASP B 434 -34.56 0.70 15.24
N ARG B 435 -34.15 1.89 14.79
CA ARG B 435 -32.94 2.06 14.01
C ARG B 435 -31.80 1.30 14.69
N LEU B 436 -31.72 1.42 16.00
CA LEU B 436 -30.66 0.80 16.77
C LEU B 436 -30.77 -0.72 16.86
N ASN B 437 -31.98 -1.25 16.64
CA ASN B 437 -32.27 -2.68 16.80
C ASN B 437 -33.01 -3.29 15.61
N PRO B 438 -32.39 -3.26 14.41
CA PRO B 438 -33.06 -3.72 13.18
C PRO B 438 -33.43 -5.20 13.18
N LEU B 439 -32.74 -6.00 14.00
CA LEU B 439 -32.98 -7.43 14.02
C LEU B 439 -33.78 -7.91 15.24
N ARG B 440 -34.38 -6.98 15.99
CA ARG B 440 -35.15 -7.36 17.20
C ARG B 440 -36.26 -8.38 16.92
N GLY B 441 -36.27 -9.47 17.71
CA GLY B 441 -37.33 -10.50 17.66
C GLY B 441 -37.26 -11.46 16.48
N LEU B 442 -36.27 -11.27 15.61
CA LEU B 442 -36.09 -12.11 14.42
C LEU B 442 -35.29 -13.37 14.74
N THR B 443 -35.63 -14.46 14.05
CA THR B 443 -34.85 -15.71 14.14
C THR B 443 -34.74 -16.38 12.76
N ALA B 444 -34.08 -17.55 12.73
CA ALA B 444 -33.88 -18.32 11.51
C ALA B 444 -34.89 -19.46 11.38
N SER C 1 15.52 -13.93 -48.14
CA SER C 1 15.07 -12.59 -48.60
C SER C 1 16.22 -11.59 -48.54
N SER C 2 16.13 -10.55 -49.35
CA SER C 2 17.04 -9.41 -49.24
C SER C 2 16.87 -8.69 -47.89
N LEU C 3 15.68 -8.79 -47.30
CA LEU C 3 15.45 -8.27 -45.94
C LEU C 3 16.26 -9.02 -44.86
N SER C 4 16.23 -10.35 -44.87
CA SER C 4 16.96 -11.11 -43.85
C SER C 4 18.47 -10.89 -43.95
N ARG C 5 18.99 -10.74 -45.17
CA ARG C 5 20.42 -10.45 -45.39
C ARG C 5 20.83 -9.07 -44.87
N ALA C 6 20.01 -8.07 -45.17
CA ALA C 6 20.27 -6.69 -44.74
C ALA C 6 20.36 -6.56 -43.21
N VAL C 7 19.43 -7.21 -42.52
CA VAL C 7 19.45 -7.28 -41.05
C VAL C 7 20.72 -7.98 -40.55
N LEU C 8 21.10 -9.07 -41.21
CA LEU C 8 22.24 -9.88 -40.76
C LEU C 8 23.59 -9.24 -41.01
N ASP C 9 23.70 -8.48 -42.10
CA ASP C 9 24.92 -7.73 -42.40
C ASP C 9 24.94 -6.39 -41.66
N GLY C 10 23.85 -6.11 -40.93
CA GLY C 10 23.74 -4.93 -40.08
C GLY C 10 23.59 -3.63 -40.85
N ALA C 11 22.67 -3.62 -41.81
CA ALA C 11 22.49 -2.50 -42.74
C ALA C 11 21.90 -1.25 -42.11
N SER C 12 21.76 -0.20 -42.92
CA SER C 12 21.19 1.08 -42.47
C SER C 12 19.68 1.01 -42.30
N ALA C 13 19.13 2.00 -41.59
CA ALA C 13 17.68 2.22 -41.52
C ALA C 13 17.04 2.29 -42.92
N ALA C 14 17.63 3.10 -43.80
CA ALA C 14 17.14 3.26 -45.19
C ALA C 14 17.27 1.97 -46.00
N GLU C 15 18.37 1.24 -45.77
CA GLU C 15 18.62 -0.04 -46.43
C GLU C 15 17.64 -1.13 -46.01
N ILE C 16 17.26 -1.11 -44.74
CA ILE C 16 16.26 -2.07 -44.26
C ILE C 16 14.90 -1.65 -44.81
N GLU C 17 14.67 -0.35 -44.91
CA GLU C 17 13.42 0.18 -45.43
C GLU C 17 13.26 -0.07 -46.92
N ALA C 18 14.38 -0.17 -47.64
CA ALA C 18 14.35 -0.40 -49.09
C ALA C 18 14.11 -1.87 -49.46
N ALA C 19 14.62 -2.78 -48.62
CA ALA C 19 14.47 -4.21 -48.84
C ALA C 19 13.03 -4.62 -48.57
N PRO C 20 12.38 -5.29 -49.55
CA PRO C 20 10.98 -5.69 -49.39
C PRO C 20 10.76 -6.78 -48.33
N VAL C 21 9.50 -6.92 -47.92
CA VAL C 21 9.09 -7.90 -46.93
C VAL C 21 8.56 -9.14 -47.66
N PRO C 22 9.18 -10.32 -47.44
CA PRO C 22 8.71 -11.53 -48.11
C PRO C 22 7.24 -11.81 -47.78
N ASP C 23 6.58 -12.58 -48.64
CA ASP C 23 5.17 -12.89 -48.49
C ASP C 23 4.90 -14.09 -47.56
N THR C 24 5.96 -14.84 -47.24
CA THR C 24 5.90 -15.95 -46.27
C THR C 24 7.17 -15.96 -45.40
N TYR C 25 7.13 -16.64 -44.26
CA TYR C 25 8.33 -16.78 -43.43
C TYR C 25 8.35 -18.11 -42.71
N LEU C 26 9.54 -18.52 -42.25
CA LEU C 26 9.73 -19.82 -41.60
C LEU C 26 9.28 -19.71 -40.15
N ALA C 27 8.48 -20.67 -39.71
CA ALA C 27 7.90 -20.59 -38.36
C ALA C 27 7.60 -21.94 -37.75
N LEU C 28 7.89 -22.06 -36.45
CA LEU C 28 7.48 -23.21 -35.67
C LEU C 28 6.01 -23.03 -35.34
N HIS C 29 5.19 -24.00 -35.71
CA HIS C 29 3.75 -23.78 -35.64
C HIS C 29 2.95 -25.06 -35.44
N LEU C 30 1.69 -24.91 -35.02
CA LEU C 30 0.72 -26.00 -34.94
C LEU C 30 -0.38 -25.84 -36.01
N ARG C 31 -1.06 -26.94 -36.35
CA ARG C 31 -2.20 -26.93 -37.28
C ARG C 31 -3.54 -27.24 -36.59
N ALA C 32 -4.56 -26.44 -36.89
CA ALA C 32 -5.88 -26.59 -36.24
C ALA C 32 -6.47 -28.00 -36.38
N GLU C 33 -6.18 -28.65 -37.50
CA GLU C 33 -6.73 -29.98 -37.80
C GLU C 33 -6.12 -31.09 -36.93
N ASP C 34 -4.97 -30.81 -36.33
CA ASP C 34 -4.27 -31.77 -35.49
C ASP C 34 -4.79 -31.79 -34.05
N ALA C 35 -5.62 -30.81 -33.71
CA ALA C 35 -6.06 -30.57 -32.33
C ALA C 35 -6.43 -31.82 -31.53
N ASP C 36 -6.93 -32.85 -32.21
CA ASP C 36 -7.39 -34.09 -31.57
C ASP C 36 -6.39 -35.26 -31.60
N MET C 37 -5.20 -35.04 -32.14
CA MET C 37 -4.23 -36.13 -32.41
C MET C 37 -3.75 -36.94 -31.20
N PHE C 38 -3.94 -36.42 -29.99
CA PHE C 38 -3.43 -37.08 -28.78
C PHE C 38 -4.54 -37.70 -27.93
N LYS C 39 -5.73 -37.82 -28.50
CA LYS C 39 -6.88 -38.41 -27.80
C LYS C 39 -6.57 -39.84 -27.35
N GLY C 40 -6.75 -40.09 -26.05
CA GLY C 40 -6.39 -41.38 -25.45
C GLY C 40 -4.90 -41.69 -25.46
N VAL C 41 -4.07 -40.65 -25.63
CA VAL C 41 -2.61 -40.81 -25.67
C VAL C 41 -1.98 -40.25 -24.38
N ALA C 42 -1.28 -41.09 -23.62
CA ALA C 42 -0.71 -40.68 -22.33
C ALA C 42 0.50 -39.77 -22.46
N ASP C 43 1.45 -40.14 -23.31
CA ASP C 43 2.60 -39.28 -23.54
C ASP C 43 2.33 -38.44 -24.79
N LYS C 44 2.05 -37.16 -24.57
CA LYS C 44 1.75 -36.23 -25.66
C LYS C 44 3.02 -35.58 -26.20
N ASP C 45 3.78 -36.38 -26.95
CA ASP C 45 5.07 -35.98 -27.50
C ASP C 45 4.94 -34.77 -28.46
N VAL C 46 5.47 -33.63 -28.02
CA VAL C 46 5.36 -32.36 -28.77
C VAL C 46 6.08 -32.42 -30.10
N ARG C 47 6.99 -33.37 -30.26
CA ARG C 47 7.68 -33.54 -31.53
C ARG C 47 6.72 -34.05 -32.61
N LYS C 48 5.61 -34.66 -32.19
CA LYS C 48 4.61 -35.17 -33.11
C LYS C 48 3.68 -34.09 -33.67
N SER C 49 3.44 -33.04 -32.88
CA SER C 49 2.54 -31.96 -33.28
C SER C 49 3.23 -30.71 -33.84
N LEU C 50 4.46 -30.44 -33.42
CA LEU C 50 5.18 -29.23 -33.87
C LEU C 50 5.61 -29.29 -35.32
N ARG C 51 5.21 -28.28 -36.10
CA ARG C 51 5.60 -28.21 -37.51
C ARG C 51 6.59 -27.07 -37.74
N LEU C 52 7.49 -27.24 -38.69
CA LEU C 52 8.41 -26.17 -39.05
C LEU C 52 8.32 -25.88 -40.54
N GLY C 53 7.74 -24.74 -40.90
CA GLY C 53 7.51 -24.43 -42.31
C GLY C 53 7.04 -23.01 -42.62
N GLU C 54 6.68 -22.80 -43.88
CA GLU C 54 6.30 -21.49 -44.37
C GLU C 54 4.87 -21.13 -44.00
N VAL C 55 4.72 -19.91 -43.49
CA VAL C 55 3.42 -19.35 -43.19
C VAL C 55 3.41 -17.96 -43.80
N PRO C 56 2.24 -17.44 -44.18
CA PRO C 56 2.19 -16.13 -44.84
C PRO C 56 2.36 -14.95 -43.89
N MET C 57 2.97 -13.88 -44.41
CA MET C 57 3.25 -12.67 -43.66
C MET C 57 2.01 -11.80 -43.52
N PRO C 58 1.46 -11.64 -42.29
CA PRO C 58 0.20 -10.90 -42.14
C PRO C 58 0.38 -9.40 -42.39
N GLU C 59 -0.73 -8.69 -42.54
CA GLU C 59 -0.70 -7.24 -42.69
C GLU C 59 -0.43 -6.68 -41.31
N LEU C 60 0.33 -5.59 -41.27
CA LEU C 60 0.69 -4.94 -40.02
C LEU C 60 -0.35 -3.91 -39.57
N ALA C 61 -0.82 -4.03 -38.33
CA ALA C 61 -1.71 -3.05 -37.70
C ALA C 61 -0.97 -1.72 -37.36
N PRO C 62 -1.72 -0.61 -37.19
CA PRO C 62 -1.12 0.71 -36.91
C PRO C 62 -0.19 0.80 -35.69
N ASP C 63 -0.54 0.08 -34.62
CA ASP C 63 0.23 0.11 -33.38
C ASP C 63 1.19 -1.08 -33.22
N GLU C 64 1.50 -1.76 -34.33
CA GLU C 64 2.29 -2.96 -34.30
C GLU C 64 3.64 -2.81 -34.96
N VAL C 65 4.53 -3.77 -34.70
CA VAL C 65 5.89 -3.73 -35.20
C VAL C 65 6.30 -5.10 -35.71
N LEU C 66 6.95 -5.10 -36.88
CA LEU C 66 7.49 -6.33 -37.45
C LEU C 66 8.93 -6.49 -37.00
N VAL C 67 9.19 -7.56 -36.26
CA VAL C 67 10.50 -7.79 -35.70
C VAL C 67 11.15 -8.97 -36.42
N ALA C 68 12.36 -8.77 -36.93
CA ALA C 68 13.16 -9.88 -37.48
C ALA C 68 13.79 -10.53 -36.27
N VAL C 69 13.33 -11.74 -35.99
CA VAL C 69 13.64 -12.42 -34.74
C VAL C 69 15.01 -13.07 -34.81
N MET C 70 15.90 -12.67 -33.89
CA MET C 70 17.26 -13.22 -33.85
C MET C 70 17.35 -14.47 -32.97
N ALA C 71 16.65 -14.44 -31.82
CA ALA C 71 16.59 -15.59 -30.93
C ALA C 71 15.28 -15.59 -30.14
N SER C 72 14.88 -16.77 -29.68
CA SER C 72 13.68 -16.91 -28.85
C SER C 72 14.01 -17.84 -27.68
N SER C 73 13.00 -18.36 -26.98
CA SER C 73 13.24 -19.36 -25.94
C SER C 73 12.08 -20.33 -25.81
N ILE C 74 12.29 -21.44 -25.14
CA ILE C 74 11.18 -22.30 -24.79
C ILE C 74 10.64 -21.89 -23.43
N ASN C 75 9.32 -21.85 -23.33
CA ASN C 75 8.61 -21.55 -22.11
C ASN C 75 7.56 -22.63 -21.90
N TYR C 76 7.09 -22.80 -20.67
CA TYR C 76 6.03 -23.76 -20.37
C TYR C 76 4.81 -23.63 -21.30
N ASN C 77 4.42 -22.41 -21.67
CA ASN C 77 3.22 -22.28 -22.50
C ASN C 77 3.34 -22.85 -23.93
N THR C 78 4.57 -22.91 -24.44
CA THR C 78 4.86 -23.52 -25.75
C THR C 78 4.56 -25.01 -25.71
N VAL C 79 5.09 -25.66 -24.67
CA VAL C 79 4.87 -27.07 -24.37
C VAL C 79 3.37 -27.36 -24.28
N TRP C 80 2.67 -26.64 -23.40
CA TRP C 80 1.23 -26.85 -23.23
C TRP C 80 0.47 -26.69 -24.56
N SER C 81 0.86 -25.68 -25.34
CA SER C 81 0.26 -25.43 -26.64
C SER C 81 0.41 -26.63 -27.54
N ALA C 82 1.64 -27.12 -27.65
CA ALA C 82 1.96 -28.24 -28.53
C ALA C 82 1.32 -29.56 -28.11
N MET C 83 0.91 -29.67 -26.84
CA MET C 83 0.15 -30.82 -26.38
C MET C 83 -1.35 -30.67 -26.64
N PHE C 84 -1.78 -29.49 -27.08
CA PHE C 84 -3.20 -29.12 -27.14
C PHE C 84 -3.90 -29.23 -25.79
N GLU C 85 -3.18 -28.96 -24.71
CA GLU C 85 -3.72 -29.05 -23.35
C GLU C 85 -3.63 -27.72 -22.59
N PRO C 86 -4.62 -27.44 -21.71
CA PRO C 86 -5.81 -28.27 -21.48
C PRO C 86 -6.86 -28.06 -22.57
N ILE C 87 -6.76 -26.96 -23.31
CA ILE C 87 -7.68 -26.64 -24.40
C ILE C 87 -6.81 -26.17 -25.56
N PRO C 88 -7.14 -26.53 -26.82
CA PRO C 88 -6.25 -26.10 -27.90
C PRO C 88 -6.21 -24.58 -27.99
N THR C 89 -5.07 -24.02 -28.39
CA THR C 89 -4.88 -22.57 -28.42
C THR C 89 -5.73 -21.93 -29.50
N PHE C 90 -6.17 -22.76 -30.44
CA PHE C 90 -7.05 -22.34 -31.52
C PHE C 90 -8.38 -21.82 -30.99
N HIS C 91 -8.78 -22.34 -29.83
CA HIS C 91 -9.90 -21.77 -29.10
C HIS C 91 -9.54 -20.35 -28.63
N PHE C 92 -8.32 -20.15 -28.14
CA PHE C 92 -7.91 -18.81 -27.69
C PHE C 92 -7.86 -17.83 -28.85
N LEU C 93 -7.26 -18.25 -29.97
CA LEU C 93 -7.13 -17.39 -31.15
C LEU C 93 -8.49 -16.92 -31.65
N LYS C 94 -9.47 -17.85 -31.64
CA LYS C 94 -10.83 -17.59 -32.05
C LYS C 94 -11.56 -16.58 -31.15
N GLN C 95 -11.33 -16.71 -29.84
CA GLN C 95 -11.84 -15.74 -28.86
C GLN C 95 -11.22 -14.37 -29.11
N ASN C 96 -9.92 -14.34 -29.40
CA ASN C 96 -9.23 -13.10 -29.80
C ASN C 96 -9.92 -12.48 -31.04
N ALA C 97 -10.07 -13.27 -32.10
CA ALA C 97 -10.62 -12.79 -33.37
C ALA C 97 -12.03 -12.21 -33.27
N ARG C 98 -12.81 -12.71 -32.31
CA ARG C 98 -14.17 -12.24 -32.07
C ARG C 98 -14.31 -10.73 -31.84
N GLN C 99 -13.26 -10.10 -31.30
CA GLN C 99 -13.21 -8.65 -31.16
C GLN C 99 -13.52 -7.91 -32.47
N GLY C 100 -13.29 -8.58 -33.60
CA GLY C 100 -13.40 -7.94 -34.91
C GLY C 100 -12.19 -7.08 -35.17
N GLY C 101 -12.28 -6.22 -36.18
CA GLY C 101 -11.19 -5.30 -36.52
C GLY C 101 -9.91 -6.02 -36.88
N TRP C 102 -8.81 -5.54 -36.30
CA TRP C 102 -7.46 -6.07 -36.55
C TRP C 102 -7.19 -7.41 -35.88
N ALA C 103 -7.97 -7.74 -34.85
CA ALA C 103 -7.82 -9.02 -34.12
C ALA C 103 -8.15 -10.23 -34.97
N THR C 104 -8.95 -10.01 -36.01
CA THR C 104 -9.33 -11.03 -36.99
C THR C 104 -8.16 -11.84 -37.52
N ARG C 105 -7.00 -11.20 -37.65
CA ARG C 105 -5.83 -11.82 -38.27
C ARG C 105 -5.34 -13.04 -37.53
N HIS C 106 -5.61 -13.10 -36.21
CA HIS C 106 -5.10 -14.16 -35.33
C HIS C 106 -5.73 -15.53 -35.59
N ASP C 107 -6.97 -15.50 -36.08
CA ASP C 107 -7.72 -16.70 -36.44
C ASP C 107 -7.19 -17.29 -37.73
N GLN C 108 -6.32 -18.29 -37.61
CA GLN C 108 -5.69 -18.92 -38.76
C GLN C 108 -5.76 -20.43 -38.62
N PRO C 109 -5.68 -21.17 -39.74
CA PRO C 109 -5.58 -22.63 -39.60
C PRO C 109 -4.21 -23.06 -39.04
N TYR C 110 -3.33 -22.09 -38.80
CA TYR C 110 -2.01 -22.35 -38.21
C TYR C 110 -1.79 -21.47 -36.97
N HIS C 111 -0.89 -21.90 -36.09
CA HIS C 111 -0.60 -21.12 -34.91
C HIS C 111 0.89 -21.05 -34.68
N VAL C 112 1.48 -19.89 -34.96
CA VAL C 112 2.89 -19.65 -34.66
C VAL C 112 3.08 -19.34 -33.17
N LEU C 113 3.86 -20.17 -32.50
CA LEU C 113 4.14 -20.04 -31.07
C LEU C 113 5.38 -19.19 -30.76
N GLY C 114 5.69 -19.02 -29.46
CA GLY C 114 6.85 -18.24 -29.03
C GLY C 114 6.45 -16.96 -28.30
N SER C 115 6.84 -16.86 -27.03
CA SER C 115 6.40 -15.79 -26.15
C SER C 115 7.47 -14.76 -25.71
N ASP C 116 8.74 -15.10 -25.93
CA ASP C 116 9.84 -14.15 -25.71
C ASP C 116 10.58 -14.10 -27.02
N CYS C 117 11.34 -13.03 -27.20
CA CYS C 117 12.38 -13.03 -28.22
C CYS C 117 13.29 -11.80 -28.12
N SER C 118 14.36 -11.81 -28.91
CA SER C 118 15.15 -10.60 -29.16
C SER C 118 15.33 -10.43 -30.68
N GLY C 119 15.49 -9.20 -31.15
CA GLY C 119 15.65 -9.00 -32.57
C GLY C 119 15.82 -7.58 -33.03
N VAL C 120 15.52 -7.39 -34.31
CA VAL C 120 15.72 -6.11 -34.97
C VAL C 120 14.41 -5.70 -35.62
N VAL C 121 13.98 -4.47 -35.33
CA VAL C 121 12.80 -3.89 -35.95
C VAL C 121 13.07 -3.69 -37.44
N VAL C 122 12.08 -4.04 -38.26
CA VAL C 122 12.20 -3.90 -39.72
C VAL C 122 11.09 -3.07 -40.35
N ARG C 123 9.90 -3.13 -39.76
CA ARG C 123 8.78 -2.27 -40.13
C ARG C 123 8.05 -1.78 -38.87
N THR C 124 7.50 -0.57 -38.94
CA THR C 124 6.61 -0.06 -37.91
C THR C 124 5.31 0.42 -38.53
N GLY C 125 4.22 0.26 -37.78
CA GLY C 125 2.94 0.82 -38.18
C GLY C 125 2.95 2.33 -38.10
N ILE C 126 2.00 2.96 -38.79
CA ILE C 126 1.98 4.43 -38.87
C ILE C 126 1.68 5.10 -37.52
N GLY C 127 1.19 4.31 -36.58
CA GLY C 127 0.87 4.82 -35.26
C GLY C 127 1.91 4.53 -34.20
N VAL C 128 3.06 3.99 -34.63
CA VAL C 128 4.14 3.57 -33.71
C VAL C 128 5.09 4.74 -33.51
N ARG C 129 5.38 5.06 -32.24
CA ARG C 129 6.27 6.16 -31.94
C ARG C 129 7.68 5.68 -31.61
N ARG C 130 8.66 6.49 -31.97
CA ARG C 130 10.08 6.30 -31.64
C ARG C 130 10.82 5.17 -32.38
N TRP C 131 10.31 3.94 -32.29
CA TRP C 131 11.00 2.80 -32.92
C TRP C 131 11.17 2.98 -34.44
N LYS C 132 12.34 2.61 -34.93
CA LYS C 132 12.61 2.62 -36.36
C LYS C 132 13.42 1.37 -36.76
N PRO C 133 13.38 1.02 -38.05
CA PRO C 133 14.13 -0.14 -38.52
C PRO C 133 15.61 -0.01 -38.14
N GLY C 134 16.21 -1.12 -37.71
CA GLY C 134 17.60 -1.11 -37.21
C GLY C 134 17.69 -1.23 -35.69
N ASP C 135 16.66 -0.76 -34.99
CA ASP C 135 16.63 -0.80 -33.53
C ASP C 135 16.66 -2.22 -33.00
N HIS C 136 17.54 -2.43 -32.03
CA HIS C 136 17.69 -3.70 -31.32
C HIS C 136 16.71 -3.76 -30.16
N VAL C 137 15.88 -4.79 -30.13
CA VAL C 137 14.85 -4.89 -29.11
C VAL C 137 14.81 -6.25 -28.43
N ILE C 138 14.16 -6.27 -27.27
CA ILE C 138 13.61 -7.49 -26.70
C ILE C 138 12.09 -7.34 -26.73
N VAL C 139 11.41 -8.47 -26.79
CA VAL C 139 9.97 -8.50 -26.79
C VAL C 139 9.51 -9.30 -25.57
N HIS C 140 8.60 -8.71 -24.80
CA HIS C 140 7.97 -9.43 -23.70
C HIS C 140 6.52 -9.80 -24.06
N PRO C 141 5.92 -10.75 -23.33
CA PRO C 141 4.63 -11.36 -23.74
C PRO C 141 3.33 -10.57 -23.52
N ALA C 142 3.37 -9.43 -22.80
CA ALA C 142 2.11 -8.73 -22.48
C ALA C 142 1.50 -7.94 -23.65
N HIS C 143 0.56 -8.60 -24.32
CA HIS C 143 -0.18 -8.10 -25.48
C HIS C 143 -1.50 -7.56 -24.91
N VAL C 144 -1.56 -6.24 -24.73
CA VAL C 144 -2.64 -5.59 -23.99
C VAL C 144 -3.38 -4.55 -24.84
N ASP C 145 -4.59 -4.23 -24.40
CA ASP C 145 -5.44 -3.24 -25.04
C ASP C 145 -5.33 -1.90 -24.30
N GLU C 146 -4.49 -1.01 -24.83
CA GLU C 146 -4.24 0.30 -24.21
C GLU C 146 -5.42 1.28 -24.22
N GLN C 147 -6.55 0.84 -24.79
CA GLN C 147 -7.80 1.60 -24.72
C GLN C 147 -8.66 1.26 -23.52
N GLU C 148 -8.44 0.08 -22.93
CA GLU C 148 -9.15 -0.33 -21.71
C GLU C 148 -8.71 0.53 -20.54
N PRO C 149 -9.66 1.10 -19.79
CA PRO C 149 -9.33 1.78 -18.55
C PRO C 149 -8.38 0.98 -17.63
N ALA C 150 -8.64 -0.32 -17.44
CA ALA C 150 -7.84 -1.14 -16.52
C ALA C 150 -6.33 -1.03 -16.79
N THR C 151 -5.95 -1.08 -18.06
CA THR C 151 -4.56 -1.00 -18.48
C THR C 151 -3.81 0.20 -17.90
N HIS C 152 -4.54 1.28 -17.65
CA HIS C 152 -3.93 2.51 -17.15
C HIS C 152 -3.69 2.51 -15.62
N GLY C 153 -4.17 1.48 -14.94
CA GLY C 153 -3.81 1.28 -13.53
C GLY C 153 -2.84 0.13 -13.40
N ASP C 154 -3.00 -0.88 -14.25
CA ASP C 154 -2.14 -2.05 -14.24
C ASP C 154 -2.31 -2.83 -15.56
N GLY C 155 -1.23 -2.83 -16.35
CA GLY C 155 -1.21 -3.45 -17.66
C GLY C 155 -1.66 -4.91 -17.70
N MET C 156 -1.46 -5.65 -16.61
CA MET C 156 -1.85 -7.05 -16.56
C MET C 156 -3.34 -7.26 -16.31
N LEU C 157 -4.06 -6.20 -15.97
CA LEU C 157 -5.39 -6.37 -15.41
C LEU C 157 -6.56 -6.16 -16.37
N GLY C 158 -6.27 -5.78 -17.61
CA GLY C 158 -7.30 -5.66 -18.65
C GLY C 158 -7.98 -6.97 -19.00
N THR C 159 -9.28 -6.91 -19.33
CA THR C 159 -9.98 -8.10 -19.81
C THR C 159 -9.35 -8.65 -21.10
N GLU C 160 -8.69 -7.78 -21.87
CA GLU C 160 -8.11 -8.19 -23.16
C GLU C 160 -6.63 -8.55 -23.10
N GLN C 161 -6.06 -8.55 -21.90
CA GLN C 161 -4.66 -8.87 -21.73
C GLN C 161 -4.43 -10.31 -22.15
N ARG C 162 -3.45 -10.54 -23.02
CA ARG C 162 -3.13 -11.86 -23.56
C ARG C 162 -1.63 -12.14 -23.58
N ALA C 163 -1.29 -13.41 -23.50
CA ALA C 163 0.11 -13.83 -23.61
C ALA C 163 0.43 -14.00 -25.08
N TRP C 164 1.39 -13.22 -25.55
CA TRP C 164 1.90 -13.27 -26.92
C TRP C 164 2.33 -14.69 -27.32
N GLY C 165 1.87 -15.15 -28.48
CA GLY C 165 2.30 -16.45 -29.02
C GLY C 165 1.62 -17.64 -28.37
N PHE C 166 0.70 -17.34 -27.46
CA PHE C 166 -0.06 -18.36 -26.74
C PHE C 166 -1.53 -18.08 -26.97
N GLU C 167 -1.99 -16.87 -26.64
CA GLU C 167 -3.35 -16.45 -26.91
C GLU C 167 -3.42 -15.47 -28.10
N THR C 168 -2.27 -15.21 -28.72
CA THR C 168 -2.20 -14.45 -29.96
C THR C 168 -1.42 -15.32 -30.92
N ASN C 169 -1.47 -14.98 -32.20
CA ASN C 169 -0.71 -15.67 -33.22
C ASN C 169 0.58 -14.87 -33.43
N PHE C 170 1.43 -15.34 -34.33
CA PHE C 170 2.63 -14.64 -34.78
C PHE C 170 3.63 -14.44 -33.66
N GLY C 171 3.87 -15.50 -32.92
CA GLY C 171 4.83 -15.50 -31.82
C GLY C 171 6.28 -15.51 -32.29
N GLY C 172 7.18 -15.71 -31.34
CA GLY C 172 8.60 -15.52 -31.58
C GLY C 172 9.43 -16.72 -32.00
N LEU C 173 8.84 -17.90 -32.12
CA LEU C 173 9.62 -19.06 -32.58
C LEU C 173 9.47 -19.18 -34.11
N ALA C 174 10.07 -18.21 -34.77
CA ALA C 174 9.89 -17.97 -36.19
C ALA C 174 10.94 -16.95 -36.59
N GLU C 175 11.07 -16.71 -37.89
CA GLU C 175 12.02 -15.73 -38.41
C GLU C 175 11.57 -14.29 -38.14
N TYR C 176 10.26 -14.09 -38.01
CA TYR C 176 9.66 -12.80 -37.68
C TYR C 176 8.52 -12.94 -36.69
N GLY C 177 8.27 -11.87 -35.96
CA GLY C 177 7.12 -11.77 -35.06
C GLY C 177 6.40 -10.44 -35.23
N VAL C 178 5.09 -10.45 -35.02
CA VAL C 178 4.34 -9.21 -35.04
C VAL C 178 3.97 -8.95 -33.60
N VAL C 179 4.36 -7.79 -33.10
CA VAL C 179 3.99 -7.37 -31.76
C VAL C 179 3.41 -5.97 -31.72
N ARG C 180 2.71 -5.69 -30.62
CA ARG C 180 2.30 -4.34 -30.31
C ARG C 180 3.52 -3.59 -29.81
N ALA C 181 3.58 -2.31 -30.14
CA ALA C 181 4.70 -1.48 -29.76
C ALA C 181 4.94 -1.48 -28.25
N SER C 182 3.89 -1.70 -27.46
CA SER C 182 3.98 -1.74 -25.99
C SER C 182 4.47 -3.08 -25.43
N GLN C 183 5.01 -3.93 -26.30
CA GLN C 183 5.70 -5.17 -25.91
C GLN C 183 7.22 -4.98 -26.01
N LEU C 184 7.66 -3.84 -26.56
CA LEU C 184 9.06 -3.66 -26.93
C LEU C 184 9.88 -2.87 -25.92
N LEU C 185 11.11 -3.32 -25.68
CA LEU C 185 12.09 -2.56 -24.91
C LEU C 185 13.43 -2.63 -25.60
N PRO C 186 14.33 -1.68 -25.33
CA PRO C 186 15.63 -1.84 -25.98
C PRO C 186 16.36 -3.05 -25.42
N LYS C 187 17.15 -3.70 -26.26
CA LYS C 187 17.96 -4.83 -25.84
C LYS C 187 19.15 -4.33 -24.99
N PRO C 188 19.41 -5.01 -23.85
CA PRO C 188 20.67 -4.87 -23.09
C PRO C 188 21.86 -5.10 -24.02
N ALA C 189 22.58 -4.02 -24.30
CA ALA C 189 23.63 -3.99 -25.32
C ALA C 189 24.73 -5.03 -25.13
N HIS C 190 25.10 -5.32 -23.88
CA HIS C 190 26.26 -6.15 -23.61
C HIS C 190 25.99 -7.64 -23.82
N LEU C 191 24.74 -8.01 -24.05
CA LEU C 191 24.33 -9.42 -24.17
C LEU C 191 24.23 -9.87 -25.64
N THR C 192 24.42 -11.16 -25.87
CA THR C 192 24.22 -11.74 -27.22
C THR C 192 22.72 -11.89 -27.49
N TRP C 193 22.35 -12.22 -28.73
CA TRP C 193 20.93 -12.41 -29.04
C TRP C 193 20.24 -13.47 -28.13
N GLU C 194 20.82 -14.66 -28.06
CA GLU C 194 20.28 -15.79 -27.29
C GLU C 194 20.18 -15.51 -25.79
N GLU C 195 21.16 -14.79 -25.26
CA GLU C 195 21.20 -14.39 -23.85
C GLU C 195 20.06 -13.43 -23.50
N ALA C 196 19.83 -12.43 -24.36
CA ALA C 196 18.74 -11.45 -24.18
C ALA C 196 17.33 -12.03 -24.33
N ALA C 197 17.19 -13.06 -25.17
CA ALA C 197 15.88 -13.65 -25.46
C ALA C 197 15.33 -14.58 -24.36
N VAL C 198 16.20 -15.12 -23.50
CA VAL C 198 15.77 -16.09 -22.48
C VAL C 198 14.99 -15.46 -21.31
N SER C 199 15.22 -14.18 -21.04
CA SER C 199 14.73 -13.53 -19.82
C SER C 199 13.30 -12.97 -19.75
N PRO C 200 12.85 -12.24 -20.78
CA PRO C 200 11.64 -11.40 -20.57
C PRO C 200 10.43 -12.06 -19.89
N LEU C 201 9.93 -13.20 -20.39
CA LEU C 201 8.79 -13.85 -19.75
C LEU C 201 9.06 -14.24 -18.28
N CYS C 202 10.13 -15.03 -18.06
CA CYS C 202 10.40 -15.62 -16.74
C CYS C 202 10.93 -14.62 -15.71
N ALA C 203 11.85 -13.76 -16.12
CA ALA C 203 12.41 -12.74 -15.25
C ALA C 203 11.39 -11.63 -14.91
N GLY C 204 10.49 -11.31 -15.84
CA GLY C 204 9.43 -10.36 -15.57
C GLY C 204 8.36 -10.96 -14.67
N THR C 205 8.07 -12.25 -14.84
CA THR C 205 7.13 -12.93 -13.99
C THR C 205 7.64 -12.89 -12.53
N ALA C 206 8.89 -13.28 -12.32
CA ALA C 206 9.51 -13.28 -10.98
C ALA C 206 9.61 -11.87 -10.38
N TYR C 207 9.95 -10.88 -11.22
CA TYR C 207 9.99 -9.49 -10.80
C TYR C 207 8.65 -9.00 -10.23
N ARG C 208 7.56 -9.22 -10.97
CA ARG C 208 6.24 -8.88 -10.47
C ARG C 208 5.92 -9.59 -9.16
N MET C 209 6.21 -10.89 -9.10
CA MET C 209 5.92 -11.73 -7.93
C MET C 209 6.66 -11.28 -6.68
N LEU C 210 7.90 -10.83 -6.84
CA LEU C 210 8.78 -10.59 -5.70
C LEU C 210 9.22 -9.16 -5.47
N VAL C 211 9.45 -8.40 -6.54
CA VAL C 211 10.06 -7.09 -6.38
C VAL C 211 9.02 -6.00 -6.40
N SER C 212 8.06 -6.17 -7.30
CA SER C 212 7.07 -5.15 -7.60
C SER C 212 6.10 -4.91 -6.45
N ASP C 213 5.51 -3.72 -6.41
CA ASP C 213 4.44 -3.41 -5.46
C ASP C 213 3.10 -4.06 -5.85
N ARG C 214 3.10 -4.80 -6.95
CA ARG C 214 1.90 -5.53 -7.39
C ARG C 214 2.02 -7.00 -6.96
N GLY C 215 3.12 -7.34 -6.29
CA GLY C 215 3.30 -8.71 -5.84
C GLY C 215 3.46 -8.79 -4.33
N ALA C 216 4.37 -9.65 -3.89
CA ALA C 216 4.69 -9.83 -2.47
C ALA C 216 5.54 -8.69 -1.92
N GLN C 217 6.29 -8.06 -2.82
CA GLN C 217 7.07 -6.84 -2.52
C GLN C 217 8.13 -7.00 -1.40
N MET C 218 9.11 -7.88 -1.64
CA MET C 218 10.21 -8.12 -0.71
C MET C 218 10.95 -6.86 -0.27
N LYS C 219 11.53 -6.93 0.93
CA LYS C 219 12.49 -5.93 1.38
C LYS C 219 13.74 -6.65 1.83
N GLN C 220 14.86 -5.93 1.88
CA GLN C 220 16.10 -6.47 2.39
C GLN C 220 15.84 -7.13 3.76
N GLY C 221 16.46 -8.28 3.99
CA GLY C 221 16.31 -9.00 5.25
C GLY C 221 15.22 -10.08 5.26
N ASP C 222 14.33 -10.06 4.26
CA ASP C 222 13.25 -11.06 4.12
C ASP C 222 13.84 -12.44 3.80
N ILE C 223 13.29 -13.46 4.44
CA ILE C 223 13.61 -14.85 4.11
C ILE C 223 12.55 -15.31 3.11
N VAL C 224 13.00 -15.79 1.95
CA VAL C 224 12.13 -16.18 0.84
C VAL C 224 12.39 -17.65 0.48
N LEU C 225 11.38 -18.48 0.68
CA LEU C 225 11.45 -19.87 0.32
C LEU C 225 11.06 -20.02 -1.14
N ILE C 226 11.93 -20.67 -1.93
CA ILE C 226 11.69 -20.79 -3.38
C ILE C 226 11.61 -22.26 -3.78
N TRP C 227 10.39 -22.73 -4.04
CA TRP C 227 10.19 -24.06 -4.61
C TRP C 227 10.69 -24.10 -6.06
N GLY C 228 11.18 -25.26 -6.47
CA GLY C 228 11.54 -25.53 -7.87
C GLY C 228 12.54 -24.53 -8.39
N ALA C 229 13.58 -24.30 -7.59
CA ALA C 229 14.43 -23.14 -7.77
C ALA C 229 15.41 -23.22 -8.94
N SER C 230 15.60 -24.40 -9.51
CA SER C 230 16.58 -24.57 -10.60
C SER C 230 15.97 -24.32 -11.99
N GLY C 231 14.64 -24.16 -12.04
CA GLY C 231 13.93 -23.89 -13.29
C GLY C 231 14.01 -22.43 -13.71
N GLY C 232 13.22 -22.06 -14.70
CA GLY C 232 13.33 -20.74 -15.30
C GLY C 232 12.89 -19.63 -14.37
N LEU C 233 11.71 -19.81 -13.78
CA LEU C 233 11.18 -18.85 -12.84
C LEU C 233 12.10 -18.74 -11.63
N GLY C 234 12.45 -19.88 -11.04
CA GLY C 234 13.27 -19.92 -9.83
C GLY C 234 14.65 -19.31 -10.02
N SER C 235 15.21 -19.44 -11.23
CA SER C 235 16.54 -18.88 -11.51
C SER C 235 16.59 -17.37 -11.37
N TYR C 236 15.55 -16.70 -11.84
CA TYR C 236 15.50 -15.26 -11.66
C TYR C 236 15.08 -14.82 -10.25
N ALA C 237 14.22 -15.62 -9.62
CA ALA C 237 13.75 -15.36 -8.25
C ALA C 237 14.90 -15.27 -7.25
N ILE C 238 15.79 -16.25 -7.29
CA ILE C 238 17.00 -16.27 -6.46
C ILE C 238 17.79 -15.00 -6.65
N GLN C 239 18.00 -14.65 -7.92
CA GLN C 239 18.78 -13.48 -8.27
C GLN C 239 18.14 -12.18 -7.72
N PHE C 240 16.82 -12.02 -7.87
CA PHE C 240 16.16 -10.81 -7.31
C PHE C 240 16.20 -10.77 -5.79
N VAL C 241 16.04 -11.92 -5.13
CA VAL C 241 16.06 -11.96 -3.68
C VAL C 241 17.45 -11.54 -3.18
N LYS C 242 18.49 -12.15 -3.76
CA LYS C 242 19.86 -11.78 -3.40
C LYS C 242 20.19 -10.33 -3.67
N ASN C 243 19.79 -9.85 -4.86
CA ASN C 243 20.07 -8.48 -5.26
C ASN C 243 19.35 -7.46 -4.39
N GLY C 244 18.15 -7.79 -3.90
CA GLY C 244 17.44 -6.90 -3.00
C GLY C 244 17.80 -7.06 -1.53
N GLY C 245 18.90 -7.76 -1.24
CA GLY C 245 19.32 -8.00 0.13
C GLY C 245 18.48 -8.96 0.95
N GLY C 246 17.69 -9.79 0.26
CA GLY C 246 16.95 -10.84 0.93
C GLY C 246 17.78 -12.11 1.08
N ILE C 247 17.19 -13.09 1.75
CA ILE C 247 17.86 -14.35 2.06
C ILE C 247 17.10 -15.49 1.40
N PRO C 248 17.64 -16.05 0.29
CA PRO C 248 16.86 -17.09 -0.40
C PRO C 248 17.12 -18.47 0.16
N VAL C 249 16.07 -19.27 0.19
CA VAL C 249 16.18 -20.67 0.54
C VAL C 249 15.54 -21.47 -0.57
N ALA C 250 16.35 -22.30 -1.20
CA ALA C 250 15.93 -23.04 -2.39
C ALA C 250 15.53 -24.46 -2.05
N VAL C 251 14.49 -24.96 -2.70
CA VAL C 251 14.17 -26.37 -2.63
C VAL C 251 14.44 -27.00 -3.98
N VAL C 252 15.22 -28.08 -3.94
CA VAL C 252 15.58 -28.86 -5.13
C VAL C 252 15.35 -30.34 -4.90
N SER C 253 15.30 -31.12 -5.98
CA SER C 253 14.87 -32.53 -5.93
C SER C 253 15.96 -33.48 -6.42
N SER C 254 17.12 -32.93 -6.75
CA SER C 254 18.24 -33.70 -7.24
C SER C 254 19.54 -32.96 -6.94
N ALA C 255 20.67 -33.64 -7.12
CA ALA C 255 21.98 -33.05 -6.87
C ALA C 255 22.49 -32.13 -7.99
N GLN C 256 22.07 -32.38 -9.24
CA GLN C 256 22.42 -31.46 -10.33
C GLN C 256 21.61 -30.16 -10.25
N LYS C 257 20.34 -30.28 -9.85
CA LYS C 257 19.53 -29.08 -9.59
C LYS C 257 20.12 -28.21 -8.48
N GLU C 258 20.67 -28.84 -7.42
CA GLU C 258 21.38 -28.09 -6.39
C GLU C 258 22.60 -27.37 -6.95
N ALA C 259 23.23 -27.98 -7.96
CA ALA C 259 24.39 -27.40 -8.64
C ALA C 259 24.03 -26.12 -9.39
N ALA C 260 22.87 -26.12 -10.05
CA ALA C 260 22.40 -24.96 -10.81
C ALA C 260 22.10 -23.79 -9.87
N VAL C 261 21.41 -24.09 -8.77
CA VAL C 261 21.00 -23.11 -7.77
C VAL C 261 22.19 -22.48 -7.03
N ARG C 262 23.19 -23.28 -6.70
CA ARG C 262 24.43 -22.73 -6.11
C ARG C 262 25.26 -21.87 -7.10
N ALA C 263 25.18 -22.18 -8.40
CA ALA C 263 25.82 -21.37 -9.46
C ALA C 263 25.23 -19.95 -9.51
N LEU C 264 23.96 -19.84 -9.15
CA LEU C 264 23.26 -18.55 -9.09
C LEU C 264 23.42 -17.78 -7.78
N GLY C 265 24.16 -18.31 -6.82
CA GLY C 265 24.45 -17.57 -5.59
C GLY C 265 23.52 -17.86 -4.43
N CYS C 266 22.80 -18.98 -4.52
CA CYS C 266 21.99 -19.43 -3.42
C CYS C 266 22.77 -20.42 -2.56
N ASP C 267 23.26 -19.98 -1.41
CA ASP C 267 23.97 -20.90 -0.53
C ASP C 267 23.11 -21.68 0.47
N LEU C 268 21.87 -21.26 0.72
CA LEU C 268 20.94 -22.04 1.55
C LEU C 268 20.01 -22.92 0.70
N VAL C 269 20.21 -24.23 0.80
CA VAL C 269 19.57 -25.21 -0.09
C VAL C 269 18.94 -26.38 0.68
N ILE C 270 17.74 -26.79 0.24
CA ILE C 270 16.96 -27.86 0.85
C ILE C 270 16.61 -28.93 -0.19
N ASN C 271 16.96 -30.21 0.05
CA ASN C 271 16.51 -31.25 -0.89
C ASN C 271 15.08 -31.69 -0.60
N ARG C 272 14.26 -31.72 -1.65
CA ARG C 272 12.86 -32.15 -1.59
C ARG C 272 12.68 -33.54 -0.95
N ALA C 273 13.78 -34.29 -0.84
CA ALA C 273 13.76 -35.66 -0.29
C ALA C 273 13.88 -35.72 1.23
N GLU C 274 14.45 -34.68 1.85
CA GLU C 274 14.53 -34.59 3.32
C GLU C 274 13.15 -34.80 3.96
N LEU C 275 12.10 -34.41 3.22
CA LEU C 275 10.79 -35.08 3.28
C LEU C 275 10.00 -34.80 2.00
N PRO C 285 -4.47 -35.17 3.40
CA PRO C 285 -4.47 -35.93 4.64
C PRO C 285 -3.90 -35.13 5.83
N ARG C 286 -3.61 -35.81 6.94
CA ARG C 286 -3.07 -35.16 8.14
C ARG C 286 -1.56 -34.99 8.10
N ARG C 287 -0.91 -35.67 7.14
CA ARG C 287 0.54 -35.63 7.00
C ARG C 287 1.07 -34.37 6.30
N VAL C 288 0.16 -33.57 5.73
CA VAL C 288 0.53 -32.28 5.15
C VAL C 288 0.98 -31.31 6.26
N VAL C 289 0.24 -31.29 7.37
CA VAL C 289 0.59 -30.48 8.55
C VAL C 289 1.95 -30.87 9.12
N GLU C 290 2.16 -32.17 9.34
CA GLU C 290 3.42 -32.69 9.86
C GLU C 290 4.61 -32.39 8.92
N THR C 291 4.41 -32.60 7.62
CA THR C 291 5.43 -32.24 6.61
C THR C 291 5.71 -30.72 6.61
N GLY C 292 4.66 -29.94 6.85
CA GLY C 292 4.79 -28.51 7.06
C GLY C 292 5.76 -28.23 8.17
N ARG C 293 5.56 -28.90 9.32
CA ARG C 293 6.36 -28.70 10.54
C ARG C 293 7.83 -29.01 10.35
N LYS C 294 8.15 -30.08 9.63
CA LYS C 294 9.52 -30.41 9.35
C LYS C 294 10.15 -29.42 8.35
N LEU C 295 9.36 -28.97 7.36
CA LEU C 295 9.86 -27.95 6.41
C LEU C 295 10.12 -26.62 7.12
N ALA C 296 9.23 -26.24 8.03
CA ALA C 296 9.40 -25.00 8.79
C ALA C 296 10.60 -25.06 9.74
N LYS C 297 10.81 -26.22 10.36
CA LYS C 297 11.95 -26.45 11.26
C LYS C 297 13.27 -26.28 10.50
N LEU C 298 13.33 -26.83 9.29
CA LEU C 298 14.54 -26.75 8.50
C LEU C 298 14.82 -25.33 8.00
N VAL C 299 13.79 -24.53 7.76
CA VAL C 299 14.02 -23.16 7.30
C VAL C 299 14.57 -22.30 8.44
N VAL C 300 14.04 -22.52 9.64
CA VAL C 300 14.53 -21.86 10.84
C VAL C 300 15.97 -22.25 11.08
N GLU C 301 16.27 -23.54 10.94
CA GLU C 301 17.64 -24.07 11.05
C GLU C 301 18.61 -23.41 10.08
N LYS C 302 18.20 -23.29 8.83
CA LYS C 302 19.08 -22.76 7.80
C LYS C 302 19.14 -21.22 7.78
N ALA C 303 18.00 -20.56 7.89
CA ALA C 303 17.91 -19.11 7.69
C ALA C 303 17.72 -18.28 8.97
N GLY C 304 17.21 -18.89 10.03
CA GLY C 304 17.09 -18.23 11.33
C GLY C 304 15.66 -17.99 11.75
N ARG C 305 14.75 -17.90 10.77
CA ARG C 305 13.33 -17.68 11.04
C ARG C 305 12.50 -18.39 9.99
N GLU C 306 11.21 -18.51 10.28
CA GLU C 306 10.20 -18.87 9.29
C GLU C 306 10.26 -17.91 8.07
N PRO C 307 9.89 -18.40 6.87
CA PRO C 307 9.93 -17.52 5.70
C PRO C 307 8.90 -16.41 5.75
N ASP C 308 9.29 -15.23 5.25
CA ASP C 308 8.43 -14.08 5.12
C ASP C 308 7.58 -14.19 3.86
N ILE C 309 8.18 -14.80 2.83
CA ILE C 309 7.54 -14.99 1.53
C ILE C 309 7.83 -16.42 1.09
N VAL C 310 6.81 -17.08 0.57
CA VAL C 310 7.00 -18.38 -0.08
C VAL C 310 6.64 -18.17 -1.53
N PHE C 311 7.59 -18.48 -2.40
CA PHE C 311 7.49 -18.32 -3.83
C PHE C 311 7.16 -19.69 -4.39
N GLU C 312 5.94 -19.83 -4.92
CA GLU C 312 5.44 -21.13 -5.36
C GLU C 312 5.04 -21.11 -6.82
N HIS C 313 5.25 -22.23 -7.50
CA HIS C 313 4.81 -22.41 -8.87
C HIS C 313 4.56 -23.88 -9.14
N VAL C 317 0.68 -28.87 -6.01
CA VAL C 317 1.12 -29.95 -5.12
C VAL C 317 1.65 -29.40 -3.78
N THR C 318 2.38 -28.27 -3.85
CA THR C 318 3.10 -27.68 -2.71
C THR C 318 2.45 -26.40 -2.18
N PHE C 319 1.33 -26.03 -2.78
CA PHE C 319 0.57 -24.84 -2.41
C PHE C 319 0.15 -24.86 -0.93
N GLY C 320 -0.40 -25.98 -0.49
CA GLY C 320 -0.85 -26.16 0.90
C GLY C 320 0.29 -26.17 1.89
N LEU C 321 1.44 -26.72 1.48
CA LEU C 321 2.64 -26.69 2.29
C LEU C 321 3.16 -25.28 2.45
N SER C 322 3.10 -24.50 1.37
CA SER C 322 3.55 -23.12 1.36
C SER C 322 2.76 -22.28 2.33
N VAL C 323 1.46 -22.59 2.44
CA VAL C 323 0.56 -21.87 3.33
C VAL C 323 0.86 -22.18 4.80
N ILE C 324 1.20 -23.43 5.10
CA ILE C 324 1.61 -23.85 6.44
C ILE C 324 2.91 -23.18 6.88
N VAL C 325 3.94 -23.17 6.02
CA VAL C 325 5.29 -22.72 6.41
C VAL C 325 5.47 -21.20 6.55
N ALA C 326 4.77 -20.41 5.73
CA ALA C 326 4.85 -18.95 5.82
C ALA C 326 4.58 -18.48 7.26
N ARG C 327 5.26 -17.44 7.69
CA ARG C 327 5.05 -16.90 9.04
C ARG C 327 3.68 -16.26 9.17
N ARG C 328 3.26 -16.07 10.42
CA ARG C 328 2.08 -15.26 10.72
C ARG C 328 2.24 -13.91 10.03
N GLY C 329 1.28 -13.55 9.20
CA GLY C 329 1.34 -12.31 8.44
C GLY C 329 2.16 -12.45 7.17
N GLY C 330 2.70 -13.64 6.94
CA GLY C 330 3.48 -13.95 5.74
C GLY C 330 2.68 -13.91 4.45
N THR C 331 3.36 -14.12 3.33
CA THR C 331 2.76 -14.09 1.99
C THR C 331 3.18 -15.33 1.20
N VAL C 332 2.22 -15.92 0.49
CA VAL C 332 2.52 -16.98 -0.46
C VAL C 332 2.23 -16.42 -1.84
N VAL C 333 3.24 -16.25 -2.69
CA VAL C 333 2.95 -15.84 -4.05
C VAL C 333 3.06 -17.05 -4.98
N THR C 334 2.09 -17.20 -5.90
CA THR C 334 1.96 -18.41 -6.71
C THR C 334 1.71 -18.11 -8.19
N CYS C 335 2.20 -19.00 -9.06
CA CYS C 335 2.08 -18.80 -10.50
C CYS C 335 1.50 -19.97 -11.31
N GLY C 336 1.42 -21.15 -10.72
CA GLY C 336 0.90 -22.34 -11.43
C GLY C 336 1.38 -22.48 -12.88
N MET C 352 -7.37 -20.22 11.66
CA MET C 352 -7.16 -18.96 12.38
C MET C 352 -5.75 -18.41 12.18
N LYS C 353 -5.48 -17.98 10.96
CA LYS C 353 -4.18 -17.46 10.63
C LYS C 353 -4.36 -16.09 9.99
N LEU C 354 -3.25 -15.38 9.80
CA LEU C 354 -3.25 -14.10 9.13
C LEU C 354 -2.26 -14.15 7.98
N LYS C 355 -2.60 -14.91 6.97
CA LYS C 355 -1.71 -15.08 5.81
C LYS C 355 -2.32 -14.50 4.55
N LYS C 356 -1.48 -14.14 3.59
CA LYS C 356 -1.93 -13.62 2.28
C LYS C 356 -1.45 -14.54 1.17
N ILE C 357 -2.28 -14.74 0.16
CA ILE C 357 -1.89 -15.48 -1.04
C ILE C 357 -2.03 -14.54 -2.23
N VAL C 358 -0.98 -14.39 -3.04
CA VAL C 358 -1.07 -13.55 -4.22
C VAL C 358 -0.93 -14.41 -5.45
N GLY C 359 -1.98 -14.48 -6.26
CA GLY C 359 -1.90 -15.16 -7.55
C GLY C 359 -1.34 -14.19 -8.58
N SER C 360 -0.35 -14.63 -9.36
CA SER C 360 0.29 -13.74 -10.32
C SER C 360 0.86 -14.52 -11.51
N HIS C 361 0.85 -13.87 -12.68
CA HIS C 361 1.67 -14.28 -13.80
C HIS C 361 1.97 -13.02 -14.62
N GLY C 362 2.90 -13.14 -15.55
CA GLY C 362 3.30 -11.99 -16.36
C GLY C 362 3.91 -10.83 -15.62
N ALA C 363 4.02 -9.72 -16.36
CA ALA C 363 4.46 -8.45 -15.84
C ALA C 363 3.92 -7.44 -16.81
N ASN C 364 3.52 -6.28 -16.30
CA ASN C 364 3.11 -5.17 -17.15
C ASN C 364 4.35 -4.50 -17.78
N HIS C 365 4.14 -3.60 -18.73
CA HIS C 365 5.21 -2.92 -19.45
C HIS C 365 6.14 -2.14 -18.48
N GLU C 366 5.58 -1.52 -17.46
CA GLU C 366 6.41 -0.85 -16.45
C GLU C 366 7.35 -1.76 -15.66
N GLU C 367 6.84 -2.91 -15.24
CA GLU C 367 7.65 -3.92 -14.53
C GLU C 367 8.70 -4.57 -15.44
N GLN C 368 8.38 -4.72 -16.72
CA GLN C 368 9.36 -5.25 -17.67
C GLN C 368 10.51 -4.27 -17.90
N GLN C 369 10.22 -2.97 -17.94
CA GLN C 369 11.26 -1.95 -18.04
C GLN C 369 12.14 -1.93 -16.77
N ALA C 370 11.55 -2.10 -15.60
CA ALA C 370 12.35 -2.13 -14.37
C ALA C 370 13.26 -3.38 -14.36
N THR C 371 12.69 -4.50 -14.80
CA THR C 371 13.42 -5.74 -14.99
C THR C 371 14.58 -5.53 -15.97
N ASN C 372 14.27 -4.98 -17.15
CA ASN C 372 15.29 -4.69 -18.18
C ASN C 372 16.48 -3.85 -17.66
N ARG C 373 16.19 -2.80 -16.88
CA ARG C 373 17.22 -1.98 -16.22
C ARG C 373 18.14 -2.76 -15.25
N LEU C 374 17.61 -3.79 -14.59
CA LEU C 374 18.46 -4.63 -13.75
C LEU C 374 19.40 -5.52 -14.59
N PHE C 375 18.97 -5.90 -15.78
CA PHE C 375 19.86 -6.63 -16.69
C PHE C 375 20.89 -5.68 -17.31
N GLU C 376 20.46 -4.45 -17.57
CA GLU C 376 21.30 -3.42 -18.19
C GLU C 376 22.51 -3.04 -17.35
N SER C 377 22.33 -2.99 -16.02
CA SER C 377 23.42 -2.67 -15.10
C SER C 377 24.29 -3.89 -14.77
N GLY C 378 23.83 -5.07 -15.17
CA GLY C 378 24.47 -6.33 -14.82
C GLY C 378 24.13 -6.85 -13.43
N ALA C 379 23.18 -6.19 -12.75
CA ALA C 379 22.80 -6.60 -11.41
C ALA C 379 22.18 -8.01 -11.43
N VAL C 380 21.48 -8.31 -12.51
CA VAL C 380 20.88 -9.62 -12.75
C VAL C 380 21.44 -10.18 -14.09
N VAL C 381 21.66 -11.50 -14.15
CA VAL C 381 22.17 -12.13 -15.37
C VAL C 381 21.17 -13.16 -15.96
N PRO C 382 21.26 -13.42 -17.28
CA PRO C 382 20.40 -14.43 -17.92
C PRO C 382 20.61 -15.86 -17.39
N ALA C 383 19.54 -16.65 -17.42
CA ALA C 383 19.56 -18.01 -16.91
C ALA C 383 19.74 -19.04 -18.02
N MET C 384 20.48 -18.68 -19.07
CA MET C 384 20.57 -19.54 -20.28
C MET C 384 21.49 -20.74 -20.04
N SER C 385 21.00 -21.94 -20.37
CA SER C 385 21.72 -23.19 -20.10
C SER C 385 22.00 -24.00 -21.35
N ALA C 386 21.25 -23.74 -22.41
CA ALA C 386 21.37 -24.49 -23.67
C ALA C 386 20.83 -23.67 -24.83
N VAL C 387 21.27 -24.01 -26.04
CA VAL C 387 20.88 -23.29 -27.27
C VAL C 387 20.71 -24.30 -28.39
N TYR C 388 19.59 -24.21 -29.10
CA TYR C 388 19.30 -25.04 -30.26
C TYR C 388 18.99 -24.15 -31.46
N PRO C 389 19.31 -24.60 -32.68
CA PRO C 389 18.82 -23.85 -33.83
C PRO C 389 17.30 -24.02 -33.99
N LEU C 390 16.67 -23.15 -34.77
CA LEU C 390 15.23 -23.24 -35.00
C LEU C 390 14.85 -24.56 -35.66
N ALA C 391 15.79 -25.14 -36.42
CA ALA C 391 15.61 -26.46 -37.01
C ALA C 391 15.34 -27.56 -35.97
N GLU C 392 15.77 -27.32 -34.73
CA GLU C 392 15.74 -28.32 -33.66
C GLU C 392 14.87 -27.93 -32.46
N ALA C 393 13.95 -26.98 -32.67
CA ALA C 393 13.13 -26.40 -31.58
C ALA C 393 12.13 -27.37 -30.99
N ALA C 394 11.71 -28.36 -31.78
CA ALA C 394 10.82 -29.39 -31.28
C ALA C 394 11.55 -30.24 -30.26
N GLU C 395 12.84 -30.46 -30.49
CA GLU C 395 13.69 -31.17 -29.52
C GLU C 395 13.92 -30.31 -28.27
N ALA C 396 14.15 -29.02 -28.49
CA ALA C 396 14.21 -28.06 -27.38
C ALA C 396 12.91 -28.10 -26.56
N CYS C 397 11.77 -28.10 -27.26
CA CYS C 397 10.48 -28.21 -26.62
C CYS C 397 10.28 -29.52 -25.84
N ARG C 398 10.74 -30.65 -26.40
CA ARG C 398 10.70 -31.95 -25.68
C ARG C 398 11.54 -31.95 -24.38
N VAL C 399 12.75 -31.39 -24.45
CA VAL C 399 13.63 -31.27 -23.27
C VAL C 399 12.91 -30.59 -22.09
N VAL C 400 12.20 -29.49 -22.37
CA VAL C 400 11.44 -28.76 -21.35
C VAL C 400 10.24 -29.60 -20.90
N GLN C 401 9.51 -30.15 -21.88
CA GLN C 401 8.40 -31.08 -21.59
C GLN C 401 8.79 -32.17 -20.59
N THR C 402 9.97 -32.76 -20.79
CA THR C 402 10.41 -33.87 -19.94
C THR C 402 11.27 -33.46 -18.75
N SER C 403 11.39 -32.15 -18.53
CA SER C 403 12.02 -31.55 -17.34
C SER C 403 13.51 -31.82 -17.22
N ARG C 404 14.17 -31.92 -18.36
CA ARG C 404 15.60 -32.25 -18.40
C ARG C 404 16.49 -31.03 -18.40
N GLN C 405 15.87 -29.84 -18.41
CA GLN C 405 16.61 -28.57 -18.36
C GLN C 405 16.67 -28.00 -16.94
N VAL C 406 17.64 -27.12 -16.72
CA VAL C 406 17.65 -26.15 -15.61
C VAL C 406 17.75 -24.76 -16.27
N GLY C 407 17.19 -23.74 -15.61
CA GLY C 407 17.19 -22.39 -16.15
C GLY C 407 16.42 -22.33 -17.46
N LYS C 408 17.02 -21.73 -18.48
CA LYS C 408 16.30 -21.43 -19.71
C LYS C 408 16.97 -21.97 -20.94
N VAL C 409 16.15 -22.47 -21.86
CA VAL C 409 16.66 -22.97 -23.12
C VAL C 409 16.32 -21.96 -24.21
N ALA C 410 17.36 -21.51 -24.91
CA ALA C 410 17.28 -20.57 -26.02
C ALA C 410 17.13 -21.27 -27.37
N VAL C 411 16.49 -20.59 -28.30
CA VAL C 411 16.39 -21.07 -29.67
C VAL C 411 16.92 -19.98 -30.60
N LEU C 412 17.86 -20.33 -31.47
CA LEU C 412 18.31 -19.41 -32.54
C LEU C 412 17.24 -19.33 -33.59
N CYS C 413 16.91 -18.13 -34.04
CA CYS C 413 15.88 -18.00 -35.08
C CYS C 413 16.48 -17.57 -36.43
N MET C 414 16.78 -16.28 -36.60
CA MET C 414 17.46 -15.78 -37.81
C MET C 414 18.98 -15.70 -37.61
N ALA C 415 19.42 -15.61 -36.35
CA ALA C 415 20.86 -15.61 -36.04
C ALA C 415 21.54 -16.93 -36.44
N PRO C 416 22.58 -16.85 -37.31
CA PRO C 416 23.22 -18.06 -37.87
C PRO C 416 24.10 -18.82 -36.89
N GLU C 417 24.52 -18.15 -35.82
CA GLU C 417 25.44 -18.72 -34.83
C GLU C 417 25.25 -18.02 -33.49
N GLN C 418 25.74 -18.66 -32.42
CA GLN C 418 25.83 -18.02 -31.11
C GLN C 418 26.92 -16.95 -31.08
N GLY C 419 26.82 -16.04 -30.11
CA GLY C 419 27.85 -15.05 -29.84
C GLY C 419 27.62 -13.72 -30.51
N LEU C 420 26.55 -13.60 -31.30
CA LEU C 420 26.32 -12.38 -32.09
C LEU C 420 25.42 -11.38 -31.35
N GLY C 421 25.47 -10.12 -31.78
CA GLY C 421 24.57 -9.09 -31.27
C GLY C 421 25.07 -8.30 -30.07
N VAL C 422 26.32 -8.48 -29.68
CA VAL C 422 26.91 -7.65 -28.62
C VAL C 422 27.21 -6.30 -29.21
N THR C 423 26.75 -5.24 -28.55
CA THR C 423 27.00 -3.90 -29.03
C THR C 423 27.59 -2.98 -27.93
N ASP C 424 27.99 -3.59 -26.82
CA ASP C 424 28.75 -2.92 -25.76
C ASP C 424 29.84 -3.88 -25.25
N PRO C 425 30.93 -4.04 -26.03
CA PRO C 425 32.00 -4.98 -25.71
C PRO C 425 32.68 -4.75 -24.36
N ASP C 426 32.94 -3.48 -24.01
CA ASP C 426 33.70 -3.13 -22.80
C ASP C 426 32.96 -3.45 -21.48
N LEU C 427 31.64 -3.41 -21.51
CA LEU C 427 30.83 -3.78 -20.35
C LEU C 427 30.81 -5.30 -20.21
N ARG C 428 30.66 -6.00 -21.33
CA ARG C 428 30.69 -7.45 -21.35
C ARG C 428 32.00 -8.03 -20.80
N ALA C 429 33.14 -7.46 -21.20
CA ALA C 429 34.45 -7.90 -20.68
C ALA C 429 34.59 -7.63 -19.18
N ARG C 430 34.02 -6.51 -18.74
CA ARG C 430 34.01 -6.09 -17.35
C ARG C 430 33.14 -6.99 -16.46
N LEU C 431 31.88 -7.19 -16.85
CA LEU C 431 30.97 -8.09 -16.16
C LEU C 431 31.47 -9.54 -16.25
N GLY C 432 32.00 -9.89 -17.42
CA GLY C 432 32.59 -11.22 -17.65
C GLY C 432 31.62 -12.20 -18.26
N GLU C 433 32.05 -12.87 -19.31
CA GLU C 433 31.22 -13.85 -20.04
C GLU C 433 30.73 -15.00 -19.13
N ASP C 434 31.64 -15.45 -18.28
CA ASP C 434 31.43 -16.38 -17.17
C ASP C 434 30.31 -16.01 -16.19
N ARG C 435 30.44 -14.83 -15.59
CA ARG C 435 29.44 -14.30 -14.68
C ARG C 435 28.08 -14.23 -15.34
N LEU C 436 28.07 -13.84 -16.62
CA LEU C 436 26.87 -13.74 -17.41
C LEU C 436 26.23 -15.07 -17.78
N ASN C 437 26.98 -16.16 -17.61
CA ASN C 437 26.50 -17.47 -18.03
C ASN C 437 26.65 -18.58 -16.99
N PRO C 438 26.10 -18.35 -15.78
CA PRO C 438 26.37 -19.25 -14.64
C PRO C 438 25.88 -20.68 -14.86
N LEU C 439 24.93 -20.85 -15.77
CA LEU C 439 24.30 -22.13 -16.01
C LEU C 439 24.70 -22.80 -17.34
N ARG C 440 25.76 -22.30 -17.97
CA ARG C 440 26.19 -22.85 -19.26
C ARG C 440 26.35 -24.37 -19.20
N GLY C 441 25.69 -25.09 -20.11
CA GLY C 441 25.85 -26.55 -20.25
C GLY C 441 25.25 -27.43 -19.17
N LEU C 442 24.63 -26.84 -18.16
CA LEU C 442 24.10 -27.65 -17.05
C LEU C 442 22.79 -28.31 -17.44
N THR C 443 22.48 -29.43 -16.79
CA THR C 443 21.25 -30.18 -17.04
C THR C 443 20.56 -30.57 -15.72
N ALA C 444 19.32 -31.05 -15.81
CA ALA C 444 18.58 -31.53 -14.64
C ALA C 444 18.47 -33.04 -14.68
N SER D 1 -23.05 22.41 -41.15
CA SER D 1 -22.78 21.42 -42.23
C SER D 1 -23.73 20.22 -42.17
N SER D 2 -23.69 19.37 -43.19
CA SER D 2 -24.53 18.17 -43.18
C SER D 2 -24.09 17.15 -42.11
N LEU D 3 -22.81 17.19 -41.73
CA LEU D 3 -22.36 16.33 -40.64
C LEU D 3 -22.98 16.73 -39.31
N SER D 4 -22.97 18.02 -39.00
CA SER D 4 -23.51 18.52 -37.74
C SER D 4 -25.02 18.38 -37.70
N ARG D 5 -25.66 18.60 -38.86
CA ARG D 5 -27.08 18.33 -38.99
C ARG D 5 -27.41 16.87 -38.65
N ALA D 6 -26.67 15.94 -39.26
CA ALA D 6 -26.83 14.51 -38.98
C ALA D 6 -26.64 14.19 -37.49
N VAL D 7 -25.58 14.72 -36.89
CA VAL D 7 -25.34 14.52 -35.45
C VAL D 7 -26.52 14.98 -34.59
N LEU D 8 -27.04 16.17 -34.90
CA LEU D 8 -28.14 16.77 -34.12
C LEU D 8 -29.50 16.12 -34.31
N ASP D 9 -29.72 15.54 -35.49
CA ASP D 9 -31.01 14.94 -35.80
C ASP D 9 -31.07 13.46 -35.40
N GLY D 10 -29.92 12.91 -35.03
CA GLY D 10 -29.84 11.56 -34.50
C GLY D 10 -29.65 10.49 -35.57
N ALA D 11 -29.01 10.86 -36.68
CA ALA D 11 -28.78 9.95 -37.82
C ALA D 11 -27.98 8.71 -37.40
N SER D 12 -28.13 7.64 -38.18
CA SER D 12 -27.47 6.36 -37.89
C SER D 12 -25.96 6.48 -38.04
N ALA D 13 -25.23 5.47 -37.58
CA ALA D 13 -23.77 5.41 -37.71
C ALA D 13 -23.31 5.59 -39.15
N ALA D 14 -23.91 4.82 -40.06
CA ALA D 14 -23.59 4.89 -41.49
C ALA D 14 -23.92 6.24 -42.11
N GLU D 15 -24.93 6.93 -41.58
CA GLU D 15 -25.30 8.25 -42.07
C GLU D 15 -24.29 9.31 -41.62
N ILE D 16 -23.79 9.15 -40.40
CA ILE D 16 -22.71 10.00 -39.90
C ILE D 16 -21.43 9.77 -40.72
N GLU D 17 -21.07 8.50 -40.89
CA GLU D 17 -19.90 8.11 -41.67
C GLU D 17 -19.90 8.72 -43.09
N ALA D 18 -21.10 8.86 -43.67
CA ALA D 18 -21.27 9.34 -45.04
C ALA D 18 -21.20 10.87 -45.20
N ALA D 19 -21.62 11.61 -44.18
CA ALA D 19 -21.61 13.08 -44.24
C ALA D 19 -20.18 13.58 -44.07
N PRO D 20 -19.70 14.42 -45.01
CA PRO D 20 -18.28 14.79 -45.05
C PRO D 20 -17.80 15.60 -43.84
N VAL D 21 -16.52 15.47 -43.50
CA VAL D 21 -15.90 16.34 -42.49
C VAL D 21 -15.55 17.69 -43.10
N PRO D 22 -16.06 18.80 -42.52
CA PRO D 22 -15.74 20.14 -43.00
C PRO D 22 -14.24 20.46 -42.86
N ASP D 23 -13.74 21.35 -43.71
CA ASP D 23 -12.32 21.74 -43.72
C ASP D 23 -11.92 22.65 -42.55
N THR D 24 -12.88 23.39 -42.04
CA THR D 24 -12.65 24.31 -40.92
C THR D 24 -13.79 24.07 -39.93
N TYR D 25 -13.58 24.44 -38.66
CA TYR D 25 -14.65 24.40 -37.67
C TYR D 25 -14.56 25.62 -36.75
N LEU D 26 -15.65 25.95 -36.06
CA LEU D 26 -15.70 27.09 -35.14
C LEU D 26 -15.12 26.72 -33.77
N ALA D 27 -14.19 27.53 -33.27
CA ALA D 27 -13.46 27.17 -32.04
C ALA D 27 -13.18 28.40 -31.21
N LEU D 28 -13.27 28.25 -29.89
CA LEU D 28 -12.75 29.26 -28.95
C LEU D 28 -11.23 29.06 -28.88
N HIS D 29 -10.47 30.12 -29.14
CA HIS D 29 -9.03 29.94 -29.31
C HIS D 29 -8.20 31.16 -28.99
N LEU D 30 -6.90 30.93 -28.78
CA LEU D 30 -5.92 31.99 -28.62
C LEU D 30 -5.08 32.09 -29.89
N ARG D 31 -4.55 33.29 -30.18
CA ARG D 31 -3.62 33.49 -31.29
C ARG D 31 -2.21 33.66 -30.74
N ALA D 32 -1.22 33.07 -31.41
CA ALA D 32 0.16 33.20 -30.95
C ALA D 32 0.66 34.65 -30.96
N GLU D 33 0.15 35.46 -31.89
CA GLU D 33 0.58 36.85 -32.00
C GLU D 33 0.16 37.72 -30.81
N ASP D 34 -0.81 37.24 -30.05
CA ASP D 34 -1.34 37.99 -28.91
C ASP D 34 -0.61 37.73 -27.59
N ALA D 35 0.39 36.85 -27.62
CA ALA D 35 0.97 36.34 -26.38
C ALA D 35 1.65 37.39 -25.49
N ASP D 36 2.03 38.53 -26.07
CA ASP D 36 2.62 39.65 -25.31
C ASP D 36 1.65 40.76 -24.93
N MET D 37 0.37 40.61 -25.30
CA MET D 37 -0.62 41.68 -25.18
C MET D 37 -0.90 42.22 -23.78
N PHE D 38 -0.55 41.45 -22.75
CA PHE D 38 -0.81 41.89 -21.37
C PHE D 38 0.44 42.39 -20.66
N LYS D 39 1.50 42.74 -21.41
CA LYS D 39 2.72 43.24 -20.79
C LYS D 39 2.43 44.53 -20.04
N GLY D 40 2.67 44.49 -18.73
CA GLY D 40 2.45 45.66 -17.85
C GLY D 40 1.00 45.86 -17.44
N VAL D 41 0.18 44.84 -17.69
CA VAL D 41 -1.25 44.90 -17.37
C VAL D 41 -1.53 44.05 -16.12
N ALA D 42 -2.24 44.64 -15.15
CA ALA D 42 -2.57 43.94 -13.90
C ALA D 42 -3.81 43.03 -14.02
N ASP D 43 -4.89 43.58 -14.58
CA ASP D 43 -6.08 42.78 -14.84
C ASP D 43 -6.09 42.27 -16.27
N LYS D 44 -5.60 41.05 -16.45
CA LYS D 44 -5.51 40.38 -17.75
C LYS D 44 -6.86 39.77 -18.14
N ASP D 45 -7.77 40.66 -18.54
CA ASP D 45 -9.14 40.31 -18.89
C ASP D 45 -9.10 39.30 -20.03
N VAL D 46 -9.56 38.08 -19.76
CA VAL D 46 -9.51 36.97 -20.73
C VAL D 46 -10.38 37.24 -21.95
N ARG D 47 -11.34 38.15 -21.80
CA ARG D 47 -12.22 38.56 -22.89
C ARG D 47 -11.48 39.40 -23.96
N LYS D 48 -10.27 39.85 -23.64
CA LYS D 48 -9.43 40.58 -24.60
C LYS D 48 -8.60 39.61 -25.48
N SER D 49 -8.25 38.45 -24.94
CA SER D 49 -7.43 37.49 -25.69
C SER D 49 -8.24 36.44 -26.47
N LEU D 50 -9.33 35.97 -25.88
CA LEU D 50 -10.15 34.89 -26.44
C LEU D 50 -10.84 35.25 -27.75
N ARG D 51 -10.66 34.37 -28.73
CA ARG D 51 -11.29 34.55 -30.02
C ARG D 51 -12.20 33.38 -30.29
N LEU D 52 -13.31 33.64 -30.96
CA LEU D 52 -14.19 32.61 -31.48
C LEU D 52 -14.24 32.79 -32.98
N GLY D 53 -13.79 31.77 -33.72
CA GLY D 53 -13.71 31.82 -35.18
C GLY D 53 -13.38 30.47 -35.78
N GLU D 54 -13.45 30.39 -37.10
CA GLU D 54 -13.14 29.16 -37.84
C GLU D 54 -11.65 28.84 -37.79
N VAL D 55 -11.30 27.57 -37.57
CA VAL D 55 -9.90 27.14 -37.65
C VAL D 55 -9.85 25.89 -38.53
N PRO D 56 -8.68 25.58 -39.14
CA PRO D 56 -8.59 24.39 -40.00
C PRO D 56 -8.72 23.05 -39.25
N MET D 57 -9.39 22.10 -39.89
CA MET D 57 -9.57 20.76 -39.34
C MET D 57 -8.29 19.95 -39.54
N PRO D 58 -7.72 19.39 -38.46
CA PRO D 58 -6.47 18.65 -38.66
C PRO D 58 -6.72 17.26 -39.25
N GLU D 59 -5.65 16.64 -39.73
CA GLU D 59 -5.65 15.21 -40.09
C GLU D 59 -5.72 14.37 -38.80
N LEU D 60 -6.53 13.31 -38.85
CA LEU D 60 -6.73 12.42 -37.70
C LEU D 60 -5.69 11.29 -37.63
N ALA D 61 -5.00 11.20 -36.48
CA ALA D 61 -4.04 10.13 -36.25
C ALA D 61 -4.77 8.79 -36.01
N PRO D 62 -4.08 7.66 -36.28
CA PRO D 62 -4.67 6.31 -36.21
C PRO D 62 -5.29 5.97 -34.85
N ASP D 63 -4.72 6.49 -33.78
CA ASP D 63 -5.20 6.21 -32.42
C ASP D 63 -6.17 7.29 -31.91
N GLU D 64 -6.59 8.19 -32.79
CA GLU D 64 -7.39 9.33 -32.38
C GLU D 64 -8.85 9.22 -32.81
N VAL D 65 -9.69 10.06 -32.21
CA VAL D 65 -11.11 10.07 -32.52
C VAL D 65 -11.56 11.50 -32.70
N LEU D 66 -12.38 11.75 -33.74
CA LEU D 66 -13.00 13.06 -33.93
C LEU D 66 -14.37 13.12 -33.23
N VAL D 67 -14.52 14.13 -32.39
CA VAL D 67 -15.72 14.23 -31.58
C VAL D 67 -16.46 15.51 -31.93
N ALA D 68 -17.75 15.38 -32.25
CA ALA D 68 -18.65 16.53 -32.41
C ALA D 68 -19.12 16.89 -31.01
N VAL D 69 -18.63 18.04 -30.54
CA VAL D 69 -18.77 18.44 -29.16
C VAL D 69 -20.14 19.06 -28.95
N MET D 70 -20.91 18.46 -28.06
CA MET D 70 -22.22 18.97 -27.76
C MET D 70 -22.14 20.02 -26.65
N ALA D 71 -21.24 19.81 -25.68
CA ALA D 71 -21.08 20.71 -24.54
C ALA D 71 -19.67 20.62 -23.97
N SER D 72 -19.22 21.69 -23.33
CA SER D 72 -17.92 21.70 -22.62
C SER D 72 -18.07 22.46 -21.29
N SER D 73 -16.98 22.87 -20.65
CA SER D 73 -17.08 23.62 -19.40
C SER D 73 -15.84 24.48 -19.23
N ILE D 74 -15.91 25.49 -18.36
CA ILE D 74 -14.73 26.30 -18.03
C ILE D 74 -13.94 25.68 -16.90
N ASN D 75 -12.62 25.63 -17.07
CA ASN D 75 -11.71 25.17 -16.04
C ASN D 75 -10.66 26.21 -15.80
N TYR D 76 -10.02 26.18 -14.64
CA TYR D 76 -8.94 27.13 -14.36
C TYR D 76 -7.82 27.16 -15.39
N ASN D 77 -7.46 26.03 -15.97
CA ASN D 77 -6.38 26.06 -16.96
C ASN D 77 -6.76 26.86 -18.24
N THR D 78 -8.07 26.98 -18.49
CA THR D 78 -8.58 27.78 -19.60
C THR D 78 -8.36 29.26 -19.33
N VAL D 79 -8.55 29.63 -18.07
CA VAL D 79 -8.37 30.98 -17.59
C VAL D 79 -6.89 31.33 -17.73
N TRP D 80 -6.05 30.47 -17.15
CA TRP D 80 -4.59 30.64 -17.17
C TRP D 80 -4.01 30.73 -18.56
N SER D 81 -4.55 29.94 -19.48
CA SER D 81 -4.15 30.00 -20.88
C SER D 81 -4.46 31.34 -21.49
N ALA D 82 -5.70 31.79 -21.28
CA ALA D 82 -6.17 33.05 -21.87
C ALA D 82 -5.47 34.26 -21.25
N MET D 83 -4.81 34.05 -20.13
CA MET D 83 -3.99 35.10 -19.51
C MET D 83 -2.53 35.07 -20.02
N PHE D 84 -2.22 34.07 -20.85
CA PHE D 84 -0.85 33.66 -21.20
C PHE D 84 0.09 33.51 -20.00
N GLU D 85 -0.45 33.02 -18.87
CA GLU D 85 0.30 32.97 -17.60
C GLU D 85 0.38 31.56 -17.04
N PRO D 86 1.53 31.19 -16.43
CA PRO D 86 2.74 32.03 -16.28
C PRO D 86 3.62 31.97 -17.52
N ILE D 87 3.23 31.12 -18.46
CA ILE D 87 3.97 30.82 -19.67
C ILE D 87 2.88 30.60 -20.72
N PRO D 88 3.04 31.20 -21.91
CA PRO D 88 2.07 31.01 -22.98
C PRO D 88 1.98 29.51 -23.29
N THR D 89 0.76 28.99 -23.44
CA THR D 89 0.55 27.59 -23.79
C THR D 89 1.27 27.23 -25.09
N PHE D 90 1.53 28.23 -25.93
CA PHE D 90 2.21 28.00 -27.19
C PHE D 90 3.59 27.38 -26.97
N HIS D 91 4.15 27.64 -25.81
CA HIS D 91 5.37 26.96 -25.42
C HIS D 91 5.16 25.49 -25.12
N PHE D 92 4.01 25.11 -24.56
CA PHE D 92 3.73 23.68 -24.41
C PHE D 92 3.47 23.04 -25.76
N LEU D 93 2.77 23.75 -26.65
CA LEU D 93 2.42 23.16 -27.95
C LEU D 93 3.66 22.85 -28.79
N LYS D 94 4.69 23.70 -28.68
CA LYS D 94 6.00 23.49 -29.32
C LYS D 94 6.81 22.33 -28.70
N GLN D 95 6.83 22.25 -27.38
CA GLN D 95 7.50 21.13 -26.69
C GLN D 95 6.88 19.80 -27.10
N ASN D 96 5.54 19.77 -27.11
CA ASN D 96 4.76 18.63 -27.61
C ASN D 96 5.21 18.24 -29.03
N ALA D 97 5.04 19.15 -30.00
CA ALA D 97 5.41 18.91 -31.40
C ALA D 97 6.85 18.45 -31.60
N ARG D 98 7.72 18.80 -30.65
CA ARG D 98 9.12 18.40 -30.71
C ARG D 98 9.35 16.87 -30.71
N GLN D 99 8.30 16.10 -30.40
CA GLN D 99 8.35 14.64 -30.49
C GLN D 99 8.33 14.14 -31.93
N GLY D 100 7.86 14.98 -32.85
CA GLY D 100 7.77 14.62 -34.27
C GLY D 100 6.56 13.75 -34.54
N GLY D 101 6.53 13.15 -35.72
CA GLY D 101 5.42 12.31 -36.18
C GLY D 101 4.11 13.09 -36.13
N TRP D 102 3.09 12.46 -35.55
CA TRP D 102 1.73 13.02 -35.47
C TRP D 102 1.58 14.16 -34.48
N ALA D 103 2.60 14.37 -33.65
CA ALA D 103 2.56 15.43 -32.63
C ALA D 103 2.86 16.79 -33.23
N THR D 104 3.45 16.81 -34.42
CA THR D 104 3.77 18.09 -35.07
C THR D 104 2.51 18.95 -35.28
N ARG D 105 1.35 18.30 -35.41
CA ARG D 105 0.09 18.98 -35.70
C ARG D 105 -0.27 19.98 -34.61
N HIS D 106 0.20 19.73 -33.38
CA HIS D 106 -0.08 20.59 -32.24
C HIS D 106 0.52 21.98 -32.29
N ASP D 107 1.63 22.14 -33.01
CA ASP D 107 2.33 23.42 -33.09
C ASP D 107 1.75 24.32 -34.21
N GLN D 108 0.78 25.16 -33.83
CA GLN D 108 0.04 26.00 -34.76
C GLN D 108 0.07 27.45 -34.31
N PRO D 109 -0.34 28.38 -35.20
CA PRO D 109 -0.40 29.78 -34.77
C PRO D 109 -1.65 30.09 -33.92
N TYR D 110 -2.56 29.11 -33.80
CA TYR D 110 -3.75 29.20 -32.96
C TYR D 110 -3.73 28.05 -31.98
N HIS D 111 -4.51 28.16 -30.91
CA HIS D 111 -4.61 27.09 -29.92
C HIS D 111 -6.05 27.00 -29.46
N VAL D 112 -6.72 25.90 -29.83
CA VAL D 112 -8.08 25.65 -29.37
C VAL D 112 -8.04 25.09 -27.94
N LEU D 113 -8.77 25.73 -27.03
CA LEU D 113 -8.79 25.38 -25.60
C LEU D 113 -10.00 24.51 -25.24
N GLY D 114 -10.04 24.06 -24.00
CA GLY D 114 -11.14 23.23 -23.47
C GLY D 114 -10.63 21.84 -23.09
N SER D 115 -10.78 21.50 -21.81
CA SER D 115 -10.13 20.29 -21.26
C SER D 115 -11.05 19.14 -20.91
N ASP D 116 -12.36 19.38 -20.98
CA ASP D 116 -13.30 18.26 -20.91
C ASP D 116 -14.49 18.55 -21.81
N CYS D 117 -15.30 17.53 -22.07
CA CYS D 117 -16.48 17.71 -22.91
C CYS D 117 -17.33 16.44 -23.00
N SER D 118 -18.51 16.60 -23.60
CA SER D 118 -19.37 15.50 -23.99
C SER D 118 -19.79 15.71 -25.45
N GLY D 119 -20.09 14.62 -26.14
CA GLY D 119 -20.62 14.70 -27.48
C GLY D 119 -20.69 13.35 -28.17
N VAL D 120 -20.49 13.41 -29.48
CA VAL D 120 -20.82 12.31 -30.36
C VAL D 120 -19.64 12.00 -31.23
N VAL D 121 -19.21 10.74 -31.19
CA VAL D 121 -18.15 10.26 -32.06
C VAL D 121 -18.63 10.39 -33.50
N VAL D 122 -17.79 10.97 -34.35
CA VAL D 122 -18.09 11.08 -35.79
C VAL D 122 -17.08 10.35 -36.71
N ARG D 123 -15.82 10.31 -36.30
CA ARG D 123 -14.78 9.62 -37.05
C ARG D 123 -13.83 8.88 -36.09
N THR D 124 -13.27 7.75 -36.54
CA THR D 124 -12.24 7.06 -35.77
C THR D 124 -11.01 6.76 -36.64
N GLY D 125 -9.82 6.83 -36.04
CA GLY D 125 -8.61 6.40 -36.74
C GLY D 125 -8.59 4.90 -36.96
N ILE D 126 -7.83 4.44 -37.96
CA ILE D 126 -7.83 3.00 -38.30
C ILE D 126 -7.35 2.09 -37.15
N GLY D 127 -6.70 2.69 -36.16
CA GLY D 127 -6.25 1.93 -34.97
C GLY D 127 -7.22 1.89 -33.81
N VAL D 128 -8.31 2.66 -33.90
CA VAL D 128 -9.26 2.82 -32.78
C VAL D 128 -10.20 1.61 -32.71
N ARG D 129 -10.33 1.04 -31.51
CA ARG D 129 -11.13 -0.14 -31.29
C ARG D 129 -12.48 0.21 -30.68
N ARG D 130 -13.52 -0.50 -31.13
CA ARG D 130 -14.86 -0.49 -30.51
C ARG D 130 -15.76 0.70 -30.83
N TRP D 131 -15.28 1.91 -30.59
CA TRP D 131 -16.04 3.13 -30.82
C TRP D 131 -16.57 3.24 -32.26
N LYS D 132 -17.77 3.78 -32.39
CA LYS D 132 -18.41 3.93 -33.69
C LYS D 132 -19.03 5.30 -33.79
N PRO D 133 -19.08 5.87 -35.02
CA PRO D 133 -19.86 7.08 -35.24
C PRO D 133 -21.26 6.94 -34.64
N GLY D 134 -21.73 7.97 -33.94
CA GLY D 134 -23.01 7.92 -33.26
C GLY D 134 -22.94 7.66 -31.77
N ASP D 135 -21.84 7.09 -31.30
CA ASP D 135 -21.67 6.79 -29.87
C ASP D 135 -21.53 8.06 -29.02
N HIS D 136 -22.30 8.09 -27.93
CA HIS D 136 -22.28 9.21 -27.00
C HIS D 136 -21.12 9.06 -26.00
N VAL D 137 -20.22 10.03 -25.98
CA VAL D 137 -19.05 9.95 -25.10
C VAL D 137 -18.89 11.15 -24.18
N ILE D 138 -18.13 10.95 -23.10
CA ILE D 138 -17.47 12.06 -22.40
C ILE D 138 -15.97 11.94 -22.62
N VAL D 139 -15.29 13.08 -22.58
CA VAL D 139 -13.88 13.10 -22.79
C VAL D 139 -13.25 13.63 -21.55
N HIS D 140 -12.28 12.90 -21.01
CA HIS D 140 -11.46 13.43 -19.95
C HIS D 140 -10.09 13.93 -20.46
N PRO D 141 -9.40 14.76 -19.67
CA PRO D 141 -8.20 15.46 -20.14
C PRO D 141 -6.86 14.69 -20.18
N ALA D 142 -6.79 13.45 -19.68
CA ALA D 142 -5.54 12.67 -19.71
C ALA D 142 -5.09 12.21 -21.11
N HIS D 143 -4.23 13.02 -21.75
CA HIS D 143 -3.72 12.77 -23.08
C HIS D 143 -2.35 12.17 -22.89
N VAL D 144 -2.27 10.84 -23.09
CA VAL D 144 -1.13 10.06 -22.63
C VAL D 144 -0.52 9.16 -23.73
N ASP D 145 0.76 8.81 -23.55
CA ASP D 145 1.47 7.89 -24.46
C ASP D 145 1.37 6.46 -23.96
N GLU D 146 0.61 5.66 -24.69
CA GLU D 146 0.31 4.29 -24.30
C GLU D 146 1.47 3.34 -24.55
N GLN D 147 2.50 3.82 -25.24
CA GLN D 147 3.68 3.03 -25.53
C GLN D 147 4.73 3.14 -24.46
N GLU D 148 4.61 4.14 -23.59
CA GLU D 148 5.66 4.31 -22.63
C GLU D 148 5.39 3.43 -21.39
N PRO D 149 6.45 2.80 -20.87
CA PRO D 149 6.29 1.86 -19.77
C PRO D 149 5.50 2.42 -18.58
N ALA D 150 5.82 3.65 -18.15
CA ALA D 150 5.13 4.25 -17.00
C ALA D 150 3.60 4.24 -17.10
N THR D 151 3.05 4.58 -18.26
CA THR D 151 1.60 4.56 -18.51
C THR D 151 0.88 3.30 -18.00
N HIS D 152 1.55 2.15 -18.15
CA HIS D 152 1.04 0.81 -17.77
C HIS D 152 1.12 0.48 -16.25
N GLY D 153 1.87 1.30 -15.52
CA GLY D 153 1.82 1.28 -14.05
C GLY D 153 0.86 2.34 -13.55
N ASP D 154 0.84 3.51 -14.19
CA ASP D 154 -0.06 4.61 -13.79
C ASP D 154 -0.18 5.64 -14.92
N GLY D 155 -1.37 5.78 -15.47
CA GLY D 155 -1.60 6.61 -16.66
C GLY D 155 -1.13 8.04 -16.54
N MET D 156 -1.12 8.56 -15.31
CA MET D 156 -0.71 9.93 -15.07
C MET D 156 0.78 10.14 -15.07
N LEU D 157 1.57 9.08 -14.88
CA LEU D 157 2.99 9.21 -14.53
C LEU D 157 4.01 9.19 -15.68
N GLY D 158 3.54 8.99 -16.91
CA GLY D 158 4.42 8.96 -18.06
C GLY D 158 4.98 10.33 -18.34
N THR D 159 6.19 10.37 -18.91
CA THR D 159 6.87 11.64 -19.22
C THR D 159 6.10 12.44 -20.25
N GLU D 160 5.25 11.76 -21.03
CA GLU D 160 4.51 12.39 -22.14
C GLU D 160 3.06 12.73 -21.79
N GLN D 161 2.67 12.47 -20.55
CA GLN D 161 1.32 12.82 -20.08
C GLN D 161 1.08 14.32 -20.20
N ARG D 162 -0.06 14.68 -20.80
CA ARG D 162 -0.44 16.08 -21.04
C ARG D 162 -1.91 16.34 -20.80
N ALA D 163 -2.21 17.60 -20.50
CA ALA D 163 -3.56 18.03 -20.28
C ALA D 163 -4.12 18.40 -21.62
N TRP D 164 -5.18 17.69 -22.03
CA TRP D 164 -5.88 17.97 -23.27
C TRP D 164 -6.42 19.41 -23.31
N GLY D 165 -6.14 20.10 -24.41
CA GLY D 165 -6.61 21.49 -24.60
C GLY D 165 -5.82 22.54 -23.87
N PHE D 166 -4.80 22.10 -23.11
CA PHE D 166 -3.96 23.01 -22.35
C PHE D 166 -2.50 22.81 -22.77
N GLU D 167 -2.05 21.56 -22.78
CA GLU D 167 -0.74 21.23 -23.32
C GLU D 167 -0.83 20.59 -24.69
N THR D 168 -2.06 20.41 -25.19
CA THR D 168 -2.32 19.90 -26.53
C THR D 168 -3.27 20.86 -27.24
N ASN D 169 -3.31 20.77 -28.56
CA ASN D 169 -4.25 21.57 -29.31
C ASN D 169 -5.57 20.79 -29.46
N PHE D 170 -6.50 21.37 -30.20
CA PHE D 170 -7.77 20.72 -30.54
C PHE D 170 -8.63 20.30 -29.35
N GLY D 171 -8.83 21.25 -28.44
CA GLY D 171 -9.58 21.06 -27.18
C GLY D 171 -11.08 21.16 -27.29
N GLY D 172 -11.77 21.10 -26.14
CA GLY D 172 -13.23 21.02 -26.06
C GLY D 172 -14.11 22.25 -26.32
N LEU D 173 -13.56 23.45 -26.22
CA LEU D 173 -14.35 24.65 -26.43
C LEU D 173 -14.45 25.00 -27.91
N ALA D 174 -15.04 24.08 -28.66
CA ALA D 174 -15.22 24.20 -30.10
C ALA D 174 -16.32 23.24 -30.56
N GLU D 175 -16.67 23.28 -31.84
CA GLU D 175 -17.72 22.41 -32.36
C GLU D 175 -17.23 20.98 -32.53
N TYR D 176 -15.92 20.82 -32.67
CA TYR D 176 -15.29 19.50 -32.72
C TYR D 176 -14.04 19.45 -31.84
N GLY D 177 -13.68 18.26 -31.40
CA GLY D 177 -12.45 18.05 -30.65
C GLY D 177 -11.74 16.84 -31.20
N VAL D 178 -10.40 16.82 -31.09
CA VAL D 178 -9.64 15.65 -31.51
C VAL D 178 -9.03 15.06 -30.26
N VAL D 179 -9.40 13.83 -29.95
CA VAL D 179 -8.89 13.16 -28.76
C VAL D 179 -8.27 11.78 -29.02
N ARG D 180 -7.44 11.32 -28.09
CA ARG D 180 -6.97 9.95 -28.12
C ARG D 180 -8.06 9.06 -27.58
N ALA D 181 -8.20 7.86 -28.16
CA ALA D 181 -9.23 6.93 -27.73
C ALA D 181 -9.13 6.61 -26.24
N SER D 182 -7.93 6.71 -25.68
CA SER D 182 -7.74 6.55 -24.24
C SER D 182 -8.25 7.72 -23.37
N GLN D 183 -8.98 8.67 -23.99
CA GLN D 183 -9.63 9.75 -23.24
C GLN D 183 -11.16 9.57 -23.16
N LEU D 184 -11.68 8.56 -23.83
CA LEU D 184 -13.13 8.42 -23.98
C LEU D 184 -13.73 7.40 -23.04
N LEU D 185 -14.87 7.78 -22.48
CA LEU D 185 -15.68 6.90 -21.66
C LEU D 185 -17.12 7.08 -22.11
N PRO D 186 -17.95 6.05 -21.90
CA PRO D 186 -19.35 6.23 -22.29
C PRO D 186 -20.03 7.32 -21.46
N LYS D 187 -20.98 8.03 -22.08
CA LYS D 187 -21.72 9.10 -21.40
C LYS D 187 -22.79 8.46 -20.51
N PRO D 188 -22.87 8.88 -19.23
CA PRO D 188 -23.99 8.61 -18.30
C PRO D 188 -25.32 9.00 -18.95
N ALA D 189 -26.14 8.00 -19.18
CA ALA D 189 -27.32 8.14 -20.04
C ALA D 189 -28.41 9.07 -19.52
N HIS D 190 -28.53 9.17 -18.20
CA HIS D 190 -29.59 9.97 -17.59
C HIS D 190 -29.28 11.47 -17.60
N LEU D 191 -28.04 11.85 -17.95
CA LEU D 191 -27.64 13.26 -17.95
C LEU D 191 -27.85 13.96 -19.28
N THR D 192 -28.00 15.29 -19.21
CA THR D 192 -27.95 16.16 -20.37
C THR D 192 -26.49 16.36 -20.80
N TRP D 193 -26.30 16.78 -22.05
CA TRP D 193 -24.97 17.04 -22.57
C TRP D 193 -24.15 17.95 -21.63
N GLU D 194 -24.79 19.03 -21.16
CA GLU D 194 -24.15 20.04 -20.32
C GLU D 194 -23.79 19.53 -18.91
N GLU D 195 -24.70 18.75 -18.32
CA GLU D 195 -24.48 18.14 -17.01
C GLU D 195 -23.33 17.14 -17.05
N ALA D 196 -23.29 16.32 -18.11
CA ALA D 196 -22.24 15.32 -18.27
C ALA D 196 -20.86 15.93 -18.54
N ALA D 197 -20.84 17.13 -19.12
CA ALA D 197 -19.61 17.78 -19.56
C ALA D 197 -18.84 18.47 -18.44
N VAL D 198 -19.52 18.84 -17.36
CA VAL D 198 -18.87 19.61 -16.28
C VAL D 198 -18.01 18.75 -15.34
N SER D 199 -18.20 17.44 -15.35
CA SER D 199 -17.55 16.57 -14.36
C SER D 199 -16.12 16.04 -14.61
N PRO D 200 -15.79 15.57 -15.83
CA PRO D 200 -14.55 14.76 -15.97
C PRO D 200 -13.24 15.31 -15.37
N LEU D 201 -12.86 16.56 -15.66
CA LEU D 201 -11.65 17.13 -15.07
C LEU D 201 -11.70 17.23 -13.54
N CYS D 202 -12.66 17.97 -13.01
CA CYS D 202 -12.68 18.26 -11.58
C CYS D 202 -13.05 17.04 -10.73
N ALA D 203 -14.05 16.27 -11.19
CA ALA D 203 -14.49 15.08 -10.48
C ALA D 203 -13.43 13.98 -10.48
N GLY D 204 -12.79 13.76 -11.64
CA GLY D 204 -11.65 12.86 -11.75
C GLY D 204 -10.47 13.30 -10.86
N THR D 205 -10.24 14.60 -10.82
CA THR D 205 -9.15 15.14 -10.00
C THR D 205 -9.38 14.81 -8.54
N ALA D 206 -10.60 15.10 -8.06
CA ALA D 206 -10.94 14.87 -6.67
C ALA D 206 -11.00 13.39 -6.35
N TYR D 207 -11.34 12.59 -7.37
CA TYR D 207 -11.39 11.15 -7.18
C TYR D 207 -10.00 10.58 -6.87
N ARG D 208 -9.03 10.99 -7.69
CA ARG D 208 -7.65 10.57 -7.51
C ARG D 208 -7.09 10.99 -6.14
N MET D 209 -7.32 12.26 -5.79
CA MET D 209 -6.85 12.88 -4.54
C MET D 209 -7.45 12.22 -3.29
N LEU D 210 -8.66 11.68 -3.40
CA LEU D 210 -9.39 11.24 -2.22
C LEU D 210 -9.83 9.78 -2.15
N VAL D 211 -10.32 9.21 -3.26
CA VAL D 211 -10.86 7.86 -3.21
C VAL D 211 -9.83 6.83 -3.61
N SER D 212 -9.06 7.15 -4.65
CA SER D 212 -8.11 6.24 -5.27
C SER D 212 -6.95 5.80 -4.39
N ASP D 213 -6.35 4.66 -4.71
CA ASP D 213 -5.15 4.25 -3.97
C ASP D 213 -3.91 5.07 -4.38
N ARG D 214 -4.03 5.93 -5.39
CA ARG D 214 -2.93 6.82 -5.81
C ARG D 214 -2.91 8.19 -5.12
N GLY D 215 -3.90 8.46 -4.27
CA GLY D 215 -3.95 9.73 -3.54
C GLY D 215 -4.01 9.49 -2.05
N ALA D 216 -4.89 10.21 -1.35
CA ALA D 216 -5.00 10.11 0.10
C ALA D 216 -5.72 8.82 0.52
N GLN D 217 -6.61 8.33 -0.36
CA GLN D 217 -7.35 7.09 -0.10
C GLN D 217 -8.14 7.06 1.22
N MET D 218 -9.15 7.92 1.35
CA MET D 218 -10.01 7.98 2.54
C MET D 218 -10.78 6.67 2.81
N LYS D 219 -11.10 6.43 4.08
CA LYS D 219 -11.95 5.31 4.48
C LYS D 219 -13.15 5.91 5.19
N GLN D 220 -14.23 5.14 5.35
CA GLN D 220 -15.36 5.61 6.16
C GLN D 220 -14.85 6.03 7.53
N GLY D 221 -15.40 7.11 8.09
CA GLY D 221 -14.96 7.62 9.39
C GLY D 221 -13.89 8.71 9.40
N ASP D 222 -13.17 8.88 8.28
CA ASP D 222 -12.11 9.90 8.12
C ASP D 222 -12.70 11.31 8.13
N ILE D 223 -12.09 12.21 8.91
CA ILE D 223 -12.48 13.61 8.89
C ILE D 223 -11.62 14.33 7.83
N VAL D 224 -12.28 14.98 6.88
CA VAL D 224 -11.58 15.61 5.77
C VAL D 224 -11.88 17.13 5.76
N LEU D 225 -10.84 17.95 5.98
CA LEU D 225 -10.93 19.39 5.82
C LEU D 225 -10.82 19.77 4.33
N ILE D 226 -11.82 20.47 3.81
CA ILE D 226 -11.86 20.85 2.41
C ILE D 226 -11.79 22.36 2.31
N TRP D 227 -10.61 22.85 1.89
CA TRP D 227 -10.43 24.26 1.59
C TRP D 227 -11.18 24.65 0.33
N GLY D 228 -11.55 25.93 0.24
CA GLY D 228 -12.31 26.48 -0.89
C GLY D 228 -13.38 25.53 -1.37
N ALA D 229 -14.29 25.13 -0.46
CA ALA D 229 -15.20 24.01 -0.71
C ALA D 229 -16.25 24.21 -1.79
N SER D 230 -16.56 25.48 -2.11
CA SER D 230 -17.65 25.81 -3.04
C SER D 230 -17.27 25.76 -4.53
N GLY D 231 -15.98 25.69 -4.84
CA GLY D 231 -15.52 25.67 -6.23
C GLY D 231 -15.72 24.31 -6.88
N GLY D 232 -15.12 24.09 -8.04
CA GLY D 232 -15.44 22.92 -8.88
C GLY D 232 -14.85 21.65 -8.30
N LEU D 233 -13.59 21.71 -7.90
CA LEU D 233 -12.96 20.64 -7.16
C LEU D 233 -13.62 20.31 -5.82
N GLY D 234 -13.96 21.34 -5.05
CA GLY D 234 -14.48 21.16 -3.69
C GLY D 234 -15.87 20.56 -3.74
N SER D 235 -16.63 20.94 -4.76
CA SER D 235 -17.97 20.40 -4.94
C SER D 235 -17.95 18.90 -5.11
N TYR D 236 -17.00 18.39 -5.86
CA TYR D 236 -16.92 16.94 -6.02
C TYR D 236 -16.24 16.28 -4.84
N ALA D 237 -15.26 16.96 -4.23
CA ALA D 237 -14.61 16.47 -3.00
C ALA D 237 -15.61 16.15 -1.90
N ILE D 238 -16.52 17.09 -1.64
CA ILE D 238 -17.57 16.95 -0.63
C ILE D 238 -18.40 15.69 -0.89
N GLN D 239 -18.85 15.55 -2.14
CA GLN D 239 -19.66 14.43 -2.57
C GLN D 239 -18.98 13.07 -2.30
N PHE D 240 -17.73 12.90 -2.76
CA PHE D 240 -16.98 11.67 -2.54
C PHE D 240 -16.78 11.37 -1.04
N VAL D 241 -16.47 12.40 -0.25
CA VAL D 241 -16.28 12.22 1.17
C VAL D 241 -17.57 11.69 1.81
N LYS D 242 -18.70 12.35 1.54
CA LYS D 242 -20.00 11.90 2.05
C LYS D 242 -20.34 10.50 1.56
N ASN D 243 -20.14 10.26 0.26
CA ASN D 243 -20.51 8.97 -0.33
C ASN D 243 -19.64 7.82 0.20
N GLY D 244 -18.40 8.11 0.56
CA GLY D 244 -17.51 7.13 1.18
C GLY D 244 -17.64 6.98 2.70
N GLY D 245 -18.63 7.62 3.30
CA GLY D 245 -18.84 7.50 4.74
C GLY D 245 -17.89 8.33 5.57
N GLY D 246 -17.22 9.30 4.91
CA GLY D 246 -16.36 10.24 5.60
C GLY D 246 -17.14 11.43 6.15
N ILE D 247 -16.45 12.28 6.90
CA ILE D 247 -17.06 13.48 7.49
C ILE D 247 -16.37 14.70 6.87
N PRO D 248 -17.06 15.43 5.98
CA PRO D 248 -16.38 16.61 5.45
C PRO D 248 -16.56 17.86 6.32
N VAL D 249 -15.55 18.71 6.30
CA VAL D 249 -15.61 19.98 7.00
C VAL D 249 -15.25 21.00 5.94
N ALA D 250 -16.25 21.78 5.56
CA ALA D 250 -16.02 22.74 4.49
C ALA D 250 -15.51 24.05 5.06
N VAL D 251 -14.57 24.64 4.34
CA VAL D 251 -14.15 26.00 4.59
C VAL D 251 -14.63 26.86 3.42
N VAL D 252 -15.39 27.92 3.76
CA VAL D 252 -15.95 28.87 2.81
C VAL D 252 -15.64 30.29 3.27
N SER D 253 -15.79 31.27 2.37
CA SER D 253 -15.40 32.64 2.69
C SER D 253 -16.52 33.66 2.57
N SER D 254 -17.69 33.20 2.16
CA SER D 254 -18.90 34.02 2.13
C SER D 254 -20.12 33.17 2.46
N ALA D 255 -21.23 33.85 2.76
CA ALA D 255 -22.51 33.21 3.05
C ALA D 255 -23.14 32.51 1.84
N GLN D 256 -22.97 33.09 0.65
CA GLN D 256 -23.40 32.42 -0.58
C GLN D 256 -22.62 31.13 -0.84
N LYS D 257 -21.31 31.15 -0.56
CA LYS D 257 -20.49 29.95 -0.73
C LYS D 257 -20.90 28.87 0.29
N GLU D 258 -21.27 29.32 1.50
CA GLU D 258 -21.82 28.42 2.51
C GLU D 258 -23.12 27.77 2.04
N ALA D 259 -23.93 28.55 1.32
CA ALA D 259 -25.17 28.06 0.75
C ALA D 259 -24.92 26.93 -0.25
N ALA D 260 -23.95 27.13 -1.13
CA ALA D 260 -23.59 26.11 -2.11
C ALA D 260 -23.19 24.77 -1.46
N VAL D 261 -22.31 24.85 -0.47
CA VAL D 261 -21.79 23.68 0.23
C VAL D 261 -22.85 22.88 1.00
N ARG D 262 -23.79 23.57 1.63
CA ARG D 262 -24.91 22.91 2.31
C ARG D 262 -25.88 22.28 1.32
N ALA D 263 -26.04 22.92 0.15
CA ALA D 263 -26.82 22.32 -0.94
C ALA D 263 -26.20 21.00 -1.40
N LEU D 264 -24.88 20.84 -1.19
CA LEU D 264 -24.22 19.58 -1.50
C LEU D 264 -24.16 18.59 -0.35
N GLY D 265 -24.81 18.91 0.77
CA GLY D 265 -24.88 17.97 1.89
C GLY D 265 -23.74 18.06 2.89
N CYS D 266 -22.98 19.15 2.83
CA CYS D 266 -21.96 19.38 3.83
C CYS D 266 -22.54 20.21 4.97
N ASP D 267 -22.66 19.57 6.13
CA ASP D 267 -23.32 20.14 7.31
C ASP D 267 -22.34 20.85 8.23
N LEU D 268 -21.06 20.49 8.14
CA LEU D 268 -20.02 21.11 8.97
C LEU D 268 -19.25 22.15 8.18
N VAL D 269 -19.37 23.40 8.60
CA VAL D 269 -18.86 24.53 7.83
C VAL D 269 -18.13 25.57 8.72
N ILE D 270 -17.00 26.05 8.19
CA ILE D 270 -16.17 27.03 8.84
C ILE D 270 -16.00 28.23 7.92
N ASN D 271 -16.25 29.43 8.43
CA ASN D 271 -15.98 30.64 7.66
C ASN D 271 -14.51 31.05 7.76
N ARG D 272 -13.86 31.26 6.61
CA ARG D 272 -12.48 31.76 6.54
C ARG D 272 -12.25 32.96 7.44
N ALA D 273 -13.17 33.93 7.37
CA ALA D 273 -13.08 35.22 8.06
C ALA D 273 -12.34 35.17 9.37
N GLU D 274 -12.79 34.29 10.27
CA GLU D 274 -12.14 34.03 11.56
C GLU D 274 -10.62 33.96 11.44
N LEU D 275 -9.94 34.92 12.07
CA LEU D 275 -8.52 35.23 11.87
C LEU D 275 -7.82 34.49 10.72
N ASP D 284 4.91 36.99 10.61
CA ASP D 284 5.68 35.89 11.19
C ASP D 284 5.15 34.55 10.69
N PRO D 285 5.95 33.48 10.86
CA PRO D 285 5.39 32.13 10.77
C PRO D 285 4.80 31.68 12.11
N ARG D 286 5.02 32.50 13.15
CA ARG D 286 4.39 32.32 14.45
C ARG D 286 2.89 32.65 14.40
N ARG D 287 2.52 33.53 13.47
CA ARG D 287 1.12 33.85 13.18
C ARG D 287 0.41 32.75 12.40
N VAL D 288 1.12 32.09 11.48
CA VAL D 288 0.55 30.92 10.81
C VAL D 288 0.36 29.73 11.79
N VAL D 289 1.29 29.60 12.73
CA VAL D 289 1.16 28.62 13.82
C VAL D 289 -0.06 28.91 14.72
N GLU D 290 -0.24 30.19 15.09
CA GLU D 290 -1.43 30.61 15.83
C GLU D 290 -2.72 30.42 15.05
N THR D 291 -2.72 30.77 13.75
CA THR D 291 -3.92 30.57 12.93
C THR D 291 -4.23 29.07 12.84
N GLY D 292 -3.19 28.26 12.65
CA GLY D 292 -3.29 26.80 12.77
C GLY D 292 -3.98 26.36 14.05
N ARG D 293 -3.61 26.97 15.17
CA ARG D 293 -4.15 26.62 16.48
C ARG D 293 -5.67 26.77 16.56
N LYS D 294 -6.17 27.92 16.15
CA LYS D 294 -7.61 28.20 16.12
C LYS D 294 -8.35 27.32 15.11
N LEU D 295 -7.73 27.06 13.95
CA LEU D 295 -8.36 26.23 12.94
C LEU D 295 -8.59 24.82 13.48
N ALA D 296 -7.54 24.25 14.05
CA ALA D 296 -7.58 22.89 14.59
C ALA D 296 -8.62 22.78 15.70
N LYS D 297 -8.69 23.80 16.56
CA LYS D 297 -9.75 23.87 17.58
C LYS D 297 -11.16 23.91 16.99
N LEU D 298 -11.33 24.62 15.87
CA LEU D 298 -12.64 24.66 15.24
C LEU D 298 -13.02 23.32 14.63
N VAL D 299 -12.05 22.59 14.08
CA VAL D 299 -12.34 21.28 13.47
C VAL D 299 -12.73 20.25 14.55
N VAL D 300 -12.01 20.28 15.67
CA VAL D 300 -12.28 19.37 16.79
C VAL D 300 -13.69 19.62 17.36
N GLU D 301 -14.08 20.89 17.51
CA GLU D 301 -15.42 21.28 17.93
C GLU D 301 -16.53 20.76 17.01
N LYS D 302 -16.32 20.88 15.70
CA LYS D 302 -17.34 20.48 14.74
C LYS D 302 -17.35 19.00 14.41
N ALA D 303 -16.16 18.42 14.21
CA ALA D 303 -16.02 17.03 13.74
C ALA D 303 -15.70 16.05 14.87
N GLY D 304 -14.91 16.48 15.86
CA GLY D 304 -14.65 15.66 17.04
C GLY D 304 -13.19 15.34 17.26
N ARG D 305 -12.38 15.46 16.20
CA ARG D 305 -10.92 15.22 16.25
C ARG D 305 -10.29 16.11 15.21
N GLU D 306 -8.96 16.17 15.21
CA GLU D 306 -8.24 16.82 14.11
C GLU D 306 -8.44 16.07 12.78
N PRO D 307 -8.23 16.77 11.65
CA PRO D 307 -8.55 16.12 10.40
C PRO D 307 -7.55 15.03 10.00
N ASP D 308 -8.06 13.99 9.34
CA ASP D 308 -7.25 12.86 8.88
C ASP D 308 -6.63 13.15 7.52
N ILE D 309 -7.31 14.02 6.77
CA ILE D 309 -6.90 14.41 5.43
C ILE D 309 -7.26 15.87 5.26
N VAL D 310 -6.33 16.65 4.72
CA VAL D 310 -6.62 18.02 4.41
C VAL D 310 -6.56 18.10 2.90
N PHE D 311 -7.65 18.57 2.30
CA PHE D 311 -7.77 18.69 0.85
C PHE D 311 -7.55 20.15 0.50
N GLU D 312 -6.42 20.40 -0.18
CA GLU D 312 -5.92 21.74 -0.41
C GLU D 312 -5.69 21.97 -1.89
N HIS D 313 -6.07 23.15 -2.36
CA HIS D 313 -5.87 23.55 -3.75
C HIS D 313 -5.78 25.05 -3.81
N VAL D 317 -1.23 30.15 -0.02
CA VAL D 317 -1.39 30.72 1.31
C VAL D 317 -1.80 29.70 2.37
N THR D 318 -2.59 28.70 1.98
CA THR D 318 -3.22 27.73 2.90
C THR D 318 -2.46 26.41 3.09
N PHE D 319 -1.46 26.18 2.24
CA PHE D 319 -0.63 24.99 2.27
C PHE D 319 0.08 24.76 3.63
N GLY D 320 0.68 25.82 4.18
CA GLY D 320 1.37 25.74 5.45
C GLY D 320 0.44 25.42 6.61
N LEU D 321 -0.74 26.05 6.60
CA LEU D 321 -1.81 25.79 7.56
C LEU D 321 -2.31 24.36 7.52
N SER D 322 -2.43 23.81 6.31
CA SER D 322 -2.93 22.45 6.09
C SER D 322 -1.98 21.44 6.73
N VAL D 323 -0.67 21.72 6.61
CA VAL D 323 0.35 20.86 7.19
C VAL D 323 0.26 20.89 8.72
N ILE D 324 -0.01 22.05 9.28
CA ILE D 324 -0.08 22.20 10.74
C ILE D 324 -1.29 21.49 11.34
N VAL D 325 -2.47 21.69 10.75
CA VAL D 325 -3.72 21.13 11.31
C VAL D 325 -3.91 19.63 11.14
N ALA D 326 -3.24 19.02 10.15
CA ALA D 326 -3.36 17.56 9.95
C ALA D 326 -2.92 16.83 11.22
N ARG D 327 -3.55 15.70 11.51
CA ARG D 327 -3.15 14.93 12.68
C ARG D 327 -1.77 14.30 12.48
N ARG D 328 -1.17 13.86 13.57
CA ARG D 328 -0.01 12.98 13.52
C ARG D 328 -0.37 11.82 12.59
N GLY D 329 0.48 11.60 11.58
CA GLY D 329 0.25 10.51 10.63
C GLY D 329 -0.77 10.83 9.55
N GLY D 330 -1.31 12.04 9.59
CA GLY D 330 -2.26 12.51 8.59
C GLY D 330 -1.62 12.88 7.25
N THR D 331 -2.50 13.19 6.30
CA THR D 331 -2.16 13.45 4.90
C THR D 331 -2.70 14.80 4.46
N VAL D 332 -1.86 15.57 3.77
CA VAL D 332 -2.30 16.76 3.07
C VAL D 332 -2.33 16.37 1.58
N VAL D 333 -3.45 16.54 0.90
CA VAL D 333 -3.44 16.31 -0.54
C VAL D 333 -3.64 17.65 -1.23
N THR D 334 -2.81 17.94 -2.22
CA THR D 334 -2.69 19.30 -2.75
C THR D 334 -2.67 19.32 -4.28
N CYS D 335 -3.41 20.26 -4.84
CA CYS D 335 -3.50 20.48 -6.28
C CYS D 335 -3.40 21.98 -6.51
N MET D 352 4.76 19.38 10.78
CA MET D 352 5.63 18.87 11.84
C MET D 352 6.31 17.54 11.45
N LYS D 353 6.19 16.56 12.35
CA LYS D 353 7.17 15.48 12.44
C LYS D 353 6.83 14.12 11.77
N LEU D 354 5.54 13.71 11.73
CA LEU D 354 5.09 12.54 10.94
C LEU D 354 3.82 12.84 10.13
N LYS D 355 4.00 13.32 8.91
CA LYS D 355 2.88 13.69 8.05
C LYS D 355 3.25 13.36 6.63
N LYS D 356 2.26 13.11 5.79
CA LYS D 356 2.49 12.87 4.36
C LYS D 356 1.85 13.99 3.55
N ILE D 357 2.53 14.44 2.49
CA ILE D 357 1.99 15.43 1.56
C ILE D 357 1.93 14.77 0.19
N VAL D 358 0.76 14.79 -0.44
CA VAL D 358 0.59 14.18 -1.75
C VAL D 358 0.28 15.28 -2.77
N GLY D 359 1.19 15.48 -3.72
CA GLY D 359 0.94 16.35 -4.86
C GLY D 359 0.22 15.55 -5.95
N SER D 360 -0.89 16.08 -6.46
CA SER D 360 -1.67 15.35 -7.43
C SER D 360 -2.38 16.32 -8.35
N HIS D 361 -2.61 15.89 -9.59
CA HIS D 361 -3.60 16.52 -10.48
C HIS D 361 -4.07 15.47 -11.49
N GLY D 362 -5.18 15.76 -12.16
CA GLY D 362 -5.74 14.85 -13.15
C GLY D 362 -6.29 13.57 -12.57
N ALA D 363 -6.41 12.56 -13.43
CA ALA D 363 -6.76 11.19 -13.07
C ALA D 363 -6.39 10.33 -14.28
N ASN D 364 -5.91 9.12 -14.03
CA ASN D 364 -5.65 8.22 -15.16
C ASN D 364 -6.97 7.63 -15.71
N HIS D 365 -6.92 6.96 -16.85
CA HIS D 365 -8.11 6.40 -17.52
C HIS D 365 -8.90 5.42 -16.61
N GLU D 366 -8.20 4.68 -15.74
CA GLU D 366 -8.89 3.81 -14.78
C GLU D 366 -9.69 4.55 -13.69
N GLU D 367 -9.09 5.61 -13.14
CA GLU D 367 -9.75 6.46 -12.13
C GLU D 367 -10.96 7.19 -12.70
N GLN D 368 -10.85 7.60 -13.97
CA GLN D 368 -11.92 8.26 -14.71
C GLN D 368 -13.12 7.34 -14.93
N GLN D 369 -12.88 6.07 -15.27
CA GLN D 369 -13.96 5.09 -15.38
C GLN D 369 -14.63 4.81 -14.02
N ALA D 370 -13.84 4.71 -12.95
CA ALA D 370 -14.40 4.51 -11.62
C ALA D 370 -15.25 5.76 -11.24
N THR D 371 -14.76 6.93 -11.62
CA THR D 371 -15.50 8.18 -11.44
C THR D 371 -16.79 8.08 -12.25
N ASN D 372 -16.65 7.74 -13.53
CA ASN D 372 -17.83 7.65 -14.40
C ASN D 372 -18.89 6.70 -13.82
N ARG D 373 -18.44 5.61 -13.21
CA ARG D 373 -19.36 4.63 -12.61
C ARG D 373 -20.19 5.15 -11.41
N LEU D 374 -19.60 5.99 -10.57
CA LEU D 374 -20.34 6.68 -9.51
C LEU D 374 -21.34 7.72 -10.06
N PHE D 375 -21.05 8.30 -11.23
CA PHE D 375 -22.05 9.16 -11.85
C PHE D 375 -23.19 8.33 -12.46
N GLU D 376 -22.85 7.19 -13.07
CA GLU D 376 -23.85 6.30 -13.71
C GLU D 376 -24.92 5.75 -12.76
N SER D 377 -24.60 5.60 -11.47
CA SER D 377 -25.52 5.08 -10.45
C SER D 377 -26.34 6.19 -9.73
N GLY D 378 -25.95 7.44 -9.95
CA GLY D 378 -26.57 8.55 -9.24
C GLY D 378 -25.92 8.83 -7.87
N ALA D 379 -24.84 8.13 -7.54
CA ALA D 379 -24.20 8.26 -6.21
C ALA D 379 -23.59 9.64 -6.04
N VAL D 380 -22.99 10.14 -7.11
CA VAL D 380 -22.46 11.50 -7.19
C VAL D 380 -23.24 12.23 -8.29
N VAL D 381 -23.46 13.53 -8.14
CA VAL D 381 -24.22 14.33 -9.12
C VAL D 381 -23.35 15.45 -9.71
N PRO D 382 -23.64 15.88 -10.96
CA PRO D 382 -22.86 16.98 -11.56
C PRO D 382 -22.98 18.25 -10.76
N ALA D 383 -21.92 19.07 -10.73
CA ALA D 383 -21.92 20.32 -9.99
C ALA D 383 -22.16 21.56 -10.84
N MET D 384 -23.13 21.48 -11.76
CA MET D 384 -23.39 22.55 -12.73
C MET D 384 -24.20 23.69 -12.09
N SER D 385 -23.69 24.92 -12.18
CA SER D 385 -24.35 26.11 -11.62
C SER D 385 -24.86 27.10 -12.66
N ALA D 386 -24.34 27.04 -13.88
CA ALA D 386 -24.70 27.97 -14.95
C ALA D 386 -24.32 27.39 -16.31
N VAL D 387 -25.00 27.86 -17.35
CA VAL D 387 -24.75 27.44 -18.73
C VAL D 387 -24.65 28.68 -19.61
N TYR D 388 -23.66 28.70 -20.50
CA TYR D 388 -23.48 29.76 -21.50
C TYR D 388 -23.45 29.16 -22.93
N PRO D 389 -23.94 29.88 -23.95
CA PRO D 389 -23.63 29.40 -25.32
C PRO D 389 -22.16 29.62 -25.70
N LEU D 390 -21.66 28.85 -26.66
CA LEU D 390 -20.28 29.03 -27.11
C LEU D 390 -20.00 30.51 -27.48
N ALA D 391 -21.00 31.19 -28.07
CA ALA D 391 -20.90 32.64 -28.38
C ALA D 391 -20.49 33.48 -27.17
N GLU D 392 -20.87 33.03 -25.98
CA GLU D 392 -20.62 33.80 -24.75
C GLU D 392 -19.56 33.16 -23.86
N ALA D 393 -18.73 32.28 -24.43
CA ALA D 393 -17.76 31.51 -23.63
C ALA D 393 -16.68 32.37 -22.97
N ALA D 394 -16.25 33.44 -23.65
CA ALA D 394 -15.33 34.40 -23.06
C ALA D 394 -15.96 35.00 -21.80
N GLU D 395 -17.26 35.28 -21.84
CA GLU D 395 -17.94 35.78 -20.65
C GLU D 395 -17.94 34.75 -19.49
N ALA D 396 -18.19 33.50 -19.81
CA ALA D 396 -18.08 32.41 -18.83
C ALA D 396 -16.66 32.31 -18.25
N CYS D 397 -15.65 32.47 -19.10
CA CYS D 397 -14.27 32.44 -18.64
C CYS D 397 -13.95 33.59 -17.68
N ARG D 398 -14.47 34.79 -17.98
CA ARG D 398 -14.35 35.94 -17.06
C ARG D 398 -15.02 35.71 -15.69
N VAL D 399 -16.20 35.08 -15.70
CA VAL D 399 -16.89 34.71 -14.47
C VAL D 399 -15.98 33.85 -13.58
N VAL D 400 -15.35 32.84 -14.17
CA VAL D 400 -14.43 31.99 -13.43
C VAL D 400 -13.15 32.73 -13.05
N GLN D 401 -12.61 33.53 -13.97
CA GLN D 401 -11.45 34.37 -13.68
C GLN D 401 -11.67 35.24 -12.45
N THR D 402 -12.88 35.78 -12.32
CA THR D 402 -13.18 36.71 -11.24
C THR D 402 -13.87 36.05 -10.04
N SER D 403 -13.91 34.71 -10.02
CA SER D 403 -14.40 33.94 -8.87
C SER D 403 -15.85 34.25 -8.51
N ARG D 404 -16.68 34.47 -9.52
CA ARG D 404 -18.08 34.79 -9.31
C ARG D 404 -18.91 33.53 -9.26
N GLN D 405 -18.27 32.39 -9.57
CA GLN D 405 -18.94 31.10 -9.66
C GLN D 405 -18.88 30.29 -8.37
N VAL D 406 -19.84 29.39 -8.27
CA VAL D 406 -19.85 28.30 -7.33
C VAL D 406 -19.97 27.07 -8.24
N GLY D 407 -19.26 26.00 -7.93
CA GLY D 407 -19.38 24.77 -8.74
C GLY D 407 -18.81 24.94 -10.15
N LYS D 408 -19.52 24.45 -11.16
CA LYS D 408 -19.03 24.49 -12.55
C LYS D 408 -19.94 25.29 -13.47
N VAL D 409 -19.30 25.94 -14.45
CA VAL D 409 -19.97 26.67 -15.51
C VAL D 409 -19.85 25.82 -16.77
N ALA D 410 -20.98 25.46 -17.37
CA ALA D 410 -21.02 24.70 -18.60
C ALA D 410 -21.10 25.62 -19.79
N VAL D 411 -20.65 25.14 -20.94
CA VAL D 411 -20.74 25.87 -22.18
C VAL D 411 -21.41 24.95 -23.20
N LEU D 412 -22.46 25.40 -23.88
CA LEU D 412 -23.01 24.61 -24.99
C LEU D 412 -22.15 24.89 -26.21
N CYS D 413 -21.80 23.84 -26.93
CA CYS D 413 -20.98 23.98 -28.12
C CYS D 413 -21.84 23.72 -29.36
N MET D 414 -22.05 22.47 -29.74
CA MET D 414 -22.97 22.17 -30.87
C MET D 414 -24.44 22.04 -30.46
N ALA D 415 -24.69 21.59 -29.22
CA ALA D 415 -26.05 21.57 -28.69
C ALA D 415 -26.68 22.96 -28.78
N PRO D 416 -27.79 23.09 -29.54
CA PRO D 416 -28.40 24.41 -29.76
C PRO D 416 -29.14 24.93 -28.53
N GLU D 417 -29.44 24.04 -27.58
CA GLU D 417 -30.20 24.40 -26.37
C GLU D 417 -29.89 23.46 -25.22
N GLN D 418 -30.33 23.85 -24.02
CA GLN D 418 -30.23 23.01 -22.84
C GLN D 418 -31.31 21.94 -22.82
N GLY D 419 -31.10 20.90 -22.01
CA GLY D 419 -32.10 19.85 -21.79
C GLY D 419 -31.98 18.65 -22.70
N LEU D 420 -30.99 18.64 -23.58
CA LEU D 420 -30.84 17.60 -24.60
C LEU D 420 -29.87 16.52 -24.16
N GLY D 421 -29.91 15.38 -24.84
CA GLY D 421 -28.90 14.35 -24.65
C GLY D 421 -29.20 13.24 -23.65
N VAL D 422 -30.32 13.32 -22.94
CA VAL D 422 -30.71 12.21 -22.05
C VAL D 422 -31.30 11.05 -22.88
N THR D 423 -30.82 9.85 -22.60
CA THR D 423 -31.23 8.66 -23.34
C THR D 423 -31.67 7.53 -22.40
N ASP D 424 -31.73 7.82 -21.10
CA ASP D 424 -32.39 6.97 -20.09
C ASP D 424 -33.26 7.87 -19.18
N PRO D 425 -34.39 8.37 -19.71
CA PRO D 425 -35.24 9.29 -18.94
C PRO D 425 -35.99 8.64 -17.76
N ASP D 426 -35.99 7.31 -17.65
CA ASP D 426 -36.61 6.64 -16.49
C ASP D 426 -35.74 6.77 -15.23
N LEU D 427 -34.43 6.61 -15.40
CA LEU D 427 -33.48 6.80 -14.30
C LEU D 427 -33.44 8.27 -13.90
N ARG D 428 -33.41 9.16 -14.89
CA ARG D 428 -33.50 10.59 -14.64
C ARG D 428 -34.70 10.98 -13.77
N ALA D 429 -35.85 10.33 -13.99
CA ALA D 429 -37.06 10.57 -13.20
C ALA D 429 -36.96 10.01 -11.77
N ARG D 430 -36.51 8.77 -11.64
CA ARG D 430 -36.20 8.17 -10.34
C ARG D 430 -35.29 9.07 -9.48
N LEU D 431 -34.21 9.58 -10.08
CA LEU D 431 -33.26 10.43 -9.37
C LEU D 431 -33.74 11.87 -9.19
N GLY D 432 -34.47 12.40 -10.16
CA GLY D 432 -35.05 13.75 -10.09
C GLY D 432 -34.13 14.86 -10.58
N GLU D 433 -34.66 15.75 -11.40
CA GLU D 433 -33.88 16.87 -11.97
C GLU D 433 -33.22 17.78 -10.94
N ASP D 434 -33.91 18.03 -9.84
CA ASP D 434 -33.38 18.89 -8.78
C ASP D 434 -32.24 18.21 -8.02
N ARG D 435 -32.40 16.92 -7.74
CA ARG D 435 -31.32 16.15 -7.12
C ARG D 435 -30.05 16.16 -7.98
N LEU D 436 -30.20 16.05 -9.30
CA LEU D 436 -29.06 16.11 -10.21
C LEU D 436 -28.50 17.53 -10.40
N ASN D 437 -29.24 18.55 -9.97
CA ASN D 437 -28.77 19.94 -10.11
C ASN D 437 -28.88 20.79 -8.81
N PRO D 438 -28.17 20.38 -7.75
CA PRO D 438 -28.24 21.07 -6.45
C PRO D 438 -27.71 22.52 -6.46
N LEU D 439 -26.91 22.85 -7.46
CA LEU D 439 -26.25 24.15 -7.48
C LEU D 439 -26.78 25.05 -8.58
N ARG D 440 -27.90 24.66 -9.19
CA ARG D 440 -28.54 25.44 -10.24
C ARG D 440 -28.85 26.87 -9.78
N GLY D 441 -28.47 27.84 -10.61
CA GLY D 441 -28.74 29.27 -10.37
C GLY D 441 -27.91 29.94 -9.28
N LEU D 442 -26.98 29.23 -8.68
CA LEU D 442 -26.19 29.82 -7.58
C LEU D 442 -24.96 30.55 -8.06
N THR D 443 -24.49 31.51 -7.26
CA THR D 443 -23.23 32.22 -7.51
C THR D 443 -22.49 32.51 -6.20
N ALA D 444 -21.32 33.14 -6.30
CA ALA D 444 -20.57 33.62 -5.13
C ALA D 444 -20.56 35.14 -4.96
#